data_9H1Z
#
_entry.id   9H1Z
#
_cell.length_a   1.00
_cell.length_b   1.00
_cell.length_c   1.00
_cell.angle_alpha   90.00
_cell.angle_beta   90.00
_cell.angle_gamma   90.00
#
_symmetry.space_group_name_H-M   'P 1'
#
loop_
_entity.id
_entity.type
_entity.pdbx_description
1 polymer "2'-5'-oligoadenylate synthase 2"
2 non-polymer 'ZINC ION'
#
_entity_poly.entity_id   1
_entity_poly.type   'polypeptide(L)'
_entity_poly.pdbx_seq_one_letter_code
;MGSHHHHHHSAALEVLFQGPMGNGESQLSSVPAQKLGWFIQEYLKPYEECQTLIDEMVNTICDVLQEPEQFPLVQGVAIG
GSYGRKTVLRGNSDGTLVLFFSDLKQFQDQKRSQRDILDKTGDKLKFCLFTKWLKNNFEIQKSLDGFTIQVFTKNQRISF
EVLAAFNALSLNDNPSPWIYRELKRSLDKTNASPGEFAVCFTELQQKFFDNRPGKLKDLILLIKHWHQQCQKKIKDLPSL
SPYALELLTVYAWEQGCRKDNFDIAEGVRTVLELIKCQEKLCIYWMVNYNFEDETIRNILLHQLQSARPVILDPVDPTNN
VSGDKICWQWLKKEAQTWLTSPNLDNELPAPSWNVLPAPLFTTPGHLLDKFIKEFLQPNKCFLEQIDSAVNIIRTFLKEN
CFRQSTAKIQIVRGGSTAKGTALKTGSDADLVVFHNSLKSYTSQKNERHKIVKEIHEQLKAFWREKEEELEVSFEPPKWK
APRVLSFSLKSKVLNESVSFDVLPAFNALGQLSSGSTPSPEVYAGLIDLYKSSDLPGGEFSTCFTVLQRNFIRSRPTKLK
DLIRLVKHWYKECERKLKPKGSLPPKYALELLTIYAWEQGSGVPDFDTAEGFRTVLELVTQYQQLCIFWKVNYNFEDETV
RKFLLSQLQKTRPVILDPAEPTGDVGGGDRWCWHLLAKEAKEWLSSPCFKDGTGNPIPPWKVPTMQTPGSCGARIHPIVN
EMFSSRSHRILNNNSKRNF
;
_entity_poly.pdbx_strand_id   A,B
#
loop_
_chem_comp.id
_chem_comp.type
_chem_comp.name
_chem_comp.formula
ZN non-polymer 'ZINC ION' 'Zn 2'
#
# COMPACT_ATOMS: atom_id res chain seq x y z
N GLN A 27 -28.53 35.73 -17.32
CA GLN A 27 -28.96 34.37 -17.03
C GLN A 27 -28.33 33.83 -15.75
N LEU A 28 -27.01 33.59 -15.82
CA LEU A 28 -26.29 32.80 -14.84
C LEU A 28 -26.67 33.14 -13.39
N SER A 29 -26.55 34.42 -13.03
CA SER A 29 -26.75 34.83 -11.64
C SER A 29 -28.17 34.64 -11.14
N SER A 30 -29.14 34.44 -12.03
CA SER A 30 -30.51 34.17 -11.60
C SER A 30 -30.74 32.72 -11.21
N VAL A 31 -29.86 31.81 -11.57
CA VAL A 31 -30.02 30.39 -11.24
C VAL A 31 -29.60 30.17 -9.79
N PRO A 32 -30.45 29.54 -8.97
CA PRO A 32 -30.07 29.25 -7.59
C PRO A 32 -28.91 28.26 -7.52
N ALA A 33 -28.33 28.16 -6.33
CA ALA A 33 -27.20 27.25 -6.13
C ALA A 33 -27.60 25.80 -6.36
N GLN A 34 -28.75 25.39 -5.84
CA GLN A 34 -29.35 24.14 -6.29
C GLN A 34 -29.77 24.23 -7.75
N LYS A 35 -29.71 23.09 -8.44
CA LYS A 35 -29.98 22.94 -9.88
C LYS A 35 -28.90 23.52 -10.78
N LEU A 36 -27.75 23.93 -10.23
CA LEU A 36 -26.62 24.28 -11.10
C LEU A 36 -26.18 23.10 -11.98
N GLY A 37 -26.27 21.87 -11.47
CA GLY A 37 -25.99 20.72 -12.31
C GLY A 37 -26.93 20.60 -13.49
N TRP A 38 -28.20 20.98 -13.28
CA TRP A 38 -29.14 21.06 -14.39
C TRP A 38 -28.75 22.18 -15.35
N PHE A 39 -28.42 23.36 -14.83
CA PHE A 39 -28.06 24.47 -15.71
C PHE A 39 -26.85 24.11 -16.57
N ILE A 40 -25.86 23.43 -15.98
CA ILE A 40 -24.70 22.95 -16.73
C ILE A 40 -25.09 21.96 -17.82
N GLN A 41 -25.94 20.98 -17.48
CA GLN A 41 -26.38 20.01 -18.48
C GLN A 41 -27.22 20.65 -19.58
N GLU A 42 -28.04 21.64 -19.25
CA GLU A 42 -28.99 22.25 -20.18
C GLU A 42 -28.32 23.20 -21.16
N TYR A 43 -27.32 23.96 -20.74
CA TYR A 43 -26.76 25.03 -21.56
C TYR A 43 -25.30 24.85 -21.90
N LEU A 44 -24.47 24.37 -20.97
CA LEU A 44 -23.03 24.44 -21.15
C LEU A 44 -22.45 23.22 -21.84
N LYS A 45 -22.89 22.01 -21.47
CA LYS A 45 -22.22 20.81 -21.95
C LYS A 45 -22.49 20.59 -23.44
N PRO A 46 -21.49 20.21 -24.21
CA PRO A 46 -21.69 19.91 -25.63
C PRO A 46 -22.68 18.78 -25.88
N TYR A 47 -23.31 18.81 -27.05
CA TYR A 47 -24.09 17.68 -27.51
C TYR A 47 -23.18 16.49 -27.80
N GLU A 48 -23.60 15.31 -27.34
CA GLU A 48 -22.87 14.08 -27.63
C GLU A 48 -22.81 13.78 -29.12
N GLU A 49 -23.83 14.19 -29.88
CA GLU A 49 -23.84 14.05 -31.33
C GLU A 49 -22.69 14.81 -31.99
N CYS A 50 -22.60 16.12 -31.71
CA CYS A 50 -21.52 16.92 -32.27
C CYS A 50 -20.17 16.40 -31.82
N GLN A 51 -20.05 15.98 -30.55
CA GLN A 51 -18.80 15.39 -30.09
C GLN A 51 -18.43 14.18 -30.95
N THR A 52 -19.36 13.25 -31.14
CA THR A 52 -19.04 12.04 -31.88
C THR A 52 -18.83 12.28 -33.38
N LEU A 53 -19.20 13.45 -33.92
CA LEU A 53 -18.69 13.78 -35.25
C LEU A 53 -17.30 14.42 -35.19
N ILE A 54 -17.16 15.51 -34.44
CA ILE A 54 -15.91 16.27 -34.45
C ILE A 54 -14.72 15.42 -34.02
N ASP A 55 -14.85 14.60 -32.98
CA ASP A 55 -13.67 13.85 -32.57
C ASP A 55 -13.22 12.85 -33.63
N GLU A 56 -14.15 12.35 -34.44
CA GLU A 56 -13.78 11.53 -35.59
C GLU A 56 -13.11 12.38 -36.66
N MET A 57 -13.58 13.61 -36.83
CA MET A 57 -12.94 14.55 -37.75
C MET A 57 -11.48 14.80 -37.36
N VAL A 58 -11.26 15.10 -36.07
CA VAL A 58 -9.93 15.40 -35.57
C VAL A 58 -9.03 14.18 -35.63
N ASN A 59 -9.55 12.99 -35.29
CA ASN A 59 -8.76 11.78 -35.47
C ASN A 59 -8.36 11.56 -36.92
N THR A 60 -9.28 11.77 -37.86
CA THR A 60 -8.92 11.62 -39.27
C THR A 60 -7.85 12.62 -39.70
N ILE A 61 -7.99 13.88 -39.27
CA ILE A 61 -6.96 14.89 -39.53
C ILE A 61 -5.61 14.46 -38.97
N CYS A 62 -5.58 13.97 -37.73
CA CYS A 62 -4.33 13.54 -37.11
C CYS A 62 -3.72 12.35 -37.84
N ASP A 63 -4.56 11.44 -38.35
CA ASP A 63 -4.06 10.33 -39.15
C ASP A 63 -3.46 10.82 -40.46
N VAL A 64 -4.21 11.64 -41.21
CA VAL A 64 -3.72 12.13 -42.50
C VAL A 64 -2.43 12.91 -42.35
N LEU A 65 -2.25 13.63 -41.25
CA LEU A 65 -0.99 14.41 -41.18
C LEU A 65 0.18 13.48 -40.87
N GLN A 66 -0.10 12.23 -40.49
CA GLN A 66 0.97 11.28 -40.08
C GLN A 66 1.19 10.14 -41.09
N GLU A 67 0.75 10.28 -42.35
CA GLU A 67 0.76 9.12 -43.29
C GLU A 67 2.14 8.53 -43.59
N PRO A 68 3.26 9.27 -43.80
CA PRO A 68 4.55 8.65 -44.03
C PRO A 68 5.57 9.01 -42.94
N GLN A 70 3.43 11.50 -47.78
CA GLN A 70 2.54 12.66 -47.75
C GLN A 70 3.28 13.74 -46.96
N PHE A 71 3.45 13.54 -45.64
CA PHE A 71 4.10 14.49 -44.76
C PHE A 71 5.32 13.82 -44.12
N PRO A 72 6.45 13.80 -44.82
CA PRO A 72 7.61 13.03 -44.33
C PRO A 72 8.24 13.63 -43.09
N LEU A 73 8.03 14.92 -42.83
CA LEU A 73 8.77 15.62 -41.79
C LEU A 73 8.18 15.42 -40.39
N VAL A 74 6.91 15.09 -40.26
CA VAL A 74 6.31 14.98 -38.93
C VAL A 74 6.76 13.69 -38.26
N GLN A 75 7.13 13.80 -36.98
CA GLN A 75 7.22 12.65 -36.08
C GLN A 75 5.86 12.25 -35.52
N GLY A 76 4.96 13.22 -35.33
CA GLY A 76 3.67 12.94 -34.76
C GLY A 76 2.95 14.24 -34.46
N VAL A 77 1.79 14.12 -33.80
CA VAL A 77 1.01 15.28 -33.40
C VAL A 77 0.51 15.08 -31.97
N ALA A 78 0.22 16.20 -31.32
CA ALA A 78 -0.41 16.24 -30.01
C ALA A 78 -1.38 17.41 -29.97
N ILE A 79 -2.46 17.26 -29.21
CA ILE A 79 -3.57 18.22 -29.22
C ILE A 79 -3.56 19.00 -27.92
N GLY A 80 -3.58 20.32 -28.03
CA GLY A 80 -3.55 21.20 -26.87
C GLY A 80 -4.81 22.02 -26.75
N GLY A 81 -4.79 23.03 -25.89
CA GLY A 81 -5.95 23.87 -25.64
C GLY A 81 -7.15 23.16 -25.02
N SER A 82 -8.27 23.90 -25.03
CA SER A 82 -9.50 23.43 -24.41
C SER A 82 -9.98 22.10 -25.00
N TYR A 83 -9.75 21.88 -26.29
CA TYR A 83 -10.04 20.56 -26.86
C TYR A 83 -9.11 19.50 -26.32
N GLY A 84 -7.81 19.80 -26.26
CA GLY A 84 -6.86 18.83 -25.76
C GLY A 84 -7.08 18.44 -24.32
N ARG A 85 -7.58 19.36 -23.50
CA ARG A 85 -7.92 19.08 -22.12
C ARG A 85 -9.32 18.49 -21.92
N LYS A 86 -10.12 18.35 -22.98
CA LYS A 86 -11.51 17.90 -22.89
C LYS A 86 -12.34 18.77 -21.94
N THR A 87 -12.35 20.07 -22.22
CA THR A 87 -13.07 21.07 -21.43
C THR A 87 -13.81 22.04 -22.35
N VAL A 88 -14.28 21.55 -23.50
CA VAL A 88 -14.99 22.37 -24.48
C VAL A 88 -16.41 22.69 -24.03
N LEU A 89 -16.79 23.97 -24.19
CA LEU A 89 -18.13 24.51 -24.02
C LEU A 89 -18.97 24.41 -25.30
N ARG A 90 -20.29 24.55 -25.13
CA ARG A 90 -21.23 24.36 -26.23
C ARG A 90 -20.96 25.31 -27.40
N GLY A 91 -20.40 26.49 -27.15
CA GLY A 91 -20.17 27.47 -28.19
C GLY A 91 -18.98 27.23 -29.09
N ASN A 92 -18.56 28.31 -29.76
CA ASN A 92 -17.26 28.42 -30.39
C ASN A 92 -16.16 28.22 -29.35
N SER A 93 -15.11 27.47 -29.71
CA SER A 93 -14.22 27.00 -28.65
C SER A 93 -12.77 26.88 -29.12
N ASP A 94 -11.89 27.06 -28.13
CA ASP A 94 -10.45 27.10 -28.32
C ASP A 94 -9.88 25.70 -28.56
N GLY A 95 -8.86 25.61 -29.42
CA GLY A 95 -8.05 24.42 -29.49
C GLY A 95 -6.73 24.72 -30.18
N THR A 96 -5.77 23.81 -30.00
CA THR A 96 -4.55 23.77 -30.78
C THR A 96 -4.16 22.34 -31.09
N LEU A 97 -3.35 22.17 -32.14
CA LEU A 97 -2.59 20.93 -32.34
C LEU A 97 -1.16 21.27 -32.74
N VAL A 98 -0.22 20.51 -32.19
CA VAL A 98 1.21 20.75 -32.33
C VAL A 98 1.80 19.71 -33.27
N LEU A 99 2.56 20.16 -34.26
CA LEU A 99 3.27 19.27 -35.17
C LEU A 99 4.74 19.17 -34.76
N PHE A 100 5.20 17.94 -34.55
CA PHE A 100 6.58 17.65 -34.16
C PHE A 100 7.42 17.36 -35.40
N PHE A 101 7.88 18.42 -36.05
CA PHE A 101 8.73 18.26 -37.23
C PHE A 101 10.11 17.72 -36.84
N SER A 102 10.57 16.73 -37.61
CA SER A 102 11.80 15.99 -37.32
C SER A 102 13.06 16.82 -37.45
N ASP A 103 13.01 17.96 -38.13
CA ASP A 103 14.14 18.88 -38.10
C ASP A 103 14.18 19.75 -36.85
N LEU A 104 13.17 19.66 -36.00
CA LEU A 104 13.21 20.27 -34.67
C LEU A 104 13.73 19.25 -33.66
N LYS A 105 14.91 19.50 -33.11
CA LYS A 105 15.63 18.51 -32.31
C LYS A 105 16.15 19.06 -30.99
N GLN A 106 16.10 20.37 -30.77
CA GLN A 106 16.61 21.02 -29.56
C GLN A 106 15.66 22.15 -29.20
N PHE A 107 15.68 22.52 -27.91
CA PHE A 107 14.80 23.59 -27.44
C PHE A 107 15.02 24.90 -28.19
N GLN A 108 16.28 25.22 -28.51
CA GLN A 108 16.56 26.41 -29.31
C GLN A 108 15.92 26.41 -30.69
N ASP A 109 15.51 25.25 -31.20
CA ASP A 109 14.75 25.20 -32.44
C ASP A 109 13.38 25.88 -32.34
N GLN A 110 12.87 26.12 -31.13
CA GLN A 110 11.70 26.96 -30.97
C GLN A 110 11.93 28.37 -31.48
N LYS A 111 13.16 28.87 -31.38
CA LYS A 111 13.47 30.21 -31.84
C LYS A 111 13.72 30.30 -33.35
N ARG A 112 13.85 29.16 -34.03
CA ARG A 112 13.99 29.13 -35.49
C ARG A 112 12.63 29.39 -36.14
N SER A 113 12.22 30.66 -36.12
CA SER A 113 10.87 31.07 -36.49
C SER A 113 10.55 30.84 -37.95
N GLN A 114 11.57 30.72 -38.81
CA GLN A 114 11.39 30.48 -40.24
C GLN A 114 10.64 29.19 -40.56
N ARG A 115 10.39 28.33 -39.57
CA ARG A 115 9.50 27.20 -39.74
C ARG A 115 8.06 27.59 -40.05
N ASP A 116 7.72 28.88 -40.00
CA ASP A 116 6.46 29.34 -40.59
C ASP A 116 6.39 29.06 -42.10
N ILE A 117 7.54 29.03 -42.79
CA ILE A 117 7.56 28.58 -44.17
C ILE A 117 7.10 27.13 -44.26
N LEU A 118 7.64 26.28 -43.39
CA LEU A 118 7.23 24.87 -43.34
C LEU A 118 5.74 24.75 -43.04
N ASP A 119 5.25 25.53 -42.07
CA ASP A 119 3.81 25.55 -41.79
C ASP A 119 2.98 25.98 -43.00
N LYS A 120 3.44 26.98 -43.76
CA LYS A 120 2.73 27.36 -44.99
C LYS A 120 2.75 26.27 -46.06
N THR A 121 3.84 25.51 -46.16
CA THR A 121 3.81 24.35 -47.05
C THR A 121 2.87 23.26 -46.54
N GLY A 122 2.84 23.04 -45.23
CA GLY A 122 1.91 22.09 -44.66
C GLY A 122 0.47 22.47 -44.93
N ASP A 123 0.15 23.76 -44.79
CA ASP A 123 -1.13 24.30 -45.21
C ASP A 123 -1.42 23.98 -46.68
N LYS A 124 -0.53 24.41 -47.58
CA LYS A 124 -0.76 24.22 -49.01
C LYS A 124 -1.00 22.75 -49.37
N LEU A 125 -0.23 21.84 -48.76
CA LEU A 125 -0.51 20.41 -48.94
C LEU A 125 -1.85 20.01 -48.33
N LYS A 126 -2.03 20.24 -47.03
CA LYS A 126 -3.18 19.75 -46.28
C LYS A 126 -4.51 20.20 -46.90
N PHE A 127 -4.60 21.45 -47.33
CA PHE A 127 -5.84 21.97 -47.90
C PHE A 127 -6.26 21.17 -49.13
N CYS A 128 -5.29 20.58 -49.83
CA CYS A 128 -5.60 19.78 -51.02
C CYS A 128 -5.97 18.33 -50.73
N LEU A 129 -5.91 17.87 -49.48
CA LEU A 129 -6.34 16.50 -49.20
C LEU A 129 -7.86 16.39 -49.12
N PHE A 130 -8.49 17.16 -48.22
CA PHE A 130 -9.94 17.20 -48.05
C PHE A 130 -10.61 15.83 -48.13
N THR A 131 -10.00 14.84 -47.47
CA THR A 131 -10.36 13.45 -47.68
C THR A 131 -11.78 13.13 -47.20
N LYS A 132 -12.42 12.21 -47.91
CA LYS A 132 -13.75 11.67 -47.64
C LYS A 132 -14.78 12.80 -47.49
N TRP A 133 -15.81 12.57 -46.67
CA TRP A 133 -16.91 13.51 -46.51
C TRP A 133 -16.47 14.82 -45.91
N LEU A 134 -15.28 14.85 -45.30
CA LEU A 134 -14.83 15.94 -44.45
C LEU A 134 -14.62 17.24 -45.21
N LYS A 135 -14.54 17.17 -46.55
CA LYS A 135 -14.46 18.36 -47.38
C LYS A 135 -15.58 19.36 -47.12
N ASN A 136 -16.73 18.89 -46.62
CA ASN A 136 -17.84 19.77 -46.30
C ASN A 136 -17.66 20.53 -44.99
N ASN A 137 -16.69 20.16 -44.16
CA ASN A 137 -16.62 20.66 -42.79
C ASN A 137 -15.26 21.22 -42.39
N PHE A 138 -14.18 20.91 -43.10
CA PHE A 138 -12.96 21.70 -42.97
C PHE A 138 -13.16 23.11 -43.48
N GLU A 139 -12.37 24.04 -42.95
CA GLU A 139 -12.15 25.34 -43.60
C GLU A 139 -10.75 25.78 -43.16
N ILE A 140 -9.77 25.45 -43.99
CA ILE A 140 -8.39 25.87 -43.72
C ILE A 140 -8.27 27.36 -44.04
N GLN A 141 -7.55 28.09 -43.20
CA GLN A 141 -7.51 29.55 -43.28
C GLN A 141 -6.08 30.03 -43.11
N LYS A 142 -5.67 30.97 -43.96
CA LYS A 142 -4.35 31.58 -43.86
C LYS A 142 -4.23 32.42 -42.58
N SER A 143 -3.02 32.41 -42.03
CA SER A 143 -2.71 33.19 -40.83
C SER A 143 -1.21 33.43 -40.76
N LEU A 144 -0.84 34.45 -40.01
CA LEU A 144 0.55 34.74 -39.66
C LEU A 144 1.13 33.71 -38.69
N ASP A 145 2.45 33.51 -38.82
CA ASP A 145 3.22 32.52 -38.05
C ASP A 145 2.65 31.11 -38.18
N GLY A 146 2.18 30.78 -39.37
CA GLY A 146 1.60 29.49 -39.67
C GLY A 146 0.09 29.53 -39.75
N PHE A 147 -0.47 28.50 -40.38
CA PHE A 147 -1.89 28.47 -40.69
C PHE A 147 -2.72 28.07 -39.47
N THR A 148 -4.03 28.07 -39.66
CA THR A 148 -4.99 27.54 -38.69
C THR A 148 -6.02 26.73 -39.44
N ILE A 149 -6.50 25.65 -38.82
CA ILE A 149 -7.59 24.86 -39.36
C ILE A 149 -8.78 24.96 -38.41
N GLN A 150 -9.92 25.42 -38.94
CA GLN A 150 -11.19 25.33 -38.26
C GLN A 150 -11.91 24.03 -38.62
N VAL A 151 -12.69 23.53 -37.67
CA VAL A 151 -13.55 22.37 -37.88
C VAL A 151 -14.89 22.70 -37.23
N PHE A 152 -15.98 22.44 -37.95
CA PHE A 152 -17.27 22.95 -37.53
C PHE A 152 -18.38 21.95 -37.83
N THR A 153 -19.53 22.19 -37.20
CA THR A 153 -20.71 21.35 -37.32
C THR A 153 -21.89 22.25 -36.96
N LYS A 154 -23.11 21.75 -37.15
CA LYS A 154 -24.33 22.53 -36.91
C LYS A 154 -24.25 23.42 -35.67
N ASN A 155 -23.75 22.88 -34.55
CA ASN A 155 -23.62 23.64 -33.31
C ASN A 155 -22.16 23.86 -32.94
N GLN A 156 -21.42 22.78 -32.65
CA GLN A 156 -20.05 22.88 -32.15
C GLN A 156 -19.10 23.37 -33.24
N ARG A 157 -18.19 24.26 -32.85
CA ARG A 157 -17.13 24.72 -33.74
C ARG A 157 -15.82 24.80 -32.97
N ILE A 158 -14.73 24.33 -33.60
CA ILE A 158 -13.41 24.32 -33.00
C ILE A 158 -12.47 25.10 -33.91
N SER A 159 -11.60 25.92 -33.30
CA SER A 159 -10.66 26.76 -34.03
C SER A 159 -9.22 26.38 -33.68
N PHE A 160 -8.69 25.35 -34.34
CA PHE A 160 -7.36 24.86 -34.01
C PHE A 160 -6.29 25.83 -34.48
N GLU A 161 -5.61 26.48 -33.54
CA GLU A 161 -4.30 27.05 -33.78
C GLU A 161 -3.31 25.94 -34.10
N VAL A 162 -2.56 26.07 -35.20
CA VAL A 162 -1.55 25.09 -35.57
C VAL A 162 -0.16 25.63 -35.25
N LEU A 163 0.61 24.84 -34.51
CA LEU A 163 1.93 25.21 -34.01
C LEU A 163 2.92 24.10 -34.36
N ALA A 164 4.21 24.44 -34.34
CA ALA A 164 5.26 23.47 -34.56
C ALA A 164 6.28 23.56 -33.45
N ALA A 165 6.69 22.41 -32.89
CA ALA A 165 7.56 22.44 -31.73
C ALA A 165 8.44 21.19 -31.70
N PHE A 166 9.59 21.34 -31.02
CA PHE A 166 10.42 20.21 -30.61
C PHE A 166 9.67 19.35 -29.60
N ASN A 167 9.58 18.06 -29.88
CA ASN A 167 9.01 17.12 -28.91
C ASN A 167 10.04 16.85 -27.82
N ALA A 168 10.06 17.71 -26.82
CA ALA A 168 11.00 17.59 -25.71
C ALA A 168 10.84 16.27 -24.95
N LEU A 169 9.63 15.75 -24.88
CA LEU A 169 9.39 14.49 -24.19
C LEU A 169 10.15 13.32 -24.81
N SER A 170 10.41 13.35 -26.12
CA SER A 170 11.15 12.27 -26.77
C SER A 170 12.60 12.13 -26.29
N LEU A 171 13.12 13.04 -25.48
CA LEU A 171 14.40 12.79 -24.83
C LEU A 171 14.34 11.64 -23.84
N ASN A 172 13.14 11.23 -23.41
CA ASN A 172 12.97 10.01 -22.62
C ASN A 172 11.56 9.49 -22.89
N ASP A 173 11.01 8.72 -21.95
CA ASP A 173 9.60 8.35 -22.00
C ASP A 173 8.85 8.85 -20.78
N ASN A 174 9.52 9.53 -19.87
CA ASN A 174 8.95 10.09 -18.66
C ASN A 174 9.61 11.42 -18.39
N PRO A 175 8.98 12.32 -17.62
CA PRO A 175 9.59 13.61 -17.32
C PRO A 175 10.73 13.51 -16.30
N SER A 176 11.73 12.70 -16.60
CA SER A 176 12.89 12.55 -15.73
C SER A 176 13.66 13.86 -15.60
N PRO A 177 14.36 14.06 -14.48
CA PRO A 177 14.93 15.39 -14.18
C PRO A 177 15.92 15.92 -15.21
N TRP A 178 16.55 15.04 -16.00
CA TRP A 178 17.47 15.51 -17.03
C TRP A 178 16.75 16.34 -18.09
N ILE A 179 15.46 16.08 -18.33
CA ILE A 179 14.74 16.87 -19.32
C ILE A 179 14.62 18.33 -18.87
N TYR A 180 14.22 18.53 -17.61
CA TYR A 180 14.12 19.90 -17.08
C TYR A 180 15.49 20.53 -16.85
N ARG A 181 16.52 19.74 -16.59
CA ARG A 181 17.88 20.28 -16.56
C ARG A 181 18.30 20.80 -17.94
N GLU A 182 18.02 20.02 -18.99
CA GLU A 182 18.29 20.49 -20.36
C GLU A 182 17.45 21.71 -20.70
N LEU A 183 16.21 21.75 -20.24
CA LEU A 183 15.38 22.93 -20.41
C LEU A 183 16.01 24.17 -19.79
N LYS A 184 16.39 24.08 -18.51
CA LYS A 184 16.99 25.24 -17.84
C LYS A 184 18.29 25.68 -18.51
N ARG A 185 19.18 24.73 -18.84
CA ARG A 185 20.38 25.04 -19.60
C ARG A 185 20.07 25.75 -20.92
N SER A 186 19.07 25.27 -21.66
CA SER A 186 18.71 25.90 -22.93
C SER A 186 18.15 27.31 -22.71
N LEU A 187 17.30 27.47 -21.71
CA LEU A 187 16.79 28.81 -21.36
C LEU A 187 17.93 29.78 -21.07
N ASP A 188 18.95 29.34 -20.33
CA ASP A 188 20.07 30.22 -20.04
C ASP A 188 20.99 30.42 -21.25
N LYS A 189 21.10 29.43 -22.13
CA LYS A 189 21.95 29.55 -23.30
C LYS A 189 21.39 30.54 -24.32
N THR A 190 20.11 30.40 -24.67
CA THR A 190 19.44 31.35 -25.53
C THR A 190 19.09 32.61 -24.73
N ASN A 191 18.33 33.52 -25.35
CA ASN A 191 17.70 34.60 -24.60
C ASN A 191 16.55 34.06 -23.77
N ALA A 192 16.68 34.15 -22.45
CA ALA A 192 15.73 33.52 -21.55
C ALA A 192 14.33 34.10 -21.74
N SER A 193 13.35 33.20 -21.82
CA SER A 193 11.94 33.58 -22.02
C SER A 193 11.08 32.55 -21.32
N PRO A 194 10.90 32.70 -20.01
CA PRO A 194 10.23 31.65 -19.22
C PRO A 194 8.86 31.25 -19.74
N GLY A 195 8.64 29.94 -19.83
CA GLY A 195 7.40 29.37 -20.33
C GLY A 195 7.21 29.35 -21.83
N GLU A 196 8.10 29.96 -22.61
CA GLU A 196 7.92 30.00 -24.06
C GLU A 196 8.02 28.60 -24.65
N PHE A 197 8.84 27.73 -24.06
CA PHE A 197 8.97 26.34 -24.52
C PHE A 197 7.94 25.39 -23.94
N ALA A 198 6.97 25.88 -23.15
CA ALA A 198 5.99 25.00 -22.51
C ALA A 198 5.19 24.21 -23.54
N VAL A 199 5.05 24.73 -24.76
CA VAL A 199 4.37 24.01 -25.83
C VAL A 199 4.99 22.65 -26.12
N CYS A 200 6.29 22.51 -25.91
CA CYS A 200 6.95 21.21 -26.11
C CYS A 200 6.34 20.10 -25.26
N PHE A 201 5.78 20.44 -24.10
CA PHE A 201 5.28 19.46 -23.14
C PHE A 201 3.81 19.13 -23.31
N THR A 202 3.19 19.49 -24.44
CA THR A 202 1.74 19.34 -24.61
C THR A 202 1.25 17.92 -24.37
N GLU A 203 2.08 16.90 -24.61
CA GLU A 203 1.68 15.53 -24.30
C GLU A 203 1.42 15.31 -22.82
N LEU A 204 2.22 15.94 -21.95
CA LEU A 204 1.98 15.85 -20.52
C LEU A 204 0.71 16.58 -20.11
N GLN A 205 0.40 17.69 -20.78
CA GLN A 205 -0.82 18.44 -20.48
C GLN A 205 -2.09 17.63 -20.76
N GLN A 206 -2.09 16.77 -21.77
CA GLN A 206 -3.18 15.80 -21.90
C GLN A 206 -3.22 14.81 -20.74
N LYS A 207 -2.07 14.24 -20.41
CA LYS A 207 -2.00 13.20 -19.37
C LYS A 207 -2.48 13.70 -18.01
N PHE A 208 -2.29 14.98 -17.71
CA PHE A 208 -2.75 15.55 -16.45
C PHE A 208 -4.26 15.78 -16.40
N PHE A 209 -4.92 15.96 -17.53
CA PHE A 209 -6.34 16.30 -17.53
C PHE A 209 -7.28 15.15 -17.89
N ASP A 210 -6.77 14.02 -18.37
CA ASP A 210 -7.61 12.84 -18.52
C ASP A 210 -7.64 12.01 -17.24
N ASN A 211 -8.60 11.07 -17.20
CA ASN A 211 -8.95 10.20 -16.07
C ASN A 211 -9.26 10.99 -14.79
N ARG A 212 -10.21 11.91 -14.92
CA ARG A 212 -10.72 12.67 -13.78
C ARG A 212 -12.24 12.71 -13.84
N PRO A 213 -12.90 12.90 -12.70
CA PRO A 213 -14.35 12.73 -12.64
C PRO A 213 -15.14 13.70 -13.53
N GLY A 214 -16.27 13.20 -14.02
CA GLY A 214 -17.13 13.98 -14.89
C GLY A 214 -17.66 15.26 -14.25
N LYS A 215 -18.01 15.19 -12.97
CA LYS A 215 -18.44 16.41 -12.26
C LYS A 215 -17.33 17.44 -12.17
N LEU A 216 -16.07 17.02 -12.09
CA LEU A 216 -14.99 18.00 -12.07
C LEU A 216 -14.93 18.75 -13.40
N LYS A 217 -15.16 18.04 -14.50
CA LYS A 217 -15.31 18.67 -15.81
C LYS A 217 -16.48 19.65 -15.83
N ASP A 218 -17.64 19.22 -15.32
CA ASP A 218 -18.81 20.11 -15.31
C ASP A 218 -18.56 21.37 -14.49
N LEU A 219 -17.86 21.24 -13.37
CA LEU A 219 -17.46 22.41 -12.59
C LEU A 219 -16.51 23.32 -13.36
N ILE A 220 -15.54 22.73 -14.07
CA ILE A 220 -14.63 23.55 -14.85
C ILE A 220 -15.38 24.30 -15.95
N LEU A 221 -16.34 23.63 -16.60
CA LEU A 221 -17.17 24.30 -17.60
C LEU A 221 -17.94 25.47 -17.00
N LEU A 222 -18.49 25.29 -15.79
CA LEU A 222 -19.24 26.37 -15.16
C LEU A 222 -18.33 27.56 -14.82
N ILE A 223 -17.16 27.28 -14.26
CA ILE A 223 -16.21 28.35 -13.94
C ILE A 223 -15.74 29.09 -15.18
N LYS A 224 -15.48 28.36 -16.28
CA LYS A 224 -15.13 29.04 -17.53
C LYS A 224 -16.29 29.84 -18.09
N HIS A 225 -17.52 29.33 -18.02
CA HIS A 225 -18.66 30.12 -18.50
C HIS A 225 -18.80 31.42 -17.73
N TRP A 226 -18.67 31.36 -16.41
CA TRP A 226 -18.67 32.58 -15.60
C TRP A 226 -17.53 33.53 -16.00
N HIS A 227 -16.33 33.00 -16.20
CA HIS A 227 -15.22 33.83 -16.67
C HIS A 227 -15.52 34.48 -18.01
N GLN A 228 -16.13 33.75 -18.94
CA GLN A 228 -16.53 34.35 -20.21
C GLN A 228 -17.57 35.44 -20.04
N GLN A 229 -18.52 35.27 -19.11
CA GLN A 229 -19.46 36.36 -18.85
C GLN A 229 -18.76 37.61 -18.30
N CYS A 230 -17.77 37.41 -17.42
CA CYS A 230 -17.01 38.55 -16.91
C CYS A 230 -16.21 39.23 -18.01
N GLN A 231 -15.53 38.45 -18.84
CA GLN A 231 -14.84 39.02 -20.01
C GLN A 231 -15.80 39.73 -20.95
N LYS A 232 -17.02 39.23 -21.08
CA LYS A 232 -18.01 39.84 -21.97
C LYS A 232 -18.45 41.21 -21.46
N LYS A 233 -18.79 41.32 -20.18
CA LYS A 233 -19.35 42.60 -19.73
C LYS A 233 -18.26 43.63 -19.43
N ILE A 234 -17.15 43.21 -18.83
CA ILE A 234 -16.07 44.15 -18.54
C ILE A 234 -15.36 44.54 -19.84
N LYS A 235 -15.03 45.83 -19.96
CA LYS A 235 -14.46 46.36 -21.19
C LYS A 235 -13.60 47.57 -20.90
N PRO A 238 -7.03 44.33 -19.65
CA PRO A 238 -6.27 43.09 -19.52
C PRO A 238 -7.11 41.85 -19.83
N SER A 239 -6.44 40.70 -19.95
CA SER A 239 -7.14 39.44 -20.19
C SER A 239 -6.36 38.31 -19.54
N LEU A 240 -7.07 37.24 -19.20
CA LEU A 240 -6.49 36.11 -18.47
C LEU A 240 -6.91 34.82 -19.17
N SER A 241 -5.93 33.93 -19.38
CA SER A 241 -6.22 32.70 -20.09
C SER A 241 -6.97 31.72 -19.20
N PRO A 242 -7.94 30.99 -19.74
CA PRO A 242 -8.77 30.11 -18.90
C PRO A 242 -8.00 28.98 -18.24
N TYR A 243 -6.82 28.63 -18.78
CA TYR A 243 -6.00 27.58 -18.21
C TYR A 243 -5.64 27.85 -16.75
N ALA A 244 -5.50 29.11 -16.37
CA ALA A 244 -5.27 29.46 -14.96
C ALA A 244 -6.44 29.03 -14.07
N LEU A 245 -7.67 29.28 -14.51
CA LEU A 245 -8.82 28.93 -13.69
C LEU A 245 -9.15 27.44 -13.77
N GLU A 246 -8.77 26.78 -14.85
CA GLU A 246 -8.86 25.33 -14.92
C GLU A 246 -7.91 24.68 -13.92
N LEU A 247 -6.66 25.13 -13.89
CA LEU A 247 -5.73 24.66 -12.86
C LEU A 247 -6.23 24.96 -11.46
N LEU A 248 -6.72 26.18 -11.23
CA LEU A 248 -7.23 26.54 -9.91
C LEU A 248 -8.38 25.63 -9.48
N THR A 249 -9.28 25.30 -10.40
CA THR A 249 -10.39 24.39 -10.06
C THR A 249 -9.91 22.97 -9.79
N VAL A 250 -8.93 22.49 -10.56
CA VAL A 250 -8.37 21.18 -10.28
C VAL A 250 -7.69 21.14 -8.91
N TYR A 251 -6.96 22.21 -8.56
CA TYR A 251 -6.34 22.28 -7.24
C TYR A 251 -7.39 22.32 -6.14
N ALA A 252 -8.46 23.09 -6.34
CA ALA A 252 -9.53 23.17 -5.36
C ALA A 252 -10.16 21.80 -5.10
N TRP A 253 -10.40 21.02 -6.15
CA TRP A 253 -10.93 19.67 -5.97
C TRP A 253 -9.90 18.73 -5.33
N GLU A 254 -8.67 18.71 -5.84
CA GLU A 254 -7.66 17.79 -5.32
C GLU A 254 -7.34 18.06 -3.85
N GLN A 255 -7.37 19.31 -3.41
CA GLN A 255 -7.12 19.58 -2.00
C GLN A 255 -8.38 19.43 -1.14
N GLY A 256 -9.55 19.81 -1.65
CA GLY A 256 -10.68 19.94 -0.76
C GLY A 256 -11.53 18.70 -0.64
N CYS A 257 -11.72 17.99 -1.75
CA CYS A 257 -12.75 16.95 -1.79
C CYS A 257 -12.40 15.97 -2.93
N ARG A 258 -11.65 14.93 -2.58
CA ARG A 258 -11.22 13.94 -3.57
C ARG A 258 -12.37 13.06 -4.03
N LYS A 259 -13.56 13.23 -3.45
CA LYS A 259 -14.73 12.44 -3.83
C LYS A 259 -15.10 12.72 -5.28
N ASP A 260 -15.56 11.67 -5.97
CA ASP A 260 -16.03 11.77 -7.34
C ASP A 260 -17.54 12.02 -7.44
N ASN A 261 -18.18 12.42 -6.33
CA ASN A 261 -19.62 12.65 -6.33
C ASN A 261 -19.95 13.83 -5.43
N PHE A 262 -19.15 14.89 -5.52
CA PHE A 262 -19.31 16.09 -4.72
C PHE A 262 -20.53 16.90 -5.15
N ASP A 263 -20.82 17.95 -4.38
CA ASP A 263 -21.85 18.93 -4.69
C ASP A 263 -21.22 20.13 -5.39
N ILE A 264 -21.66 20.41 -6.61
CA ILE A 264 -21.12 21.49 -7.43
C ILE A 264 -21.22 22.85 -6.75
N ALA A 265 -22.25 23.05 -5.91
CA ALA A 265 -22.39 24.31 -5.20
C ALA A 265 -21.40 24.47 -4.05
N GLU A 266 -20.79 23.39 -3.58
CA GLU A 266 -19.61 23.55 -2.73
C GLU A 266 -18.38 23.92 -3.55
N GLY A 267 -18.25 23.31 -4.73
CA GLY A 267 -17.12 23.60 -5.60
C GLY A 267 -17.03 25.06 -6.00
N VAL A 268 -18.13 25.61 -6.50
CA VAL A 268 -18.15 27.02 -6.90
C VAL A 268 -17.78 27.93 -5.73
N ARG A 269 -18.39 27.74 -4.57
CA ARG A 269 -18.04 28.56 -3.41
C ARG A 269 -16.58 28.42 -3.02
N THR A 270 -16.00 27.22 -3.16
CA THR A 270 -14.59 27.04 -2.86
C THR A 270 -13.69 27.78 -3.84
N VAL A 271 -14.02 27.72 -5.13
CA VAL A 271 -13.21 28.40 -6.13
C VAL A 271 -13.32 29.91 -5.96
N LEU A 272 -14.53 30.43 -5.76
CA LEU A 272 -14.68 31.87 -5.54
C LEU A 272 -13.98 32.34 -4.27
N GLU A 273 -13.97 31.52 -3.21
CA GLU A 273 -13.18 31.87 -2.03
C GLU A 273 -11.68 31.88 -2.32
N LEU A 274 -11.21 30.97 -3.18
CA LEU A 274 -9.80 31.02 -3.58
C LEU A 274 -9.48 32.26 -4.40
N ILE A 275 -10.35 32.61 -5.35
CA ILE A 275 -10.15 33.80 -6.17
C ILE A 275 -10.13 35.07 -5.32
N LYS A 276 -11.04 35.16 -4.35
CA LYS A 276 -11.01 36.29 -3.42
C LYS A 276 -9.69 36.43 -2.68
N CYS A 277 -8.99 35.33 -2.44
CA CYS A 277 -7.68 35.34 -1.79
C CYS A 277 -6.51 35.58 -2.77
N GLN A 278 -6.78 36.19 -3.93
CA GLN A 278 -5.79 36.28 -5.00
C GLN A 278 -4.42 36.79 -4.55
N GLU A 279 -4.38 37.74 -3.61
CA GLU A 279 -3.09 38.25 -3.16
C GLU A 279 -2.31 37.25 -2.32
N LYS A 280 -2.93 36.17 -1.86
CA LYS A 280 -2.26 35.09 -1.16
C LYS A 280 -2.02 33.86 -2.03
N LEU A 281 -2.85 33.66 -3.05
CA LEU A 281 -2.91 32.41 -3.80
C LEU A 281 -1.54 32.00 -4.33
N CYS A 282 -1.16 30.75 -4.07
CA CYS A 282 0.10 30.18 -4.57
C CYS A 282 -0.09 28.67 -4.63
N ILE A 283 -0.34 28.16 -5.83
CA ILE A 283 -0.66 26.75 -6.04
C ILE A 283 0.38 26.14 -6.99
N TYR A 284 0.77 24.91 -6.69
CA TYR A 284 1.76 24.20 -7.49
C TYR A 284 1.58 22.70 -7.29
N TRP A 285 2.09 21.92 -8.24
CA TRP A 285 1.97 20.46 -8.20
C TRP A 285 3.34 19.81 -8.30
N MET A 286 3.49 18.68 -7.60
CA MET A 286 4.68 17.85 -7.63
C MET A 286 4.53 16.58 -8.46
N VAL A 287 3.57 16.56 -9.39
CA VAL A 287 3.25 15.31 -10.08
C VAL A 287 4.34 14.96 -11.09
N ASN A 288 4.95 15.96 -11.73
CA ASN A 288 6.00 15.70 -12.71
C ASN A 288 7.40 16.15 -12.30
N TYR A 289 7.54 16.89 -11.20
CA TYR A 289 8.86 17.33 -10.78
C TYR A 289 8.92 17.49 -9.27
N ASN A 290 10.12 17.37 -8.72
CA ASN A 290 10.35 17.31 -7.28
C ASN A 290 11.46 18.28 -6.87
N PHE A 291 11.50 18.56 -5.57
CA PHE A 291 12.60 19.30 -4.94
C PHE A 291 13.87 18.48 -4.80
N GLU A 292 13.91 17.25 -5.31
CA GLU A 292 15.11 16.42 -5.17
C GLU A 292 16.29 17.01 -5.93
N ASP A 293 16.15 17.19 -7.25
CA ASP A 293 17.25 17.69 -8.06
C ASP A 293 17.48 19.18 -7.77
N GLU A 294 18.70 19.52 -7.33
CA GLU A 294 19.05 20.89 -6.97
C GLU A 294 18.80 21.89 -8.09
N THR A 295 18.90 21.46 -9.36
CA THR A 295 18.65 22.36 -10.48
C THR A 295 17.18 22.71 -10.59
N ILE A 296 16.30 21.79 -10.21
CA ILE A 296 14.87 22.07 -10.21
C ILE A 296 14.47 22.76 -8.91
N ARG A 297 15.05 22.32 -7.79
CA ARG A 297 14.78 22.93 -6.49
C ARG A 297 15.04 24.43 -6.51
N ASN A 298 16.15 24.87 -7.12
CA ASN A 298 16.40 26.32 -7.20
C ASN A 298 15.42 27.05 -8.11
N ILE A 299 14.89 26.38 -9.14
CA ILE A 299 13.86 26.99 -9.96
C ILE A 299 12.58 27.16 -9.16
N LEU A 300 12.16 26.11 -8.47
CA LEU A 300 10.92 26.16 -7.70
C LEU A 300 11.02 27.18 -6.58
N LEU A 301 12.11 27.16 -5.82
CA LEU A 301 12.31 28.14 -4.76
C LEU A 301 12.38 29.57 -5.31
N HIS A 302 12.88 29.76 -6.53
CA HIS A 302 12.79 31.08 -7.14
C HIS A 302 11.37 31.46 -7.49
N GLN A 303 10.63 30.52 -8.11
CA GLN A 303 9.24 30.79 -8.54
C GLN A 303 8.29 30.88 -7.33
N LEU A 304 8.33 29.89 -6.44
CA LEU A 304 7.38 29.88 -5.29
C LEU A 304 7.51 31.19 -4.51
N GLN A 305 8.75 31.69 -4.37
CA GLN A 305 8.96 32.99 -3.67
C GLN A 305 8.75 34.14 -4.67
N SER A 306 7.50 34.39 -5.08
CA SER A 306 7.23 35.46 -6.09
C SER A 306 5.98 36.25 -5.70
N ALA A 307 5.40 36.99 -6.68
CA ALA A 307 4.21 37.81 -6.40
C ALA A 307 2.95 36.94 -6.49
N ARG A 308 2.28 36.73 -5.35
CA ARG A 308 1.06 35.88 -5.32
C ARG A 308 -0.14 36.71 -5.80
N PRO A 309 -0.83 36.33 -6.91
CA PRO A 309 -1.21 34.92 -7.20
C PRO A 309 -0.14 34.20 -8.01
N VAL A 310 0.50 33.19 -7.42
CA VAL A 310 1.50 32.38 -8.17
C VAL A 310 0.84 31.06 -8.61
N ILE A 311 0.77 30.81 -9.92
CA ILE A 311 0.11 29.58 -10.42
C ILE A 311 1.12 28.81 -11.30
N LEU A 312 1.83 27.83 -10.72
CA LEU A 312 2.73 27.03 -11.52
C LEU A 312 1.99 25.89 -12.19
N ASP A 313 2.17 25.75 -13.51
CA ASP A 313 1.49 24.69 -14.24
C ASP A 313 2.12 23.34 -13.89
N PRO A 314 1.40 22.24 -14.16
CA PRO A 314 1.90 20.92 -13.75
C PRO A 314 3.10 20.41 -14.53
N VAL A 315 3.49 21.04 -15.64
CA VAL A 315 4.37 20.39 -16.60
C VAL A 315 5.67 21.16 -16.87
N ASP A 316 5.68 22.47 -16.68
CA ASP A 316 6.89 23.26 -16.92
C ASP A 316 7.15 24.12 -15.68
N PRO A 317 8.21 23.84 -14.92
CA PRO A 317 8.50 24.64 -13.72
C PRO A 317 8.66 26.14 -13.95
N THR A 318 8.88 26.60 -15.18
CA THR A 318 9.02 28.03 -15.43
C THR A 318 7.71 28.72 -15.81
N ASN A 319 6.68 27.96 -16.19
CA ASN A 319 5.47 28.52 -16.78
C ASN A 319 4.50 28.92 -15.68
N ASN A 320 4.71 30.12 -15.13
CA ASN A 320 3.73 30.73 -14.25
C ASN A 320 2.54 31.22 -15.07
N VAL A 321 1.39 30.56 -14.89
CA VAL A 321 0.24 30.71 -15.78
C VAL A 321 -0.60 31.96 -15.49
N SER A 322 -0.48 32.55 -14.30
CA SER A 322 -1.33 33.69 -13.97
C SER A 322 -1.00 34.90 -14.83
N GLY A 323 -2.05 35.56 -15.32
CA GLY A 323 -1.92 36.70 -16.20
C GLY A 323 -1.53 37.98 -15.49
N ASP A 324 -1.92 39.11 -16.07
CA ASP A 324 -1.68 40.40 -15.45
C ASP A 324 -2.37 40.50 -14.10
N LYS A 325 -1.62 40.99 -13.11
CA LYS A 325 -2.14 41.18 -11.76
C LYS A 325 -3.46 41.96 -11.73
N ILE A 326 -3.61 42.93 -12.64
CA ILE A 326 -4.83 43.73 -12.69
C ILE A 326 -6.08 42.90 -12.97
N CYS A 327 -5.95 41.82 -13.75
CA CYS A 327 -7.12 41.01 -14.06
C CYS A 327 -7.68 40.29 -12.83
N TRP A 328 -6.81 39.90 -11.90
CA TRP A 328 -7.31 39.28 -10.68
C TRP A 328 -8.06 40.25 -9.78
N GLN A 329 -7.81 41.57 -9.88
CA GLN A 329 -8.61 42.53 -9.13
C GLN A 329 -10.07 42.51 -9.60
N TRP A 330 -10.26 42.50 -10.92
CA TRP A 330 -11.60 42.36 -11.48
C TRP A 330 -12.22 41.02 -11.13
N LEU A 331 -11.44 39.95 -11.18
CA LEU A 331 -11.97 38.64 -10.79
C LEU A 331 -12.36 38.61 -9.32
N LYS A 332 -11.60 39.27 -8.45
CA LYS A 332 -12.02 39.43 -7.06
C LYS A 332 -13.37 40.12 -6.94
N LYS A 333 -13.52 41.25 -7.64
CA LYS A 333 -14.77 42.01 -7.53
C LYS A 333 -15.97 41.21 -8.05
N GLU A 334 -15.79 40.47 -9.14
CA GLU A 334 -16.85 39.60 -9.65
C GLU A 334 -17.10 38.41 -8.72
N ALA A 335 -16.06 37.86 -8.11
CA ALA A 335 -16.26 36.77 -7.16
C ALA A 335 -17.06 37.23 -5.96
N GLN A 336 -16.69 38.37 -5.37
CA GLN A 336 -17.50 38.97 -4.31
C GLN A 336 -18.95 39.16 -4.74
N THR A 337 -19.16 39.69 -5.94
CA THR A 337 -20.51 39.98 -6.42
C THR A 337 -21.36 38.72 -6.56
N TRP A 338 -20.81 37.66 -7.16
CA TRP A 338 -21.57 36.42 -7.30
C TRP A 338 -21.72 35.69 -5.97
N LEU A 339 -20.64 35.60 -5.19
CA LEU A 339 -20.66 34.88 -3.92
C LEU A 339 -21.64 35.49 -2.92
N THR A 340 -21.81 36.80 -2.95
CA THR A 340 -22.73 37.47 -2.03
C THR A 340 -24.16 37.57 -2.59
N SER A 341 -24.40 37.05 -3.80
CA SER A 341 -25.74 37.09 -4.37
C SER A 341 -26.73 36.30 -3.53
N PRO A 342 -28.02 36.64 -3.61
CA PRO A 342 -29.05 35.87 -2.89
C PRO A 342 -29.32 34.49 -3.48
N ASN A 343 -28.76 34.14 -4.63
CA ASN A 343 -28.93 32.80 -5.18
C ASN A 343 -27.88 31.81 -4.68
N LEU A 344 -26.66 32.27 -4.43
CA LEU A 344 -25.80 31.62 -3.46
C LEU A 344 -26.18 32.12 -2.06
N ASP A 345 -25.33 31.81 -1.07
CA ASP A 345 -25.46 32.32 0.29
C ASP A 345 -26.84 32.06 0.90
N ASN A 346 -27.55 31.04 0.41
CA ASN A 346 -28.91 30.78 0.87
C ASN A 346 -28.97 29.83 2.05
N GLU A 347 -27.96 28.99 2.26
CA GLU A 347 -27.88 28.17 3.46
C GLU A 347 -27.43 29.02 4.65
N LEU A 348 -27.77 28.53 5.86
CA LEU A 348 -27.41 29.28 7.06
C LEU A 348 -25.89 29.30 7.28
N PRO A 349 -25.21 28.17 7.47
CA PRO A 349 -23.79 28.11 7.08
C PRO A 349 -23.65 27.79 5.61
N ALA A 350 -22.79 28.53 4.92
CA ALA A 350 -22.54 28.25 3.52
C ALA A 350 -21.51 27.12 3.39
N PRO A 351 -21.88 25.98 2.81
CA PRO A 351 -20.95 24.85 2.75
C PRO A 351 -19.87 25.07 1.70
N SER A 352 -18.63 24.77 2.08
CA SER A 352 -17.51 24.81 1.15
C SER A 352 -16.38 23.96 1.69
N TRP A 353 -15.45 23.60 0.81
CA TRP A 353 -14.32 22.78 1.21
C TRP A 353 -13.26 23.65 1.89
N ASN A 354 -12.47 23.01 2.74
CA ASN A 354 -11.36 23.66 3.42
C ASN A 354 -10.09 23.51 2.60
N VAL A 355 -9.66 24.58 1.94
CA VAL A 355 -8.43 24.59 1.15
C VAL A 355 -7.64 25.84 1.49
N LEU A 356 -6.34 25.68 1.64
CA LEU A 356 -5.53 26.85 1.98
C LEU A 356 -5.07 27.56 0.71
N PRO A 357 -5.13 28.89 0.67
CA PRO A 357 -4.63 29.61 -0.50
C PRO A 357 -3.13 29.45 -0.73
N ALA A 358 -2.38 29.13 0.32
CA ALA A 358 -0.93 29.05 0.19
C ALA A 358 -0.38 28.00 1.14
N PRO A 359 0.18 26.90 0.63
CA PRO A 359 0.73 25.86 1.50
C PRO A 359 1.80 26.38 2.44
N LEU A 360 1.86 25.77 3.62
CA LEU A 360 2.74 26.22 4.69
C LEU A 360 4.17 26.42 4.20
N PHE A 361 4.64 25.51 3.34
CA PHE A 361 5.98 25.57 2.75
C PHE A 361 6.31 26.94 2.15
N THR A 362 5.32 27.64 1.60
CA THR A 362 5.58 28.91 0.94
C THR A 362 5.64 30.11 1.88
N THR A 363 5.22 29.98 3.15
CA THR A 363 5.13 31.16 4.02
C THR A 363 6.47 31.47 4.68
N PRO A 364 6.93 32.71 4.63
CA PRO A 364 8.19 33.08 5.28
C PRO A 364 8.16 32.85 6.78
N GLY A 365 9.34 32.62 7.35
CA GLY A 365 9.45 32.23 8.75
C GLY A 365 8.83 33.22 9.72
N HIS A 366 9.00 34.52 9.49
CA HIS A 366 8.41 35.52 10.37
C HIS A 366 6.90 35.65 10.21
N LEU A 367 6.29 34.97 9.25
CA LEU A 367 4.83 34.95 9.08
C LEU A 367 4.18 33.71 9.67
N LEU A 368 4.95 32.79 10.24
CA LEU A 368 4.37 31.58 10.81
C LEU A 368 3.36 31.90 11.91
N ASP A 369 3.67 32.86 12.79
CA ASP A 369 2.75 33.20 13.87
C ASP A 369 1.43 33.75 13.33
N LYS A 370 1.48 34.45 12.20
CA LYS A 370 0.26 34.90 11.54
C LYS A 370 -0.47 33.74 10.87
N PHE A 371 0.27 32.86 10.20
CA PHE A 371 -0.34 31.70 9.53
C PHE A 371 -1.10 30.82 10.51
N ILE A 372 -0.50 30.50 11.65
CA ILE A 372 -1.18 29.66 12.65
C ILE A 372 -2.47 30.31 13.12
N LYS A 373 -2.40 31.60 13.47
CA LYS A 373 -3.57 32.33 13.96
C LYS A 373 -4.67 32.46 12.91
N GLU A 374 -4.30 32.59 11.64
CA GLU A 374 -5.26 32.79 10.57
C GLU A 374 -5.89 31.50 10.03
N PHE A 375 -5.14 30.42 9.92
CA PHE A 375 -5.63 29.22 9.25
C PHE A 375 -5.78 28.00 10.14
N LEU A 376 -5.02 27.89 11.23
CA LEU A 376 -5.04 26.67 12.03
C LEU A 376 -5.90 26.75 13.29
N GLN A 377 -5.98 27.89 13.97
CA GLN A 377 -6.78 27.95 15.20
C GLN A 377 -8.28 27.89 14.91
N PRO A 378 -9.02 27.07 15.64
CA PRO A 378 -10.49 27.13 15.59
C PRO A 378 -11.04 28.37 16.29
N ASN A 379 -12.27 28.73 15.93
CA ASN A 379 -12.87 29.95 16.46
C ASN A 379 -13.23 29.76 17.93
N LYS A 380 -12.82 30.72 18.75
CA LYS A 380 -12.97 30.62 20.20
C LYS A 380 -14.43 30.51 20.64
N CYS A 381 -15.32 31.33 20.06
CA CYS A 381 -16.73 31.26 20.40
C CYS A 381 -17.36 29.90 20.08
N PHE A 382 -16.90 29.26 19.01
CA PHE A 382 -17.40 27.91 18.73
C PHE A 382 -16.94 26.90 19.76
N LEU A 383 -15.69 27.00 20.21
CA LEU A 383 -15.22 26.13 21.28
C LEU A 383 -15.99 26.36 22.59
N GLU A 384 -16.28 27.63 22.92
CA GLU A 384 -17.13 27.90 24.08
C GLU A 384 -18.52 27.31 23.93
N GLN A 385 -19.06 27.31 22.71
CA GLN A 385 -20.38 26.74 22.47
C GLN A 385 -20.38 25.22 22.61
N ILE A 386 -19.39 24.55 22.03
CA ILE A 386 -19.33 23.10 22.18
C ILE A 386 -18.98 22.67 23.61
N ASP A 387 -18.21 23.47 24.35
CA ASP A 387 -17.99 23.18 25.77
C ASP A 387 -19.29 23.27 26.57
N SER A 388 -20.07 24.34 26.34
CA SER A 388 -21.38 24.45 26.97
C SER A 388 -22.32 23.31 26.57
N ALA A 389 -22.26 22.88 25.30
CA ALA A 389 -23.13 21.79 24.87
C ALA A 389 -22.69 20.45 25.47
N VAL A 390 -21.38 20.18 25.50
CA VAL A 390 -20.92 18.90 26.00
C VAL A 390 -21.15 18.75 27.49
N ASN A 391 -21.10 19.85 28.26
CA ASN A 391 -21.49 19.70 29.67
C ASN A 391 -22.97 19.38 29.85
N ILE A 392 -23.82 19.82 28.91
CA ILE A 392 -25.21 19.40 28.89
C ILE A 392 -25.34 17.92 28.55
N ILE A 393 -24.58 17.47 27.54
CA ILE A 393 -24.58 16.05 27.19
C ILE A 393 -24.17 15.20 28.37
N ARG A 394 -23.06 15.57 29.04
CA ARG A 394 -22.60 14.82 30.20
C ARG A 394 -23.64 14.78 31.31
N THR A 395 -24.25 15.93 31.62
CA THR A 395 -25.26 15.97 32.68
C THR A 395 -26.47 15.11 32.36
N PHE A 396 -26.99 15.19 31.13
CA PHE A 396 -28.14 14.37 30.75
C PHE A 396 -27.85 12.87 30.76
N LEU A 397 -26.68 12.46 30.26
CA LEU A 397 -26.35 11.04 30.24
C LEU A 397 -26.09 10.48 31.64
N LYS A 398 -25.33 11.21 32.46
CA LYS A 398 -24.95 10.70 33.78
C LYS A 398 -26.16 10.37 34.64
N GLU A 399 -27.21 11.17 34.57
CA GLU A 399 -28.40 10.89 35.37
C GLU A 399 -29.31 9.80 34.79
N ASN A 400 -29.43 9.69 33.46
CA ASN A 400 -30.47 8.84 32.89
C ASN A 400 -30.05 7.42 32.50
N CYS A 401 -28.76 7.17 32.25
CA CYS A 401 -28.40 5.92 31.58
C CYS A 401 -28.71 4.69 32.44
N PHE A 402 -28.32 4.71 33.72
CA PHE A 402 -28.82 3.70 34.66
C PHE A 402 -29.79 4.35 35.65
N ARG A 403 -31.02 3.84 35.68
CA ARG A 403 -31.98 4.19 36.71
C ARG A 403 -32.29 3.03 37.65
N GLN A 404 -32.31 1.81 37.14
CA GLN A 404 -32.52 0.64 37.99
C GLN A 404 -31.28 0.32 38.80
N SER A 405 -30.13 0.24 38.16
CA SER A 405 -28.88 -0.02 38.89
C SER A 405 -28.48 1.19 39.72
N THR A 406 -27.89 0.91 40.88
CA THR A 406 -27.41 1.98 41.75
C THR A 406 -26.12 2.62 41.22
N ALA A 407 -25.29 1.88 40.50
CA ALA A 407 -24.02 2.41 40.00
C ALA A 407 -24.25 3.22 38.73
N LYS A 408 -24.01 4.53 38.81
CA LYS A 408 -24.12 5.42 37.66
C LYS A 408 -22.82 5.42 36.87
N ILE A 409 -22.94 5.68 35.57
CA ILE A 409 -21.75 5.91 34.75
C ILE A 409 -21.12 7.25 35.11
N GLN A 410 -19.80 7.33 34.94
CA GLN A 410 -19.03 8.56 35.09
C GLN A 410 -18.37 8.86 33.74
N ILE A 411 -18.67 10.03 33.17
CA ILE A 411 -18.19 10.40 31.85
C ILE A 411 -17.09 11.45 31.99
N VAL A 412 -15.91 11.12 31.48
CA VAL A 412 -14.74 11.99 31.51
C VAL A 412 -14.41 12.39 30.08
N ARG A 413 -14.14 13.68 29.86
CA ARG A 413 -13.87 14.20 28.53
C ARG A 413 -12.36 14.36 28.32
N GLY A 414 -11.89 13.89 27.18
CA GLY A 414 -10.48 13.90 26.84
C GLY A 414 -10.25 14.15 25.36
N GLY A 415 -9.01 13.97 24.91
CA GLY A 415 -8.68 14.24 23.53
C GLY A 415 -8.34 15.69 23.24
N SER A 416 -8.21 15.98 21.95
CA SER A 416 -7.54 17.17 21.47
C SER A 416 -8.34 18.46 21.66
N THR A 417 -9.62 18.36 22.01
CA THR A 417 -10.38 19.56 22.33
C THR A 417 -10.42 19.85 23.83
N ALA A 418 -10.11 18.87 24.67
CA ALA A 418 -10.13 19.08 26.11
C ALA A 418 -8.86 19.78 26.58
N LYS A 419 -7.71 19.28 26.13
CA LYS A 419 -6.53 20.13 25.99
C LYS A 419 -6.69 21.04 24.78
N GLY A 420 -6.02 22.19 24.82
CA GLY A 420 -6.29 23.26 23.89
C GLY A 420 -5.55 23.23 22.57
N THR A 421 -5.48 22.06 21.92
CA THR A 421 -4.58 21.87 20.77
C THR A 421 -5.33 21.37 19.54
N ALA A 422 -6.64 21.60 19.46
CA ALA A 422 -7.40 21.23 18.28
C ALA A 422 -7.04 22.14 17.10
N LEU A 423 -7.15 21.57 15.90
CA LEU A 423 -7.07 22.32 14.66
C LEU A 423 -8.46 22.72 14.17
N LYS A 424 -8.49 23.72 13.28
CA LYS A 424 -9.74 24.16 12.67
C LYS A 424 -10.44 23.05 11.89
N THR A 425 -9.70 22.04 11.44
CA THR A 425 -10.26 20.94 10.68
C THR A 425 -9.91 19.60 11.31
N GLY A 426 -10.86 18.68 11.30
CA GLY A 426 -10.66 17.35 11.84
C GLY A 426 -10.45 17.27 13.34
N SER A 427 -11.05 18.18 14.11
CA SER A 427 -10.98 18.10 15.56
C SER A 427 -11.61 16.80 16.05
N ASP A 428 -11.15 16.33 17.20
CA ASP A 428 -11.68 15.11 17.78
C ASP A 428 -11.83 15.26 19.29
N ALA A 429 -12.59 14.34 19.89
CA ALA A 429 -12.72 14.26 21.33
C ALA A 429 -13.09 12.83 21.72
N ASP A 430 -12.64 12.43 22.91
CA ASP A 430 -13.09 11.19 23.54
C ASP A 430 -14.02 11.51 24.70
N LEU A 431 -15.17 10.84 24.75
CA LEU A 431 -15.94 10.68 25.98
C LEU A 431 -15.67 9.31 26.56
N VAL A 432 -14.72 9.24 27.48
CA VAL A 432 -14.42 8.00 28.21
C VAL A 432 -15.49 7.76 29.27
N VAL A 433 -16.06 6.56 29.28
CA VAL A 433 -17.15 6.21 30.18
C VAL A 433 -16.65 5.15 31.16
N PHE A 434 -16.63 5.50 32.44
CA PHE A 434 -16.21 4.59 33.50
C PHE A 434 -17.43 4.02 34.22
N HIS A 435 -17.39 2.73 34.52
CA HIS A 435 -18.51 2.10 35.21
C HIS A 435 -18.00 0.93 36.04
N ASN A 436 -18.83 0.53 37.02
CA ASN A 436 -18.51 -0.56 37.94
C ASN A 436 -18.75 -1.94 37.35
N SER A 437 -19.40 -2.05 36.20
CA SER A 437 -19.54 -3.35 35.54
C SER A 437 -18.19 -3.94 35.14
N LEU A 438 -17.18 -3.11 34.91
CA LEU A 438 -15.94 -3.54 34.30
C LEU A 438 -14.93 -3.85 35.40
N LYS A 439 -14.58 -5.14 35.54
CA LYS A 439 -13.75 -5.64 36.62
C LYS A 439 -12.29 -5.78 36.23
N SER A 440 -11.96 -5.71 34.94
CA SER A 440 -10.58 -5.85 34.49
C SER A 440 -10.46 -5.19 33.12
N TYR A 441 -9.21 -4.96 32.72
CA TYR A 441 -8.94 -4.34 31.43
C TYR A 441 -9.48 -5.14 30.26
N THR A 442 -9.69 -6.44 30.42
CA THR A 442 -10.04 -7.33 29.31
C THR A 442 -11.17 -8.27 29.73
N SER A 443 -11.75 -8.92 28.71
CA SER A 443 -12.72 -10.02 28.85
C SER A 443 -14.09 -9.54 29.34
N GLN A 444 -14.52 -8.35 28.91
CA GLN A 444 -15.72 -7.73 29.43
C GLN A 444 -16.62 -7.20 28.31
N LYS A 445 -16.59 -7.85 27.15
CA LYS A 445 -17.21 -7.28 25.95
C LYS A 445 -18.72 -7.08 26.09
N ASN A 446 -19.40 -8.01 26.76
CA ASN A 446 -20.85 -7.87 26.97
C ASN A 446 -21.20 -6.62 27.78
N GLU A 447 -20.46 -6.35 28.86
CA GLU A 447 -20.72 -5.17 29.66
C GLU A 447 -20.48 -3.87 28.87
N ARG A 448 -19.37 -3.82 28.14
CA ARG A 448 -19.09 -2.65 27.31
C ARG A 448 -20.14 -2.46 26.22
N HIS A 449 -20.61 -3.56 25.62
CA HIS A 449 -21.68 -3.47 24.64
C HIS A 449 -22.96 -2.93 25.26
N LYS A 450 -23.31 -3.40 26.46
CA LYS A 450 -24.48 -2.88 27.15
C LYS A 450 -24.36 -1.38 27.41
N ILE A 451 -23.21 -0.94 27.92
CA ILE A 451 -22.96 0.47 28.19
C ILE A 451 -23.11 1.31 26.92
N VAL A 452 -22.54 0.83 25.81
CA VAL A 452 -22.68 1.56 24.54
C VAL A 452 -24.14 1.58 24.09
N LYS A 453 -24.83 0.46 24.19
CA LYS A 453 -26.22 0.39 23.71
C LYS A 453 -27.09 1.38 24.47
N GLU A 454 -26.99 1.39 25.80
CA GLU A 454 -27.81 2.29 26.57
C GLU A 454 -27.41 3.76 26.40
N ILE A 455 -26.12 4.05 26.20
CA ILE A 455 -25.75 5.42 25.85
C ILE A 455 -26.36 5.83 24.52
N HIS A 456 -26.39 4.92 23.54
CA HIS A 456 -27.03 5.20 22.27
C HIS A 456 -28.52 5.49 22.43
N GLU A 457 -29.21 4.70 23.24
CA GLU A 457 -30.62 4.95 23.53
C GLU A 457 -30.85 6.29 24.24
N GLN A 458 -30.03 6.61 25.22
CA GLN A 458 -30.20 7.89 25.91
C GLN A 458 -29.84 9.09 25.03
N LEU A 459 -28.84 8.96 24.15
CA LEU A 459 -28.58 10.03 23.18
C LEU A 459 -29.74 10.21 22.21
N LYS A 460 -30.40 9.12 21.81
CA LYS A 460 -31.61 9.25 21.00
C LYS A 460 -32.73 9.96 21.75
N ALA A 461 -32.94 9.61 23.01
CA ALA A 461 -33.94 10.31 23.82
C ALA A 461 -33.60 11.79 24.00
N PHE A 462 -32.32 12.10 24.23
CA PHE A 462 -31.86 13.48 24.29
C PHE A 462 -32.18 14.24 23.01
N TRP A 463 -31.88 13.66 21.86
CA TRP A 463 -32.16 14.34 20.60
C TRP A 463 -33.67 14.55 20.41
N ARG A 464 -34.48 13.60 20.88
CA ARG A 464 -35.93 13.78 20.90
C ARG A 464 -36.38 14.94 21.79
N GLU A 465 -35.77 15.08 22.96
CA GLU A 465 -36.29 15.98 23.99
C GLU A 465 -35.68 17.38 23.99
N LYS A 466 -34.42 17.52 23.60
CA LYS A 466 -33.62 18.71 23.89
C LYS A 466 -33.12 19.42 22.63
N GLU A 467 -33.62 19.00 21.45
CA GLU A 467 -33.08 19.46 20.17
C GLU A 467 -32.95 20.98 20.04
N GLU A 468 -33.85 21.74 20.66
CA GLU A 468 -33.83 23.20 20.53
C GLU A 468 -33.15 23.91 21.70
N GLU A 469 -32.68 23.18 22.71
CA GLU A 469 -32.02 23.78 23.85
C GLU A 469 -30.53 23.96 23.61
N LEU A 470 -29.91 23.18 22.73
CA LEU A 470 -28.52 23.40 22.38
C LEU A 470 -28.36 24.59 21.44
N GLU A 471 -27.29 25.34 21.64
CA GLU A 471 -26.87 26.43 20.75
C GLU A 471 -25.97 25.95 19.62
N VAL A 472 -25.88 24.63 19.41
CA VAL A 472 -25.12 24.04 18.31
C VAL A 472 -25.98 22.94 17.71
N SER A 473 -25.78 22.67 16.42
CA SER A 473 -26.48 21.57 15.78
C SER A 473 -25.89 20.23 16.20
N PHE A 474 -26.75 19.23 16.32
CA PHE A 474 -26.40 17.91 16.78
C PHE A 474 -26.74 16.92 15.68
N GLU A 475 -25.75 16.17 15.21
CA GLU A 475 -26.00 15.00 14.39
C GLU A 475 -26.52 13.85 15.25
N PRO A 476 -27.63 13.21 14.86
CA PRO A 476 -28.04 11.96 15.52
C PRO A 476 -26.95 10.92 15.47
N PRO A 477 -26.78 10.14 16.53
CA PRO A 477 -25.75 9.09 16.55
C PRO A 477 -26.01 8.04 15.48
N LYS A 478 -24.94 7.69 14.75
CA LYS A 478 -24.96 6.67 13.73
C LYS A 478 -24.10 5.51 14.22
N TRP A 479 -24.70 4.33 14.35
CA TRP A 479 -24.04 3.25 15.07
C TRP A 479 -24.45 1.90 14.54
N LYS A 480 -23.56 0.93 14.76
CA LYS A 480 -23.75 -0.47 14.38
C LYS A 480 -23.00 -1.31 15.41
N ALA A 481 -23.54 -2.50 15.68
CA ALA A 481 -23.19 -3.24 16.89
C ALA A 481 -21.69 -3.38 17.16
N PRO A 482 -20.83 -3.67 16.19
CA PRO A 482 -19.40 -3.83 16.51
C PRO A 482 -18.61 -2.54 16.61
N ARG A 483 -19.12 -1.43 16.09
CA ARG A 483 -18.34 -0.22 15.97
C ARG A 483 -18.50 0.68 17.20
N VAL A 484 -17.57 1.64 17.32
CA VAL A 484 -17.69 2.68 18.35
C VAL A 484 -18.85 3.61 18.05
N LEU A 485 -19.46 4.13 19.10
CA LEU A 485 -20.40 5.24 18.99
C LEU A 485 -19.69 6.51 18.54
N SER A 486 -20.36 7.31 17.73
CA SER A 486 -19.86 8.63 17.39
C SER A 486 -21.03 9.57 17.11
N PHE A 487 -20.80 10.85 17.37
CA PHE A 487 -21.73 11.92 17.02
C PHE A 487 -20.93 13.19 16.80
N SER A 488 -21.53 14.16 16.13
CA SER A 488 -20.82 15.38 15.79
C SER A 488 -21.64 16.62 16.13
N LEU A 489 -20.96 17.63 16.66
CA LEU A 489 -21.55 18.93 16.93
C LEU A 489 -21.05 19.92 15.88
N LYS A 490 -21.97 20.64 15.26
CA LYS A 490 -21.65 21.57 14.18
C LYS A 490 -22.09 22.97 14.55
N SER A 491 -21.29 23.96 14.17
CA SER A 491 -21.70 25.35 14.32
C SER A 491 -22.94 25.64 13.50
N LYS A 492 -23.77 26.55 14.01
CA LYS A 492 -24.89 27.07 13.25
C LYS A 492 -24.51 28.21 12.31
N VAL A 493 -23.29 28.74 12.40
CA VAL A 493 -22.94 29.95 11.67
C VAL A 493 -21.60 29.78 10.98
N LEU A 494 -20.91 28.67 11.23
CA LEU A 494 -19.64 28.38 10.59
C LEU A 494 -19.62 26.93 10.14
N ASN A 495 -18.61 26.60 9.32
CA ASN A 495 -18.40 25.21 8.90
C ASN A 495 -17.74 24.33 9.95
N GLU A 496 -17.17 24.91 11.00
CA GLU A 496 -16.40 24.13 11.97
C GLU A 496 -17.27 23.09 12.66
N SER A 497 -16.64 21.98 13.03
CA SER A 497 -17.34 20.87 13.68
C SER A 497 -16.35 20.10 14.53
N VAL A 498 -16.90 19.40 15.53
CA VAL A 498 -16.15 18.49 16.39
C VAL A 498 -16.86 17.14 16.40
N SER A 499 -16.08 16.07 16.28
CA SER A 499 -16.61 14.71 16.36
C SER A 499 -16.20 14.04 17.66
N PHE A 500 -17.19 13.55 18.40
CA PHE A 500 -17.01 12.85 19.67
C PHE A 500 -17.21 11.36 19.43
N ASP A 501 -16.38 10.54 20.08
CA ASP A 501 -16.65 9.11 20.17
C ASP A 501 -16.63 8.64 21.61
N VAL A 502 -17.44 7.63 21.89
CA VAL A 502 -17.74 7.19 23.24
C VAL A 502 -16.99 5.88 23.52
N LEU A 503 -16.19 5.86 24.58
CA LEU A 503 -15.22 4.79 24.80
C LEU A 503 -15.33 4.26 26.22
N PRO A 504 -16.01 3.13 26.43
CA PRO A 504 -15.98 2.48 27.75
C PRO A 504 -14.56 2.10 28.14
N ALA A 505 -14.25 2.26 29.43
CA ALA A 505 -12.92 1.94 29.91
C ALA A 505 -12.98 1.46 31.35
N PHE A 506 -12.03 0.60 31.70
CA PHE A 506 -11.82 0.20 33.09
C PHE A 506 -11.29 1.39 33.90
N ASN A 507 -11.95 1.67 35.02
CA ASN A 507 -11.57 2.80 35.88
C ASN A 507 -10.33 2.42 36.70
N ALA A 508 -9.19 2.37 36.01
CA ALA A 508 -7.94 1.98 36.65
C ALA A 508 -7.55 2.95 37.76
N LEU A 509 -7.71 4.26 37.51
CA LEU A 509 -7.26 5.25 38.49
C LEU A 509 -8.13 5.25 39.73
N GLY A 510 -9.44 5.03 39.57
CA GLY A 510 -10.35 4.97 40.69
C GLY A 510 -10.45 6.28 41.47
N THR A 517 -0.85 12.43 41.60
CA THR A 517 -0.41 11.38 40.70
C THR A 517 -0.65 10.00 41.31
N PRO A 518 -0.98 9.02 40.49
CA PRO A 518 -1.38 7.71 41.03
C PRO A 518 -0.20 6.97 41.64
N SER A 519 -0.51 6.12 42.62
CA SER A 519 0.50 5.31 43.28
C SER A 519 0.82 4.06 42.47
N PRO A 520 2.02 3.50 42.64
CA PRO A 520 2.48 2.42 41.75
C PRO A 520 1.61 1.16 41.77
N GLU A 521 0.77 0.97 42.78
CA GLU A 521 -0.12 -0.19 42.81
C GLU A 521 -1.09 -0.23 41.64
N VAL A 522 -1.35 0.90 40.98
CA VAL A 522 -2.15 0.88 39.76
C VAL A 522 -1.31 0.44 38.55
N TYR A 523 -0.07 0.94 38.44
CA TYR A 523 0.77 0.55 37.32
C TYR A 523 1.23 -0.90 37.38
N ALA A 524 1.38 -1.45 38.58
CA ALA A 524 1.66 -2.89 38.71
C ALA A 524 0.58 -3.75 38.06
N GLY A 525 -0.65 -3.22 37.96
CA GLY A 525 -1.70 -3.95 37.25
C GLY A 525 -1.45 -4.06 35.76
N LEU A 526 -1.08 -2.95 35.13
CA LEU A 526 -0.69 -3.00 33.72
C LEU A 526 0.55 -3.85 33.52
N ILE A 527 1.58 -3.60 34.34
CA ILE A 527 2.86 -4.28 34.19
C ILE A 527 2.70 -5.80 34.26
N ASP A 528 1.83 -6.29 35.13
CA ASP A 528 1.60 -7.73 35.18
C ASP A 528 0.95 -8.31 33.94
N LEU A 529 0.43 -7.51 33.02
CA LEU A 529 0.03 -8.02 31.71
C LEU A 529 1.18 -8.10 30.71
N TYR A 530 2.02 -7.07 30.65
CA TYR A 530 3.06 -6.99 29.62
C TYR A 530 4.36 -7.69 30.00
N LYS A 531 4.68 -7.78 31.30
CA LYS A 531 5.93 -8.38 31.75
C LYS A 531 6.17 -9.76 31.16
N SER A 532 5.11 -10.52 30.90
CA SER A 532 5.26 -11.88 30.40
C SER A 532 5.66 -11.97 28.92
N SER A 533 5.59 -10.90 28.13
CA SER A 533 5.88 -11.04 26.71
C SER A 533 6.19 -9.69 26.08
N ASP A 534 6.83 -9.76 24.92
CA ASP A 534 6.92 -8.63 24.00
C ASP A 534 5.59 -8.40 23.27
N LEU A 535 5.07 -7.19 23.36
CA LEU A 535 3.85 -6.79 22.69
C LEU A 535 3.98 -5.33 22.31
N PRO A 536 3.20 -4.87 21.32
CA PRO A 536 2.95 -3.42 21.23
C PRO A 536 2.27 -2.91 22.49
N GLY A 537 2.54 -1.65 22.80
CA GLY A 537 1.94 -1.03 23.97
C GLY A 537 0.69 -0.22 23.67
N GLY A 538 0.02 0.20 24.74
CA GLY A 538 -0.85 1.34 24.70
C GLY A 538 -2.30 1.10 24.34
N GLU A 539 -2.72 -0.15 24.14
CA GLU A 539 -4.13 -0.39 23.87
C GLU A 539 -5.03 -0.01 25.04
N PHE A 540 -4.48 0.08 26.25
CA PHE A 540 -5.21 0.54 27.43
C PHE A 540 -5.01 2.02 27.72
N SER A 541 -4.51 2.78 26.75
CA SER A 541 -4.25 4.20 26.90
C SER A 541 -5.47 4.98 27.41
N THR A 542 -6.66 4.66 26.92
CA THR A 542 -7.86 5.41 27.28
C THR A 542 -8.15 5.40 28.78
N CYS A 543 -7.78 4.33 29.48
CA CYS A 543 -7.97 4.29 30.94
C CYS A 543 -7.25 5.43 31.66
N PHE A 544 -6.17 5.95 31.08
CA PHE A 544 -5.36 6.99 31.71
C PHE A 544 -5.55 8.37 31.08
N THR A 545 -6.64 8.57 30.35
CA THR A 545 -6.86 9.78 29.56
C THR A 545 -6.68 11.06 30.38
N VAL A 546 -7.09 11.05 31.66
CA VAL A 546 -6.97 12.23 32.50
C VAL A 546 -5.51 12.66 32.67
N LEU A 547 -4.58 11.71 32.78
CA LEU A 547 -3.18 12.08 32.91
C LEU A 547 -2.60 12.64 31.62
N GLN A 548 -3.10 12.17 30.48
CA GLN A 548 -2.68 12.73 29.20
C GLN A 548 -3.19 14.15 29.05
N ARG A 549 -4.49 14.35 29.29
CA ARG A 549 -5.06 15.69 29.19
C ARG A 549 -4.35 16.66 30.13
N ASN A 550 -4.16 16.26 31.39
CA ASN A 550 -3.48 17.13 32.35
C ASN A 550 -2.00 17.34 32.06
N PHE A 551 -1.41 16.52 31.17
CA PHE A 551 -0.01 16.76 30.83
C PHE A 551 0.18 17.88 29.79
N ILE A 552 -0.70 17.97 28.80
CA ILE A 552 -0.57 19.00 27.76
C ILE A 552 -1.34 20.27 28.10
N ARG A 553 -2.48 20.16 28.77
CA ARG A 553 -3.17 21.33 29.30
C ARG A 553 -2.31 22.08 30.32
N SER A 554 -2.63 23.36 30.48
CA SER A 554 -1.95 24.36 31.33
C SER A 554 -0.57 24.77 30.81
N ARG A 555 -0.10 24.24 29.69
CA ARG A 555 1.12 24.74 29.10
C ARG A 555 0.87 26.00 28.26
N PRO A 556 1.91 26.82 28.03
CA PRO A 556 1.70 28.12 27.40
C PRO A 556 1.03 28.02 26.03
N THR A 557 0.24 29.05 25.72
CA THR A 557 -0.49 29.11 24.45
C THR A 557 0.44 29.14 23.24
N LYS A 558 1.60 29.79 23.37
CA LYS A 558 2.63 29.69 22.34
C LYS A 558 3.03 28.24 22.05
N LEU A 559 3.14 27.42 23.08
CA LEU A 559 3.49 26.01 22.87
C LEU A 559 2.33 25.22 22.28
N LYS A 560 1.09 25.53 22.68
CA LYS A 560 -0.06 24.94 22.01
C LYS A 560 -0.16 25.33 20.54
N ASP A 561 0.27 26.55 20.19
CA ASP A 561 0.28 26.94 18.78
C ASP A 561 1.40 26.26 18.00
N LEU A 562 2.57 26.08 18.61
CA LEU A 562 3.59 25.24 17.99
C LEU A 562 3.12 23.80 17.81
N ILE A 563 2.39 23.25 18.79
CA ILE A 563 1.82 21.91 18.64
C ILE A 563 0.81 21.86 17.51
N ARG A 564 0.03 22.93 17.31
CA ARG A 564 -0.84 23.01 16.14
C ARG A 564 -0.04 23.01 14.85
N LEU A 565 1.07 23.74 14.82
CA LEU A 565 1.87 23.82 13.61
C LEU A 565 2.48 22.47 13.26
N VAL A 566 3.04 21.78 14.26
CA VAL A 566 3.64 20.46 14.03
C VAL A 566 2.58 19.42 13.65
N LYS A 567 1.39 19.48 14.24
CA LYS A 567 0.31 18.59 13.81
C LYS A 567 -0.15 18.89 12.39
N HIS A 568 -0.05 20.14 11.95
CA HIS A 568 -0.35 20.44 10.55
C HIS A 568 0.74 19.92 9.62
N TRP A 569 2.01 20.13 9.97
CA TRP A 569 3.09 19.57 9.17
C TRP A 569 2.96 18.05 9.04
N TYR A 570 2.67 17.36 10.14
CA TYR A 570 2.43 15.92 10.07
C TYR A 570 1.25 15.56 9.18
N LYS A 571 0.15 16.32 9.28
CA LYS A 571 -0.99 16.08 8.40
C LYS A 571 -0.65 16.25 6.93
N GLU A 572 0.21 17.22 6.59
CA GLU A 572 0.70 17.35 5.22
C GLU A 572 1.65 16.23 4.79
N CYS A 573 2.46 15.69 5.70
CA CYS A 573 3.25 14.51 5.37
C CYS A 573 2.37 13.29 5.09
N GLU A 574 1.44 12.99 5.98
CA GLU A 574 0.51 11.87 5.79
C GLU A 574 -0.27 11.97 4.49
N ARG A 575 -0.56 13.19 4.02
CA ARG A 575 -1.31 13.35 2.78
C ARG A 575 -0.66 12.66 1.58
N LYS A 576 0.67 12.56 1.56
CA LYS A 576 1.36 11.94 0.43
C LYS A 576 2.19 10.70 0.76
N LEU A 577 2.58 10.50 2.02
CA LEU A 577 3.36 9.32 2.40
C LEU A 577 2.49 8.14 2.83
N LYS A 578 1.24 8.37 3.20
CA LYS A 578 0.37 7.25 3.58
C LYS A 578 0.24 6.18 2.50
N PRO A 579 0.25 6.48 1.21
CA PRO A 579 0.29 5.39 0.21
C PRO A 579 1.56 4.54 0.28
N LYS A 580 2.59 4.99 1.00
CA LYS A 580 3.91 4.39 0.94
C LYS A 580 4.37 3.83 2.28
N GLY A 581 3.59 4.00 3.34
CA GLY A 581 3.90 3.35 4.61
C GLY A 581 2.99 3.85 5.71
N SER A 582 3.11 3.17 6.85
CA SER A 582 2.39 3.54 8.08
C SER A 582 3.24 4.47 8.93
N LEU A 583 2.90 5.76 8.93
CA LEU A 583 3.67 6.74 9.67
C LEU A 583 3.51 6.56 11.18
N PRO A 584 4.51 6.93 11.98
CA PRO A 584 4.36 6.84 13.43
C PRO A 584 3.24 7.73 13.92
N PRO A 585 2.66 7.40 15.08
CA PRO A 585 1.44 8.09 15.52
C PRO A 585 1.71 9.54 15.93
N LYS A 586 0.71 10.38 15.65
CA LYS A 586 0.84 11.84 15.80
C LYS A 586 1.24 12.24 17.22
N TYR A 587 0.77 11.51 18.22
CA TYR A 587 1.09 11.84 19.60
C TYR A 587 2.59 11.77 19.86
N ALA A 588 3.33 11.00 19.07
CA ALA A 588 4.78 10.99 19.21
C ALA A 588 5.38 12.33 18.86
N LEU A 589 4.83 13.01 17.86
CA LEU A 589 5.34 14.32 17.48
C LEU A 589 4.82 15.42 18.40
N GLU A 590 3.63 15.25 18.97
CA GLU A 590 3.20 16.14 20.05
C GLU A 590 4.14 16.06 21.26
N LEU A 591 4.60 14.86 21.58
CA LEU A 591 5.60 14.71 22.64
C LEU A 591 6.97 15.24 22.24
N LEU A 592 7.39 15.02 21.00
CA LEU A 592 8.63 15.67 20.56
C LEU A 592 8.53 17.19 20.64
N THR A 593 7.37 17.76 20.34
CA THR A 593 7.21 19.21 20.44
C THR A 593 7.35 19.71 21.87
N ILE A 594 6.83 18.92 22.82
CA ILE A 594 6.95 19.31 24.22
C ILE A 594 8.37 19.11 24.72
N TYR A 595 9.00 17.99 24.37
CA TYR A 595 10.40 17.78 24.72
C TYR A 595 11.31 18.85 24.13
N ALA A 596 11.07 19.23 22.87
CA ALA A 596 11.82 20.31 22.23
C ALA A 596 11.68 21.62 22.99
N TRP A 597 10.47 21.96 23.43
CA TRP A 597 10.33 23.19 24.22
C TRP A 597 11.00 23.08 25.58
N GLU A 598 10.72 22.01 26.32
CA GLU A 598 11.27 21.87 27.67
C GLU A 598 12.79 21.85 27.68
N GLN A 599 13.41 21.24 26.67
CA GLN A 599 14.88 21.23 26.59
C GLN A 599 15.46 22.47 25.94
N GLY A 600 14.80 23.02 24.93
CA GLY A 600 15.36 24.12 24.17
C GLY A 600 15.30 25.45 24.89
N SER A 601 14.10 25.84 25.34
CA SER A 601 13.94 27.06 26.11
C SER A 601 12.59 27.09 26.80
N GLY A 602 12.60 26.92 28.12
CA GLY A 602 11.38 26.89 28.92
C GLY A 602 10.80 28.25 29.18
N VAL A 603 10.57 29.04 28.13
CA VAL A 603 10.11 30.42 28.28
C VAL A 603 8.76 30.59 27.60
N PRO A 604 7.88 31.41 28.17
CA PRO A 604 6.51 31.52 27.62
C PRO A 604 6.44 32.10 26.21
N ASP A 605 7.48 32.79 25.75
CA ASP A 605 7.46 33.33 24.38
C ASP A 605 8.80 33.12 23.68
N PHE A 606 8.71 32.72 22.41
CA PHE A 606 9.85 32.27 21.63
C PHE A 606 9.47 32.42 20.15
N ASP A 607 10.47 32.30 19.28
CA ASP A 607 10.23 32.32 17.85
C ASP A 607 9.70 30.95 17.42
N THR A 608 8.48 30.93 16.88
CA THR A 608 7.85 29.70 16.41
C THR A 608 8.70 28.99 15.35
N ALA A 609 9.42 29.76 14.52
CA ALA A 609 10.26 29.15 13.49
C ALA A 609 11.44 28.39 14.08
N GLU A 610 11.95 28.83 15.23
CA GLU A 610 13.03 28.06 15.87
C GLU A 610 12.49 26.80 16.53
N GLY A 611 11.29 26.87 17.10
CA GLY A 611 10.67 25.67 17.65
C GLY A 611 10.42 24.63 16.57
N PHE A 612 9.81 25.03 15.46
CA PHE A 612 9.54 24.12 14.37
C PHE A 612 10.84 23.56 13.76
N ARG A 613 11.84 24.43 13.55
CA ARG A 613 13.15 23.95 13.10
C ARG A 613 13.76 22.93 14.05
N THR A 614 13.54 23.08 15.35
CA THR A 614 14.08 22.12 16.31
C THR A 614 13.32 20.81 16.30
N VAL A 615 12.00 20.88 16.10
CA VAL A 615 11.23 19.65 15.96
C VAL A 615 11.65 18.86 14.72
N LEU A 616 11.84 19.55 13.59
CA LEU A 616 12.35 18.85 12.42
C LEU A 616 13.79 18.36 12.60
N GLU A 617 14.57 19.01 13.47
CA GLU A 617 15.87 18.45 13.84
C GLU A 617 15.72 17.14 14.59
N LEU A 618 14.89 17.13 15.64
CA LEU A 618 14.68 15.90 16.40
C LEU A 618 14.16 14.77 15.53
N VAL A 619 13.22 15.07 14.63
CA VAL A 619 12.73 14.04 13.69
C VAL A 619 13.84 13.58 12.76
N THR A 620 14.77 14.45 12.39
CA THR A 620 15.93 14.02 11.61
C THR A 620 16.85 13.10 12.41
N GLN A 621 17.00 13.36 13.71
CA GLN A 621 17.82 12.54 14.60
C GLN A 621 17.11 11.28 15.12
N TYR A 622 16.02 10.88 14.46
CA TYR A 622 15.21 9.73 14.93
C TYR A 622 16.10 8.53 15.29
N GLN A 623 17.32 8.48 14.73
CA GLN A 623 18.19 7.30 14.96
C GLN A 623 18.48 7.16 16.47
N GLN A 624 18.47 8.29 17.20
CA GLN A 624 18.68 8.24 18.68
C GLN A 624 17.52 8.96 19.38
N LEU A 625 16.46 8.21 19.73
CA LEU A 625 15.29 8.83 20.41
C LEU A 625 15.06 8.15 21.77
N CYS A 626 15.64 8.69 22.85
CA CYS A 626 15.41 8.14 24.20
C CYS A 626 14.67 9.20 25.03
N ILE A 627 13.35 9.11 25.15
CA ILE A 627 12.61 10.16 25.85
C ILE A 627 11.63 9.52 26.80
N PHE A 628 11.60 10.02 28.05
CA PHE A 628 10.53 9.70 28.98
C PHE A 628 10.45 10.80 30.04
N TRP A 629 9.32 10.86 30.72
CA TRP A 629 9.11 11.83 31.80
C TRP A 629 8.71 11.10 33.08
N LYS A 630 9.45 11.37 34.17
CA LYS A 630 9.18 10.79 35.48
C LYS A 630 8.10 11.55 36.25
N VAL A 631 7.03 11.95 35.57
CA VAL A 631 5.98 12.75 36.20
C VAL A 631 5.06 11.87 37.03
N ASN A 632 4.49 10.84 36.41
CA ASN A 632 3.53 9.96 37.09
C ASN A 632 4.14 8.66 37.60
N TYR A 633 5.27 8.25 37.02
CA TYR A 633 5.90 6.96 37.41
C TYR A 633 7.40 7.18 37.57
N ASN A 634 8.01 6.50 38.55
CA ASN A 634 9.47 6.67 38.82
C ASN A 634 10.07 5.31 39.14
N PHE A 635 11.39 5.27 39.38
CA PHE A 635 12.09 3.98 39.68
C PHE A 635 11.95 3.67 41.17
N GLU A 636 11.10 4.41 41.87
CA GLU A 636 10.93 4.21 43.34
C GLU A 636 10.36 2.82 43.63
N ASP A 637 9.38 2.37 42.85
CA ASP A 637 8.72 1.07 43.14
C ASP A 637 9.60 -0.09 42.66
N GLU A 638 9.44 -1.27 43.27
CA GLU A 638 10.23 -2.44 42.90
C GLU A 638 9.81 -3.08 41.58
N THR A 639 8.54 -3.01 41.19
CA THR A 639 8.15 -3.53 39.88
C THR A 639 8.14 -2.48 38.78
N VAL A 640 7.75 -1.24 39.09
CA VAL A 640 7.81 -0.17 38.10
C VAL A 640 9.25 0.05 37.64
N ARG A 641 10.20 0.10 38.58
CA ARG A 641 11.60 0.25 38.18
C ARG A 641 12.06 -0.91 37.31
N LYS A 642 11.67 -2.13 37.67
CA LYS A 642 12.05 -3.33 36.94
C LYS A 642 11.52 -3.32 35.51
N PHE A 643 10.30 -2.83 35.33
CA PHE A 643 9.72 -2.73 33.99
C PHE A 643 10.29 -1.55 33.20
N LEU A 644 10.41 -0.40 33.85
CA LEU A 644 10.85 0.83 33.18
C LEU A 644 12.30 0.72 32.70
N LEU A 645 13.17 0.07 33.48
CA LEU A 645 14.52 -0.19 32.99
C LEU A 645 14.55 -1.20 31.84
N SER A 646 13.44 -1.89 31.59
CA SER A 646 13.38 -2.81 30.43
C SER A 646 13.03 -2.03 29.15
N GLN A 647 11.94 -1.25 29.19
CA GLN A 647 11.47 -0.53 27.96
C GLN A 647 12.54 0.46 27.47
N LEU A 648 13.32 1.04 28.39
CA LEU A 648 14.34 2.06 28.00
C LEU A 648 15.40 1.38 27.13
N GLN A 649 15.33 0.05 26.99
CA GLN A 649 16.32 -0.71 26.19
C GLN A 649 15.59 -1.48 25.08
N LYS A 650 14.30 -1.22 24.88
CA LYS A 650 13.50 -1.99 23.89
C LYS A 650 14.08 -1.77 22.48
N THR A 651 14.10 -0.52 22.01
CA THR A 651 14.63 -0.21 20.66
C THR A 651 15.19 1.20 20.67
N ARG A 652 16.09 1.52 19.74
CA ARG A 652 16.72 2.87 19.70
C ARG A 652 15.64 3.96 19.81
N PRO A 653 14.64 4.06 18.90
CA PRO A 653 13.57 5.05 19.07
C PRO A 653 12.64 4.62 20.19
N VAL A 654 12.56 5.43 21.24
CA VAL A 654 11.66 5.13 22.34
C VAL A 654 11.15 6.42 22.98
N ILE A 655 9.84 6.61 22.96
CA ILE A 655 9.19 7.81 23.46
C ILE A 655 8.06 7.34 24.37
N LEU A 656 8.33 7.20 25.66
CA LEU A 656 7.36 6.65 26.59
C LEU A 656 6.31 7.68 26.93
N ASP A 657 5.05 7.29 26.81
CA ASP A 657 3.93 8.16 27.16
C ASP A 657 4.06 8.58 28.62
N PRO A 658 4.05 9.88 28.92
CA PRO A 658 4.15 10.32 30.32
C PRO A 658 3.02 9.84 31.20
N ALA A 659 1.88 9.43 30.63
CA ALA A 659 0.80 8.89 31.44
C ALA A 659 0.97 7.43 31.80
N GLU A 660 1.80 6.69 31.06
CA GLU A 660 1.70 5.23 31.10
C GLU A 660 3.00 4.60 30.62
N PRO A 661 3.68 3.82 31.47
CA PRO A 661 4.99 3.29 31.08
C PRO A 661 4.96 2.29 29.94
N THR A 662 3.88 1.53 29.79
CA THR A 662 3.71 0.62 28.67
C THR A 662 3.33 1.31 27.37
N GLY A 663 3.21 2.64 27.36
CA GLY A 663 2.64 3.30 26.20
C GLY A 663 3.55 3.25 24.98
N ASP A 664 4.83 3.57 25.17
CA ASP A 664 5.87 3.44 24.16
C ASP A 664 5.36 3.87 22.77
N VAL A 665 4.92 5.13 22.71
CA VAL A 665 4.15 5.59 21.57
C VAL A 665 5.05 5.91 20.38
N GLY A 666 6.31 6.30 20.65
CA GLY A 666 7.30 6.35 19.60
C GLY A 666 7.88 4.99 19.26
N GLY A 667 7.05 4.13 18.67
CA GLY A 667 7.37 2.72 18.49
C GLY A 667 8.68 2.47 17.77
N GLY A 668 9.47 1.54 18.28
CA GLY A 668 10.90 1.54 18.03
C GLY A 668 11.31 1.06 16.66
N ASP A 669 10.64 0.03 16.14
CA ASP A 669 11.09 -0.66 14.95
C ASP A 669 9.97 -0.91 13.97
N ARG A 670 8.74 -0.53 14.32
CA ARG A 670 7.55 -0.87 13.55
C ARG A 670 7.17 0.23 12.56
N TRP A 671 7.29 1.49 12.96
CA TRP A 671 6.74 2.60 12.18
C TRP A 671 7.77 3.19 11.23
N CYS A 672 7.26 3.80 10.14
CA CYS A 672 8.15 4.31 9.06
C CYS A 672 8.75 5.69 9.41
N TRP A 673 9.41 5.80 10.56
CA TRP A 673 10.11 7.03 10.93
C TRP A 673 11.02 7.54 9.81
N HIS A 674 11.62 6.62 9.07
CA HIS A 674 12.57 7.02 7.99
C HIS A 674 11.89 7.99 7.01
N LEU A 675 10.63 7.72 6.65
CA LEU A 675 9.96 8.61 5.68
C LEU A 675 9.85 10.03 6.22
N LEU A 676 9.47 10.18 7.49
CA LEU A 676 9.48 11.51 8.09
C LEU A 676 10.87 12.11 8.21
N ALA A 677 11.91 11.30 8.40
CA ALA A 677 13.25 11.87 8.42
C ALA A 677 13.69 12.34 7.04
N LYS A 678 13.32 11.62 5.98
CA LYS A 678 13.59 12.08 4.62
C LYS A 678 12.81 13.35 4.29
N GLU A 679 11.55 13.41 4.71
CA GLU A 679 10.75 14.61 4.46
C GLU A 679 11.26 15.81 5.25
N ALA A 680 11.61 15.62 6.52
CA ALA A 680 12.24 16.69 7.28
C ALA A 680 13.51 17.19 6.59
N LYS A 681 14.39 16.27 6.16
CA LYS A 681 15.59 16.69 5.45
C LYS A 681 15.27 17.46 4.18
N GLU A 682 14.11 17.21 3.56
CA GLU A 682 13.67 18.04 2.43
C GLU A 682 13.17 19.41 2.88
N TRP A 683 12.36 19.45 3.94
CA TRP A 683 11.81 20.70 4.47
C TRP A 683 12.86 21.67 5.01
N LEU A 684 14.03 21.19 5.41
CA LEU A 684 15.06 22.11 5.90
C LEU A 684 15.54 23.12 4.85
N SER A 685 15.18 22.97 3.58
CA SER A 685 15.42 23.99 2.57
C SER A 685 14.38 25.11 2.59
N SER A 686 13.30 24.97 3.35
CA SER A 686 12.11 25.81 3.18
C SER A 686 12.38 27.30 3.48
N PRO A 687 11.68 28.18 2.76
CA PRO A 687 11.55 29.59 3.19
C PRO A 687 11.21 29.80 4.66
N CYS A 688 10.49 28.86 5.29
CA CYS A 688 10.13 29.00 6.70
C CYS A 688 11.35 29.13 7.60
N PHE A 689 12.50 28.61 7.17
CA PHE A 689 13.69 28.59 8.01
C PHE A 689 14.74 29.59 7.54
N LYS A 690 14.32 30.63 6.81
CA LYS A 690 15.18 31.72 6.43
C LYS A 690 14.64 33.02 7.00
N ASP A 691 15.48 33.75 7.72
CA ASP A 691 15.10 35.01 8.34
C ASP A 691 14.84 36.06 7.26
N GLY A 692 14.33 37.22 7.68
CA GLY A 692 14.06 38.29 6.75
C GLY A 692 15.28 38.80 6.01
N THR A 693 16.47 38.60 6.58
CA THR A 693 17.72 38.89 5.90
C THR A 693 18.10 37.82 4.89
N GLY A 694 17.47 36.65 4.93
CA GLY A 694 17.83 35.52 4.12
C GLY A 694 18.82 34.55 4.73
N ASN A 695 19.35 34.85 5.92
CA ASN A 695 20.22 33.90 6.59
C ASN A 695 19.42 32.81 7.29
N PRO A 696 20.02 31.63 7.50
CA PRO A 696 19.27 30.50 8.04
C PRO A 696 19.00 30.64 9.54
N ILE A 697 17.93 29.97 9.97
CA ILE A 697 17.50 29.97 11.37
C ILE A 697 18.00 28.68 12.01
N PRO A 698 18.75 28.75 13.11
CA PRO A 698 19.34 27.54 13.68
C PRO A 698 18.39 26.88 14.66
N PRO A 699 18.53 25.57 14.88
CA PRO A 699 17.78 24.89 15.94
C PRO A 699 18.31 25.23 17.32
N TRP A 700 17.46 24.99 18.32
CA TRP A 700 17.92 24.98 19.70
C TRP A 700 18.77 23.75 19.98
N LYS A 701 19.69 23.89 20.95
CA LYS A 701 20.60 22.82 21.34
C LYS A 701 19.89 21.88 22.30
N VAL A 702 19.19 20.90 21.75
CA VAL A 702 18.43 19.93 22.53
C VAL A 702 19.18 18.61 22.58
N PRO A 703 19.37 18.01 23.75
CA PRO A 703 19.90 16.65 23.81
C PRO A 703 18.94 15.64 23.19
N THR A 704 19.51 14.64 22.52
CA THR A 704 18.72 13.58 21.90
C THR A 704 18.43 12.40 22.82
N MET A 705 19.19 12.25 23.91
CA MET A 705 18.97 11.17 24.87
C MET A 705 18.71 11.75 26.25
N GLN A 706 17.61 11.34 26.86
CA GLN A 706 17.14 11.93 28.11
C GLN A 706 16.47 10.86 28.97
N GLN B 27 -15.42 -45.00 -11.61
CA GLN B 27 -15.70 -43.77 -12.34
C GLN B 27 -14.48 -42.87 -12.38
N LEU B 28 -14.15 -42.29 -11.22
CA LEU B 28 -13.23 -41.16 -11.13
C LEU B 28 -11.97 -41.34 -11.99
N SER B 29 -11.26 -42.45 -11.79
CA SER B 29 -9.97 -42.67 -12.44
C SER B 29 -10.07 -42.75 -13.96
N SER B 30 -11.26 -43.00 -14.51
CA SER B 30 -11.40 -43.05 -15.97
C SER B 30 -11.54 -41.66 -16.59
N VAL B 31 -11.82 -40.64 -15.81
CA VAL B 31 -12.01 -39.29 -16.36
C VAL B 31 -10.65 -38.67 -16.63
N PRO B 32 -10.40 -38.17 -17.85
CA PRO B 32 -9.13 -37.51 -18.14
C PRO B 32 -8.95 -36.24 -17.32
N ALA B 33 -7.71 -35.75 -17.31
CA ALA B 33 -7.40 -34.54 -16.55
C ALA B 33 -8.16 -33.34 -17.09
N GLN B 34 -8.23 -33.18 -18.40
CA GLN B 34 -9.19 -32.26 -19.00
C GLN B 34 -10.61 -32.73 -18.76
N LYS B 35 -11.53 -31.76 -18.62
CA LYS B 35 -12.95 -31.95 -18.28
C LYS B 35 -13.20 -32.36 -16.84
N LEU B 36 -12.20 -32.33 -15.96
CA LEU B 36 -12.47 -32.50 -14.54
C LEU B 36 -13.42 -31.44 -14.00
N GLY B 37 -13.35 -30.21 -14.52
CA GLY B 37 -14.33 -29.21 -14.14
C GLY B 37 -15.74 -29.59 -14.52
N TRP B 38 -15.91 -30.21 -15.68
CA TRP B 38 -17.20 -30.77 -16.06
C TRP B 38 -17.62 -31.89 -15.10
N PHE B 39 -16.71 -32.81 -14.79
CA PHE B 39 -17.06 -33.90 -13.89
C PHE B 39 -17.51 -33.38 -12.53
N ILE B 40 -16.82 -32.36 -12.00
CA ILE B 40 -17.20 -31.72 -10.75
C ILE B 40 -18.59 -31.09 -10.85
N GLN B 41 -18.86 -30.35 -11.93
CA GLN B 41 -20.18 -29.76 -12.09
C GLN B 41 -21.27 -30.81 -12.28
N GLU B 42 -20.96 -31.92 -12.93
CA GLU B 42 -21.94 -32.95 -13.26
C GLU B 42 -22.30 -33.82 -12.07
N TYR B 43 -21.34 -34.21 -11.25
CA TYR B 43 -21.58 -35.21 -10.21
C TYR B 43 -21.42 -34.70 -8.79
N LEU B 44 -20.46 -33.81 -8.53
CA LEU B 44 -20.10 -33.51 -7.15
C LEU B 44 -20.86 -32.32 -6.56
N LYS B 45 -21.03 -31.24 -7.31
CA LYS B 45 -21.57 -30.02 -6.73
C LYS B 45 -23.06 -30.18 -6.44
N PRO B 46 -23.55 -29.69 -5.29
CA PRO B 46 -24.98 -29.78 -4.98
C PRO B 46 -25.84 -29.01 -5.95
N TYR B 47 -27.09 -29.46 -6.11
CA TYR B 47 -28.06 -28.68 -6.88
C TYR B 47 -28.43 -27.40 -6.14
N GLU B 48 -28.42 -26.28 -6.88
CA GLU B 48 -28.84 -25.00 -6.33
C GLU B 48 -30.30 -25.01 -5.92
N GLU B 49 -31.14 -25.77 -6.65
CA GLU B 49 -32.55 -25.93 -6.30
C GLU B 49 -32.76 -26.58 -4.93
N CYS B 50 -31.84 -27.43 -4.51
CA CYS B 50 -31.90 -28.09 -3.21
C CYS B 50 -31.29 -27.20 -2.13
N GLN B 51 -30.11 -26.66 -2.43
CA GLN B 51 -29.41 -25.75 -1.53
C GLN B 51 -30.30 -24.60 -1.08
N THR B 52 -31.04 -23.98 -2.01
CA THR B 52 -31.88 -22.85 -1.64
C THR B 52 -33.03 -23.21 -0.70
N LEU B 53 -33.33 -24.49 -0.50
CA LEU B 53 -34.19 -24.86 0.63
C LEU B 53 -33.37 -25.10 1.89
N ILE B 54 -32.36 -25.98 1.82
CA ILE B 54 -31.65 -26.36 3.04
C ILE B 54 -31.09 -25.15 3.78
N ASP B 55 -30.48 -24.18 3.08
CA ASP B 55 -29.88 -23.08 3.86
C ASP B 55 -30.94 -22.23 4.56
N GLU B 56 -32.14 -22.14 3.99
CA GLU B 56 -33.22 -21.46 4.70
C GLU B 56 -33.78 -22.29 5.83
N MET B 57 -33.75 -23.61 5.70
CA MET B 57 -34.07 -24.49 6.82
C MET B 57 -33.12 -24.26 7.98
N VAL B 58 -31.83 -24.23 7.70
CA VAL B 58 -30.83 -24.01 8.73
C VAL B 58 -30.93 -22.62 9.34
N ASN B 59 -31.19 -21.60 8.50
CA ASN B 59 -31.44 -20.26 9.03
C ASN B 59 -32.64 -20.23 9.98
N THR B 60 -33.74 -20.89 9.61
CA THR B 60 -34.90 -20.91 10.49
C THR B 60 -34.61 -21.62 11.80
N ILE B 61 -33.93 -22.76 11.73
CA ILE B 61 -33.50 -23.47 12.94
C ILE B 61 -32.64 -22.57 13.83
N CYS B 62 -31.67 -21.87 13.24
CA CYS B 62 -30.80 -20.99 14.00
C CYS B 62 -31.58 -19.84 14.65
N ASP B 63 -32.61 -19.33 13.97
CA ASP B 63 -33.45 -18.31 14.57
C ASP B 63 -34.24 -18.86 15.75
N VAL B 64 -34.89 -20.00 15.58
CA VAL B 64 -35.69 -20.58 16.66
C VAL B 64 -34.83 -20.90 17.88
N LEU B 65 -33.63 -21.45 17.66
CA LEU B 65 -32.73 -21.73 18.78
C LEU B 65 -32.26 -20.48 19.51
N GLN B 66 -32.33 -19.31 18.87
CA GLN B 66 -31.90 -18.06 19.49
C GLN B 66 -33.05 -17.25 20.07
N GLU B 67 -34.24 -17.83 20.20
CA GLU B 67 -35.34 -17.07 20.88
C GLU B 67 -35.39 -17.45 22.36
N PRO B 68 -35.15 -16.51 23.30
CA PRO B 68 -35.11 -16.83 24.73
C PRO B 68 -36.49 -17.16 25.29
N PHE B 71 -35.47 -20.41 25.15
CA PHE B 71 -34.19 -21.07 24.88
C PHE B 71 -33.37 -19.93 25.49
N PRO B 72 -33.73 -19.51 26.70
CA PRO B 72 -33.16 -18.27 27.26
C PRO B 72 -31.66 -18.36 27.51
N LEU B 73 -31.11 -19.57 27.67
CA LEU B 73 -29.68 -19.73 27.90
C LEU B 73 -28.85 -19.64 26.62
N VAL B 74 -29.44 -19.80 25.45
CA VAL B 74 -28.67 -19.79 24.21
C VAL B 74 -28.33 -18.33 23.88
N GLN B 75 -27.05 -17.97 24.05
CA GLN B 75 -26.58 -16.65 23.63
C GLN B 75 -26.43 -16.55 22.12
N GLY B 76 -26.14 -17.65 21.44
CA GLY B 76 -26.01 -17.64 20.00
C GLY B 76 -25.67 -19.03 19.51
N VAL B 77 -25.57 -19.15 18.18
CA VAL B 77 -25.14 -20.38 17.53
C VAL B 77 -24.11 -20.07 16.46
N ALA B 78 -23.26 -21.07 16.19
CA ALA B 78 -22.30 -21.05 15.10
C ALA B 78 -22.30 -22.42 14.44
N ILE B 79 -22.04 -22.44 13.14
CA ILE B 79 -22.18 -23.66 12.33
C ILE B 79 -20.80 -24.15 11.93
N GLY B 80 -20.52 -25.42 12.21
CA GLY B 80 -19.24 -26.02 11.92
C GLY B 80 -19.34 -27.15 10.91
N GLY B 81 -18.28 -27.93 10.78
CA GLY B 81 -18.24 -29.01 9.80
C GLY B 81 -18.29 -28.58 8.35
N SER B 82 -18.50 -29.59 7.50
CA SER B 82 -18.51 -29.37 6.05
C SER B 82 -19.56 -28.35 5.60
N TYR B 83 -20.71 -28.31 6.28
CA TYR B 83 -21.68 -27.26 6.00
C TYR B 83 -21.15 -25.90 6.42
N GLY B 84 -20.56 -25.81 7.61
CA GLY B 84 -20.05 -24.54 8.09
C GLY B 84 -18.96 -23.96 7.21
N ARG B 85 -18.13 -24.82 6.61
CA ARG B 85 -17.09 -24.38 5.69
C ARG B 85 -17.57 -24.16 4.26
N LYS B 86 -18.83 -24.46 3.95
CA LYS B 86 -19.35 -24.40 2.58
C LYS B 86 -18.57 -25.28 1.62
N THR B 87 -18.43 -26.55 1.97
CA THR B 87 -17.71 -27.55 1.20
C THR B 87 -18.53 -28.84 1.10
N VAL B 88 -19.85 -28.70 1.04
CA VAL B 88 -20.75 -29.85 0.99
C VAL B 88 -20.80 -30.49 -0.39
N LEU B 89 -20.68 -31.82 -0.41
CA LEU B 89 -20.88 -32.69 -1.57
C LEU B 89 -22.35 -32.99 -1.80
N ARG B 90 -22.65 -33.47 -3.01
CA ARG B 90 -24.04 -33.65 -3.43
C ARG B 90 -24.81 -34.58 -2.50
N GLY B 91 -24.15 -35.63 -1.98
CA GLY B 91 -24.83 -36.64 -1.19
C GLY B 91 -25.13 -36.31 0.26
N ASN B 92 -25.20 -37.37 1.07
CA ASN B 92 -25.22 -37.24 2.52
C ASN B 92 -23.94 -36.58 3.01
N SER B 93 -24.07 -35.66 3.96
CA SER B 93 -22.94 -34.79 4.26
C SER B 93 -22.90 -34.37 5.71
N ASP B 94 -21.69 -34.05 6.15
CA ASP B 94 -21.37 -33.76 7.54
C ASP B 94 -21.73 -32.31 7.89
N GLY B 95 -22.22 -32.10 9.10
CA GLY B 95 -22.24 -30.75 9.64
C GLY B 95 -22.28 -30.81 11.16
N THR B 96 -22.07 -29.65 11.77
CA THR B 96 -22.39 -29.41 13.18
C THR B 96 -22.97 -28.02 13.35
N LEU B 97 -23.69 -27.83 14.46
CA LEU B 97 -24.00 -26.50 14.96
C LEU B 97 -23.76 -26.48 16.47
N VAL B 98 -23.16 -25.38 16.92
CA VAL B 98 -22.67 -25.23 18.29
C VAL B 98 -23.56 -24.24 19.03
N LEU B 99 -24.00 -24.62 20.23
CA LEU B 99 -24.82 -23.75 21.08
C LEU B 99 -23.95 -23.15 22.17
N PHE B 100 -23.97 -21.81 22.25
CA PHE B 100 -23.22 -21.04 23.25
C PHE B 100 -24.11 -20.76 24.46
N PHE B 101 -24.15 -21.70 25.40
CA PHE B 101 -24.97 -21.51 26.60
C PHE B 101 -24.34 -20.49 27.54
N SER B 102 -25.20 -19.64 28.12
CA SER B 102 -24.76 -18.46 28.86
C SER B 102 -24.00 -18.81 30.13
N ASP B 103 -24.25 -19.98 30.72
CA ASP B 103 -23.52 -20.37 31.92
C ASP B 103 -22.11 -20.86 31.63
N LEU B 104 -21.78 -21.11 30.37
CA LEU B 104 -20.42 -21.47 29.99
C LEU B 104 -19.56 -20.21 29.91
N LYS B 105 -18.53 -20.15 30.74
CA LYS B 105 -17.79 -18.92 30.99
C LYS B 105 -16.27 -19.09 30.98
N GLN B 106 -15.76 -20.30 31.09
CA GLN B 106 -14.34 -20.58 30.92
C GLN B 106 -14.18 -21.90 30.19
N PHE B 107 -12.98 -22.10 29.63
CA PHE B 107 -12.70 -23.30 28.84
C PHE B 107 -13.00 -24.58 29.59
N GLN B 108 -12.71 -24.64 30.90
CA GLN B 108 -12.99 -25.83 31.68
C GLN B 108 -14.48 -26.16 31.81
N ASP B 109 -15.37 -25.23 31.48
CA ASP B 109 -16.79 -25.54 31.38
C ASP B 109 -17.11 -26.53 30.26
N GLN B 110 -16.18 -26.78 29.34
CA GLN B 110 -16.35 -27.89 28.39
C GLN B 110 -16.36 -29.24 29.09
N LYS B 111 -15.65 -29.38 30.20
CA LYS B 111 -15.39 -30.68 30.78
C LYS B 111 -16.55 -31.21 31.62
N ARG B 112 -17.38 -30.35 32.20
CA ARG B 112 -18.54 -30.81 32.96
C ARG B 112 -19.61 -31.39 32.04
N SER B 113 -19.85 -32.70 32.20
CA SER B 113 -20.70 -33.47 31.29
C SER B 113 -22.15 -33.00 31.26
N GLN B 114 -22.61 -32.30 32.30
CA GLN B 114 -23.99 -31.85 32.43
C GLN B 114 -24.52 -31.10 31.20
N ARG B 115 -23.61 -30.60 30.35
CA ARG B 115 -24.06 -30.09 29.06
C ARG B 115 -24.86 -31.12 28.27
N ASP B 116 -24.62 -32.42 28.50
CA ASP B 116 -25.49 -33.41 27.86
C ASP B 116 -26.92 -33.37 28.43
N ILE B 117 -27.07 -33.02 29.71
CA ILE B 117 -28.41 -32.83 30.27
C ILE B 117 -29.08 -31.63 29.62
N LEU B 118 -28.36 -30.52 29.55
CA LEU B 118 -28.89 -29.32 28.89
C LEU B 118 -29.23 -29.60 27.43
N ASP B 119 -28.37 -30.32 26.72
CA ASP B 119 -28.67 -30.76 25.37
C ASP B 119 -29.93 -31.61 25.28
N LYS B 120 -30.11 -32.56 26.19
CA LYS B 120 -31.34 -33.37 26.17
C LYS B 120 -32.61 -32.56 26.45
N THR B 121 -32.53 -31.52 27.29
CA THR B 121 -33.67 -30.61 27.40
C THR B 121 -33.85 -29.77 26.14
N GLY B 122 -32.76 -29.30 25.54
CA GLY B 122 -32.86 -28.57 24.29
C GLY B 122 -33.49 -29.41 23.19
N ASP B 123 -33.11 -30.68 23.13
CA ASP B 123 -33.76 -31.68 22.27
C ASP B 123 -35.25 -31.73 22.53
N LYS B 124 -35.64 -32.01 23.77
CA LYS B 124 -37.07 -32.14 24.10
C LYS B 124 -37.87 -30.91 23.69
N LEU B 125 -37.34 -29.72 23.93
CA LEU B 125 -37.99 -28.50 23.44
C LEU B 125 -38.01 -28.42 21.91
N LYS B 126 -36.84 -28.52 21.27
CA LYS B 126 -36.71 -28.28 19.83
C LYS B 126 -37.46 -29.30 18.98
N PHE B 127 -37.68 -30.51 19.48
CA PHE B 127 -38.49 -31.48 18.74
C PHE B 127 -39.95 -31.05 18.68
N CYS B 128 -40.44 -30.36 19.71
CA CYS B 128 -41.80 -29.83 19.69
C CYS B 128 -41.88 -28.50 18.96
N LEU B 129 -40.84 -27.67 19.06
CA LEU B 129 -40.78 -26.38 18.38
C LEU B 129 -40.49 -26.60 16.90
N PHE B 130 -41.53 -26.55 16.07
CA PHE B 130 -41.38 -26.54 14.62
C PHE B 130 -42.39 -25.56 14.03
N THR B 131 -42.10 -25.10 12.81
CA THR B 131 -42.90 -24.04 12.19
C THR B 131 -43.09 -24.29 10.71
N LYS B 132 -44.19 -23.75 10.18
CA LYS B 132 -44.55 -23.72 8.75
C LYS B 132 -44.39 -25.11 8.13
N TRP B 133 -43.67 -25.25 7.01
CA TRP B 133 -43.52 -26.52 6.31
C TRP B 133 -42.56 -27.47 7.01
N LEU B 134 -41.76 -26.98 7.94
CA LEU B 134 -40.49 -27.60 8.31
C LEU B 134 -40.68 -28.95 9.00
N LYS B 135 -41.84 -29.20 9.60
CA LYS B 135 -42.15 -30.49 10.21
C LYS B 135 -42.02 -31.66 9.24
N ASN B 136 -42.13 -31.41 7.93
CA ASN B 136 -41.97 -32.47 6.94
C ASN B 136 -40.51 -32.82 6.67
N ASN B 137 -39.56 -31.98 7.09
CA ASN B 137 -38.17 -32.15 6.69
C ASN B 137 -37.16 -32.20 7.84
N PHE B 138 -37.54 -31.78 9.05
CA PHE B 138 -36.75 -32.12 10.22
C PHE B 138 -36.79 -33.62 10.51
N GLU B 139 -35.74 -34.10 11.18
CA GLU B 139 -35.80 -35.38 11.89
C GLU B 139 -34.82 -35.31 13.06
N ILE B 140 -35.34 -34.94 14.24
CA ILE B 140 -34.52 -34.92 15.44
C ILE B 140 -34.29 -36.35 15.92
N GLN B 141 -33.08 -36.64 16.38
CA GLN B 141 -32.69 -38.01 16.70
C GLN B 141 -31.90 -38.03 18.01
N LYS B 142 -32.27 -38.95 18.89
CA LYS B 142 -31.56 -39.14 20.15
C LYS B 142 -30.13 -39.61 19.92
N SER B 143 -29.24 -39.20 20.81
CA SER B 143 -27.84 -39.60 20.75
C SER B 143 -27.21 -39.43 22.13
N LEU B 144 -26.12 -40.16 22.34
CA LEU B 144 -25.26 -40.00 23.50
C LEU B 144 -24.48 -38.68 23.47
N ASP B 145 -24.20 -38.17 24.67
CA ASP B 145 -23.52 -36.88 24.87
C ASP B 145 -24.21 -35.73 24.14
N GLY B 146 -25.52 -35.77 24.11
CA GLY B 146 -26.32 -34.74 23.48
C GLY B 146 -26.95 -35.22 22.18
N PHE B 147 -28.03 -34.54 21.80
CA PHE B 147 -28.84 -34.96 20.68
C PHE B 147 -28.17 -34.60 19.34
N THR B 148 -28.87 -34.95 18.26
CA THR B 148 -28.49 -34.61 16.90
C THR B 148 -29.75 -34.26 16.14
N ILE B 149 -29.60 -33.50 15.05
CA ILE B 149 -30.70 -33.15 14.18
C ILE B 149 -30.28 -33.37 12.74
N GLN B 150 -31.17 -33.95 11.95
CA GLN B 150 -30.98 -34.07 10.51
C GLN B 150 -31.96 -33.20 9.76
N VAL B 151 -31.53 -32.71 8.61
CA VAL B 151 -32.35 -31.92 7.70
C VAL B 151 -32.13 -32.48 6.30
N PHE B 152 -33.21 -32.74 5.57
CA PHE B 152 -33.02 -33.41 4.25
C PHE B 152 -33.95 -32.82 3.20
N THR B 153 -33.47 -32.75 1.95
CA THR B 153 -34.30 -32.25 0.82
C THR B 153 -33.97 -33.09 -0.40
N LYS B 154 -34.69 -32.90 -1.51
CA LYS B 154 -34.48 -33.76 -2.70
C LYS B 154 -32.98 -33.89 -3.03
N ASN B 155 -32.48 -35.13 -3.10
CA ASN B 155 -31.05 -35.38 -3.48
C ASN B 155 -30.08 -34.69 -2.51
N GLN B 156 -30.37 -34.69 -1.21
CA GLN B 156 -29.42 -34.14 -0.21
C GLN B 156 -29.85 -34.55 1.20
N ARG B 157 -28.89 -34.65 2.14
CA ARG B 157 -29.23 -34.98 3.54
C ARG B 157 -28.12 -34.47 4.47
N ILE B 158 -28.38 -33.41 5.23
CA ILE B 158 -27.40 -32.88 6.17
C ILE B 158 -27.62 -33.52 7.54
N SER B 159 -26.55 -34.00 8.15
CA SER B 159 -26.57 -34.49 9.52
C SER B 159 -25.78 -33.54 10.42
N PHE B 160 -26.46 -32.96 11.42
CA PHE B 160 -25.81 -32.03 12.35
C PHE B 160 -25.56 -32.70 13.70
N GLU B 161 -24.29 -32.80 14.08
CA GLU B 161 -23.92 -32.95 15.48
C GLU B 161 -24.23 -31.67 16.23
N VAL B 162 -24.88 -31.77 17.39
CA VAL B 162 -25.15 -30.61 18.23
C VAL B 162 -24.25 -30.65 19.46
N LEU B 163 -23.52 -29.55 19.70
CA LEU B 163 -22.50 -29.47 20.73
C LEU B 163 -22.70 -28.21 21.55
N ALA B 164 -22.19 -28.23 22.78
CA ALA B 164 -22.19 -27.04 23.63
C ALA B 164 -20.76 -26.52 23.78
N ALA B 165 -20.58 -25.20 23.64
CA ALA B 165 -19.26 -24.62 23.81
C ALA B 165 -19.34 -23.29 24.55
N PHE B 166 -18.34 -23.05 25.39
CA PHE B 166 -17.95 -21.70 25.80
C PHE B 166 -17.50 -20.91 24.58
N ASN B 167 -18.17 -19.79 24.30
CA ASN B 167 -17.77 -18.92 23.20
C ASN B 167 -16.53 -18.13 23.61
N ALA B 168 -15.37 -18.78 23.45
CA ALA B 168 -14.10 -18.18 23.85
C ALA B 168 -13.82 -16.85 23.14
N LEU B 169 -14.28 -16.73 21.90
CA LEU B 169 -14.09 -15.48 21.15
C LEU B 169 -14.71 -14.27 21.83
N SER B 170 -15.81 -14.49 22.55
CA SER B 170 -16.51 -13.37 23.24
C SER B 170 -15.51 -12.56 24.07
N LEU B 171 -14.39 -13.18 24.48
CA LEU B 171 -13.39 -12.48 25.32
C LEU B 171 -12.86 -11.24 24.56
N ASN B 172 -12.57 -11.40 23.27
CA ASN B 172 -12.05 -10.27 22.45
C ASN B 172 -12.55 -10.43 21.01
N ASN B 174 -12.39 -10.92 18.20
CA ASN B 174 -11.04 -10.91 17.56
C ASN B 174 -10.11 -11.83 18.33
N PRO B 175 -9.35 -12.74 17.68
CA PRO B 175 -8.46 -13.72 18.36
C PRO B 175 -7.21 -13.02 18.89
N SER B 176 -7.38 -12.19 19.93
CA SER B 176 -6.24 -11.43 20.50
C SER B 176 -5.30 -12.37 21.26
N PRO B 177 -4.01 -12.02 21.46
CA PRO B 177 -3.01 -12.89 22.15
C PRO B 177 -3.57 -13.37 23.49
N TRP B 178 -4.19 -12.46 24.25
CA TRP B 178 -4.66 -12.84 25.58
C TRP B 178 -5.64 -14.00 25.53
N ILE B 179 -6.38 -14.17 24.44
CA ILE B 179 -7.30 -15.29 24.33
C ILE B 179 -6.54 -16.61 24.31
N TYR B 180 -5.50 -16.70 23.49
CA TYR B 180 -4.70 -17.91 23.43
C TYR B 180 -3.82 -18.10 24.67
N ARG B 181 -3.44 -17.02 25.35
CA ARG B 181 -2.78 -17.15 26.65
C ARG B 181 -3.72 -17.76 27.69
N GLU B 182 -4.97 -17.29 27.74
CA GLU B 182 -5.95 -17.88 28.64
C GLU B 182 -6.27 -19.32 28.25
N LEU B 183 -6.28 -19.61 26.95
CA LEU B 183 -6.43 -20.99 26.48
C LEU B 183 -5.32 -21.88 27.03
N LYS B 184 -4.06 -21.50 26.80
CA LYS B 184 -2.95 -22.34 27.27
C LYS B 184 -2.96 -22.50 28.79
N ARG B 185 -3.19 -21.42 29.53
CA ARG B 185 -3.38 -21.50 30.98
C ARG B 185 -4.46 -22.50 31.37
N SER B 186 -5.61 -22.46 30.71
CA SER B 186 -6.68 -23.40 31.05
C SER B 186 -6.30 -24.83 30.68
N LEU B 187 -5.66 -25.01 29.52
CA LEU B 187 -5.23 -26.33 29.09
C LEU B 187 -4.29 -26.97 30.10
N ASP B 188 -3.37 -26.18 30.65
CA ASP B 188 -2.48 -26.70 31.68
C ASP B 188 -3.17 -26.85 33.02
N LYS B 189 -4.16 -26.00 33.32
CA LYS B 189 -4.84 -26.08 34.61
C LYS B 189 -5.70 -27.34 34.70
N THR B 190 -6.47 -27.63 33.65
CA THR B 190 -7.23 -28.86 33.60
C THR B 190 -6.28 -30.03 33.30
N ASN B 191 -6.82 -31.24 33.18
CA ASN B 191 -6.10 -32.37 32.62
C ASN B 191 -5.90 -32.15 31.13
N ALA B 192 -4.67 -31.85 30.74
CA ALA B 192 -4.39 -31.30 29.42
C ALA B 192 -4.90 -32.21 28.31
N SER B 193 -5.53 -31.60 27.31
CA SER B 193 -6.14 -32.33 26.19
C SER B 193 -6.06 -31.45 24.95
N PRO B 194 -4.91 -31.46 24.28
CA PRO B 194 -4.69 -30.54 23.15
C PRO B 194 -5.75 -30.65 22.07
N GLY B 195 -6.24 -29.50 21.62
CA GLY B 195 -7.29 -29.42 20.63
C GLY B 195 -8.70 -29.65 21.13
N GLU B 196 -8.90 -30.06 22.38
CA GLU B 196 -10.25 -30.34 22.84
C GLU B 196 -11.10 -29.09 22.96
N PHE B 197 -10.50 -27.95 23.28
CA PHE B 197 -11.24 -26.68 23.28
C PHE B 197 -11.44 -26.07 21.90
N ALA B 198 -10.96 -26.70 20.83
CA ALA B 198 -10.98 -26.06 19.52
C ALA B 198 -12.40 -25.73 19.03
N VAL B 199 -13.41 -26.45 19.52
CA VAL B 199 -14.80 -26.18 19.16
C VAL B 199 -15.21 -24.75 19.52
N CYS B 200 -14.61 -24.17 20.57
CA CYS B 200 -14.92 -22.79 20.94
C CYS B 200 -14.68 -21.79 19.81
N PHE B 201 -13.72 -22.07 18.93
CA PHE B 201 -13.30 -21.14 17.88
C PHE B 201 -14.06 -21.29 16.57
N THR B 202 -15.19 -22.00 16.55
CA THR B 202 -15.88 -22.33 15.29
C THR B 202 -16.23 -21.09 14.45
N GLU B 203 -16.45 -19.94 15.09
CA GLU B 203 -16.70 -18.72 14.32
C GLU B 203 -15.51 -18.32 13.46
N LEU B 204 -14.30 -18.50 13.97
CA LEU B 204 -13.11 -18.24 13.17
C LEU B 204 -12.99 -19.24 12.04
N GLN B 205 -13.39 -20.49 12.28
CA GLN B 205 -13.34 -21.50 11.23
C GLN B 205 -14.26 -21.15 10.07
N GLN B 206 -15.41 -20.54 10.35
CA GLN B 206 -16.22 -19.97 9.28
C GLN B 206 -15.51 -18.81 8.60
N LYS B 207 -14.94 -17.89 9.39
CA LYS B 207 -14.32 -16.69 8.82
C LYS B 207 -13.14 -17.02 7.90
N PHE B 208 -12.42 -18.10 8.18
CA PHE B 208 -11.30 -18.52 7.33
C PHE B 208 -11.72 -19.11 5.98
N PHE B 209 -12.92 -19.67 5.88
CA PHE B 209 -13.32 -20.35 4.65
C PHE B 209 -14.32 -19.63 3.76
N ASP B 210 -15.04 -18.62 4.26
CA ASP B 210 -16.21 -18.13 3.53
C ASP B 210 -15.86 -17.36 2.25
N ASN B 211 -14.80 -16.56 2.27
CA ASN B 211 -14.56 -15.59 1.20
C ASN B 211 -13.88 -16.18 -0.04
N ARG B 212 -13.31 -17.39 0.04
CA ARG B 212 -12.35 -17.84 -0.95
C ARG B 212 -13.02 -18.18 -2.30
N PRO B 213 -12.23 -18.17 -3.38
CA PRO B 213 -12.80 -18.31 -4.73
C PRO B 213 -13.52 -19.62 -4.99
N GLY B 214 -14.50 -19.55 -5.89
CA GLY B 214 -15.36 -20.69 -6.18
C GLY B 214 -14.62 -21.92 -6.69
N LYS B 215 -13.66 -21.74 -7.60
CA LYS B 215 -12.91 -22.89 -8.09
C LYS B 215 -12.10 -23.55 -7.00
N LEU B 216 -11.68 -22.80 -5.97
CA LEU B 216 -10.99 -23.44 -4.85
C LEU B 216 -11.94 -24.39 -4.12
N LYS B 217 -13.21 -23.98 -4.01
CA LYS B 217 -14.24 -24.88 -3.49
C LYS B 217 -14.40 -26.11 -4.36
N ASP B 218 -14.48 -25.93 -5.69
CA ASP B 218 -14.63 -27.08 -6.59
C ASP B 218 -13.45 -28.06 -6.47
N LEU B 219 -12.24 -27.52 -6.34
CA LEU B 219 -11.07 -28.37 -6.10
C LEU B 219 -11.18 -29.11 -4.78
N ILE B 220 -11.62 -28.43 -3.73
CA ILE B 220 -11.77 -29.10 -2.43
C ILE B 220 -12.81 -30.21 -2.52
N LEU B 221 -13.91 -29.97 -3.24
CA LEU B 221 -14.91 -31.01 -3.46
C LEU B 221 -14.31 -32.22 -4.17
N LEU B 222 -13.48 -31.98 -5.18
CA LEU B 222 -12.87 -33.10 -5.90
C LEU B 222 -11.91 -33.89 -5.02
N ILE B 223 -11.07 -33.20 -4.26
CA ILE B 223 -10.14 -33.87 -3.34
C ILE B 223 -10.87 -34.67 -2.28
N LYS B 224 -11.96 -34.12 -1.73
CA LYS B 224 -12.76 -34.89 -0.78
C LYS B 224 -13.45 -36.09 -1.42
N HIS B 225 -13.98 -35.93 -2.64
CA HIS B 225 -14.59 -37.08 -3.30
C HIS B 225 -13.58 -38.20 -3.52
N TRP B 226 -12.37 -37.85 -3.96
CA TRP B 226 -11.29 -38.84 -4.06
C TRP B 226 -10.98 -39.50 -2.72
N HIS B 227 -10.89 -38.69 -1.65
CA HIS B 227 -10.67 -39.27 -0.32
C HIS B 227 -11.78 -40.23 0.08
N GLN B 228 -13.04 -39.89 -0.21
CA GLN B 228 -14.14 -40.81 0.07
C GLN B 228 -14.04 -42.10 -0.75
N GLN B 229 -13.59 -42.01 -2.00
CA GLN B 229 -13.36 -43.23 -2.77
C GLN B 229 -12.27 -44.09 -2.16
N CYS B 230 -11.20 -43.46 -1.65
CA CYS B 230 -10.14 -44.23 -0.99
C CYS B 230 -10.64 -44.88 0.30
N GLN B 231 -11.36 -44.12 1.12
CA GLN B 231 -11.98 -44.68 2.33
C GLN B 231 -12.96 -45.80 2.02
N LYS B 232 -13.67 -45.71 0.89
CA LYS B 232 -14.64 -46.74 0.52
C LYS B 232 -13.98 -48.08 0.22
N LYS B 233 -12.94 -48.09 -0.61
CA LYS B 233 -12.37 -49.37 -1.03
C LYS B 233 -11.41 -49.95 0.00
N ILE B 234 -10.59 -49.11 0.66
CA ILE B 234 -9.67 -49.61 1.67
C ILE B 234 -10.45 -50.00 2.92
N LYS B 235 -10.05 -51.11 3.54
CA LYS B 235 -10.78 -51.66 4.68
C LYS B 235 -9.84 -52.48 5.57
N PRO B 238 -7.45 -47.42 10.08
CA PRO B 238 -7.46 -46.02 10.52
C PRO B 238 -8.38 -45.14 9.69
N SER B 239 -8.57 -43.90 10.12
CA SER B 239 -9.38 -42.94 9.38
C SER B 239 -8.81 -41.54 9.58
N LEU B 240 -9.05 -40.68 8.60
CA LEU B 240 -8.55 -39.31 8.62
C LEU B 240 -9.69 -38.36 8.30
N SER B 241 -9.82 -37.30 9.09
CA SER B 241 -10.91 -36.35 8.90
C SER B 241 -10.64 -35.46 7.69
N PRO B 242 -11.68 -35.14 6.91
CA PRO B 242 -11.45 -34.38 5.66
C PRO B 242 -10.90 -32.99 5.88
N TYR B 243 -11.07 -32.43 7.08
CA TYR B 243 -10.56 -31.08 7.38
C TYR B 243 -9.06 -30.96 7.15
N ALA B 244 -8.31 -32.04 7.37
CA ALA B 244 -6.88 -32.03 7.06
C ALA B 244 -6.61 -31.80 5.57
N LEU B 245 -7.37 -32.47 4.70
CA LEU B 245 -7.15 -32.31 3.27
C LEU B 245 -7.75 -31.02 2.72
N GLU B 246 -8.77 -30.50 3.38
CA GLU B 246 -9.27 -29.16 3.06
C GLU B 246 -8.23 -28.08 3.38
N LEU B 247 -7.63 -28.16 4.56
CA LEU B 247 -6.53 -27.26 4.89
C LEU B 247 -5.37 -27.43 3.91
N LEU B 248 -4.98 -28.67 3.62
CA LEU B 248 -3.89 -28.90 2.69
C LEU B 248 -4.16 -28.30 1.31
N THR B 249 -5.40 -28.39 0.82
CA THR B 249 -5.75 -27.80 -0.46
C THR B 249 -5.74 -26.27 -0.42
N VAL B 250 -6.21 -25.68 0.69
CA VAL B 250 -6.13 -24.23 0.82
C VAL B 250 -4.68 -23.77 0.85
N TYR B 251 -3.82 -24.49 1.57
CA TYR B 251 -2.39 -24.15 1.59
C TYR B 251 -1.75 -24.30 0.22
N ALA B 252 -2.12 -25.35 -0.51
CA ALA B 252 -1.62 -25.56 -1.87
C ALA B 252 -1.99 -24.40 -2.79
N TRP B 253 -3.22 -23.90 -2.70
CA TRP B 253 -3.60 -22.74 -3.50
C TRP B 253 -2.94 -21.45 -3.02
N GLU B 254 -2.91 -21.20 -1.71
CA GLU B 254 -2.30 -19.98 -1.19
C GLU B 254 -0.80 -19.89 -1.47
N GLN B 255 -0.09 -21.02 -1.47
CA GLN B 255 1.32 -20.98 -1.84
C GLN B 255 1.57 -21.05 -3.34
N GLY B 256 0.66 -21.67 -4.09
CA GLY B 256 0.80 -21.71 -5.53
C GLY B 256 0.31 -20.45 -6.19
N CYS B 257 -0.53 -20.58 -7.20
CA CYS B 257 -1.11 -19.42 -7.87
C CYS B 257 -2.17 -18.77 -6.98
N ARG B 258 -1.95 -17.50 -6.62
CA ARG B 258 -3.00 -16.73 -5.97
C ARG B 258 -4.16 -16.41 -6.90
N LYS B 259 -4.03 -16.76 -8.19
CA LYS B 259 -5.05 -16.43 -9.18
C LYS B 259 -6.37 -17.09 -8.83
N ASP B 260 -7.45 -16.34 -9.01
CA ASP B 260 -8.82 -16.83 -8.85
C ASP B 260 -9.32 -17.59 -10.08
N ASN B 261 -8.48 -17.77 -11.08
CA ASN B 261 -8.77 -18.69 -12.19
C ASN B 261 -7.52 -19.52 -12.43
N PHE B 262 -7.70 -20.83 -12.58
CA PHE B 262 -6.59 -21.76 -12.72
C PHE B 262 -7.10 -23.07 -13.34
N ASP B 263 -6.15 -23.87 -13.82
CA ASP B 263 -6.45 -25.23 -14.29
C ASP B 263 -6.54 -26.17 -13.09
N ILE B 264 -7.73 -26.76 -12.89
CA ILE B 264 -7.97 -27.68 -11.79
C ILE B 264 -7.02 -28.88 -11.77
N ALA B 265 -6.56 -29.33 -12.94
CA ALA B 265 -5.61 -30.45 -12.95
C ALA B 265 -4.22 -30.06 -12.46
N GLU B 266 -3.88 -28.78 -12.43
CA GLU B 266 -2.69 -28.37 -11.71
C GLU B 266 -2.92 -28.44 -10.21
N GLY B 267 -4.08 -28.02 -9.76
CA GLY B 267 -4.41 -28.12 -8.35
C GLY B 267 -4.33 -29.55 -7.85
N VAL B 268 -4.98 -30.47 -8.57
CA VAL B 268 -4.92 -31.88 -8.22
C VAL B 268 -3.49 -32.40 -8.23
N ARG B 269 -2.72 -32.11 -9.29
CA ARG B 269 -1.35 -32.61 -9.34
C ARG B 269 -0.48 -32.09 -8.19
N THR B 270 -0.63 -30.81 -7.83
CA THR B 270 0.17 -30.28 -6.73
C THR B 270 -0.29 -30.78 -5.36
N VAL B 271 -1.59 -31.01 -5.17
CA VAL B 271 -2.06 -31.60 -3.93
C VAL B 271 -1.55 -33.03 -3.78
N LEU B 272 -1.63 -33.82 -4.85
CA LEU B 272 -1.11 -35.18 -4.78
C LEU B 272 0.40 -35.21 -4.57
N GLU B 273 1.13 -34.26 -5.17
CA GLU B 273 2.56 -34.14 -4.87
C GLU B 273 2.82 -33.78 -3.41
N LEU B 274 1.98 -32.94 -2.82
CA LEU B 274 2.12 -32.65 -1.39
C LEU B 274 1.83 -33.88 -0.53
N ILE B 275 0.78 -34.64 -0.87
CA ILE B 275 0.46 -35.85 -0.12
C ILE B 275 1.58 -36.87 -0.20
N LYS B 276 2.17 -37.06 -1.39
CA LYS B 276 3.32 -37.95 -1.54
C LYS B 276 4.49 -37.56 -0.64
N CYS B 277 4.62 -36.26 -0.31
CA CYS B 277 5.66 -35.77 0.59
C CYS B 277 5.28 -35.86 2.07
N GLN B 278 4.33 -36.72 2.42
CA GLN B 278 3.74 -36.74 3.76
C GLN B 278 4.78 -36.74 4.90
N GLU B 279 5.90 -37.45 4.72
CA GLU B 279 6.90 -37.46 5.80
C GLU B 279 7.64 -36.14 5.95
N LYS B 280 7.54 -35.23 4.98
CA LYS B 280 8.09 -33.89 5.08
C LYS B 280 7.05 -32.84 5.43
N LEU B 281 5.79 -33.08 5.07
CA LEU B 281 4.75 -32.07 5.10
C LEU B 281 4.63 -31.39 6.46
N CYS B 282 4.64 -30.05 6.44
CA CYS B 282 4.48 -29.26 7.66
C CYS B 282 3.93 -27.89 7.25
N ILE B 283 2.62 -27.71 7.44
CA ILE B 283 1.91 -26.51 6.98
C ILE B 283 1.25 -25.84 8.17
N TYR B 284 1.31 -24.50 8.18
CA TYR B 284 0.74 -23.70 9.26
C TYR B 284 0.46 -22.31 8.75
N TRP B 285 -0.42 -21.59 9.45
CA TRP B 285 -0.83 -20.26 9.07
C TRP B 285 -0.60 -19.27 10.19
N MET B 286 -0.28 -18.02 9.81
CA MET B 286 -0.11 -16.90 10.73
C MET B 286 -1.28 -15.92 10.72
N VAL B 287 -2.44 -16.34 10.25
CA VAL B 287 -3.53 -15.40 10.03
C VAL B 287 -4.16 -14.95 11.34
N ASN B 288 -4.24 -15.83 12.35
CA ASN B 288 -4.83 -15.48 13.63
C ASN B 288 -3.86 -15.44 14.79
N TYR B 289 -2.61 -15.87 14.62
CA TYR B 289 -1.64 -15.84 15.71
C TYR B 289 -0.23 -15.69 15.15
N ASN B 290 0.65 -15.15 15.97
CA ASN B 290 2.00 -14.78 15.57
C ASN B 290 3.03 -15.28 16.57
N PHE B 291 4.29 -15.33 16.13
CA PHE B 291 5.43 -15.60 16.98
C PHE B 291 5.78 -14.45 17.92
N GLU B 292 4.98 -13.38 17.95
CA GLU B 292 5.30 -12.24 18.79
C GLU B 292 5.22 -12.58 20.28
N ASP B 293 4.04 -13.02 20.74
CA ASP B 293 3.88 -13.32 22.15
C ASP B 293 4.62 -14.60 22.51
N GLU B 294 5.54 -14.50 23.48
CA GLU B 294 6.36 -15.64 23.91
C GLU B 294 5.54 -16.86 24.32
N THR B 295 4.33 -16.65 24.86
CA THR B 295 3.49 -17.77 25.26
C THR B 295 2.96 -18.53 24.06
N ILE B 296 2.75 -17.85 22.94
CA ILE B 296 2.32 -18.50 21.72
C ILE B 296 3.53 -19.03 20.96
N ARG B 297 4.61 -18.23 20.93
CA ARG B 297 5.84 -18.66 20.27
C ARG B 297 6.34 -20.00 20.77
N ASN B 298 6.33 -20.22 22.09
CA ASN B 298 6.76 -21.51 22.62
C ASN B 298 5.82 -22.66 22.26
N ILE B 299 4.52 -22.37 22.08
CA ILE B 299 3.59 -23.39 21.61
C ILE B 299 3.90 -23.76 20.16
N LEU B 300 4.06 -22.75 19.31
CA LEU B 300 4.31 -23.00 17.90
C LEU B 300 5.65 -23.71 17.69
N LEU B 301 6.70 -23.25 18.36
CA LEU B 301 7.99 -23.93 18.28
C LEU B 301 7.92 -25.35 18.83
N HIS B 302 7.07 -25.62 19.83
CA HIS B 302 6.87 -27.00 20.25
C HIS B 302 6.17 -27.82 19.18
N GLN B 303 5.10 -27.25 18.61
CA GLN B 303 4.29 -27.99 17.61
C GLN B 303 5.04 -28.16 16.27
N LEU B 304 5.67 -27.10 15.78
CA LEU B 304 6.33 -27.18 14.45
C LEU B 304 7.26 -28.40 14.43
N GLN B 305 7.99 -28.62 15.54
CA GLN B 305 8.93 -29.78 15.61
C GLN B 305 8.17 -31.02 16.09
N SER B 306 7.29 -31.56 15.25
CA SER B 306 6.50 -32.76 15.62
C SER B 306 6.50 -33.76 14.45
N ALA B 307 5.89 -34.93 14.64
CA ALA B 307 5.84 -35.97 13.57
C ALA B 307 5.17 -35.37 12.33
N ARG B 308 5.87 -35.40 11.19
CA ARG B 308 5.32 -34.84 9.93
C ARG B 308 4.61 -35.95 9.13
N PRO B 309 3.34 -35.79 8.73
CA PRO B 309 2.78 -34.49 8.26
C PRO B 309 2.28 -33.65 9.44
N VAL B 310 2.84 -32.45 9.61
CA VAL B 310 2.37 -31.53 10.69
C VAL B 310 1.34 -30.56 10.07
N ILE B 311 0.09 -30.60 10.55
CA ILE B 311 -0.98 -29.74 9.96
C ILE B 311 -1.62 -28.91 11.07
N LEU B 312 -1.08 -27.71 11.34
CA LEU B 312 -1.72 -26.84 12.33
C LEU B 312 -2.89 -26.10 11.72
N ASP B 313 -4.04 -26.17 12.38
CA ASP B 313 -5.23 -25.50 11.88
C ASP B 313 -5.09 -23.99 12.06
N PRO B 314 -5.87 -23.20 11.32
CA PRO B 314 -5.70 -21.74 11.35
C PRO B 314 -6.12 -21.07 12.64
N VAL B 315 -6.82 -21.75 13.54
CA VAL B 315 -7.54 -21.06 14.61
C VAL B 315 -7.11 -21.46 16.01
N ASP B 316 -6.58 -22.67 16.20
CA ASP B 316 -6.12 -23.10 17.53
C ASP B 316 -4.69 -23.60 17.41
N PRO B 317 -3.72 -22.90 18.01
CA PRO B 317 -2.31 -23.35 17.92
C PRO B 317 -2.04 -24.76 18.41
N THR B 318 -2.92 -25.36 19.22
CA THR B 318 -2.69 -26.72 19.70
C THR B 318 -3.29 -27.80 18.82
N ASN B 319 -4.21 -27.45 17.92
CA ASN B 319 -5.01 -28.44 17.19
C ASN B 319 -4.26 -28.89 15.95
N ASN B 320 -3.34 -29.84 16.14
CA ASN B 320 -2.72 -30.53 15.02
C ASN B 320 -3.72 -31.49 14.38
N VAL B 321 -4.16 -31.15 13.17
CA VAL B 321 -5.32 -31.79 12.55
C VAL B 321 -5.02 -33.15 11.92
N SER B 322 -3.76 -33.45 11.62
CA SER B 322 -3.46 -34.71 10.94
C SER B 322 -3.77 -35.91 11.82
N GLY B 323 -4.40 -36.92 11.22
CA GLY B 323 -4.80 -38.12 11.90
C GLY B 323 -3.67 -39.09 12.20
N ASP B 324 -4.01 -40.37 12.33
CA ASP B 324 -3.00 -41.40 12.55
C ASP B 324 -2.00 -41.44 11.40
N LYS B 325 -0.72 -41.50 11.76
CA LYS B 325 0.36 -41.58 10.78
C LYS B 325 0.17 -42.68 9.74
N ILE B 326 -0.44 -43.81 10.15
CA ILE B 326 -0.68 -44.92 9.23
C ILE B 326 -1.59 -44.54 8.07
N CYS B 327 -2.54 -43.64 8.29
CA CYS B 327 -3.47 -43.28 7.21
C CYS B 327 -2.76 -42.53 6.08
N TRP B 328 -1.74 -41.72 6.39
CA TRP B 328 -1.02 -41.06 5.32
C TRP B 328 -0.20 -42.02 4.46
N GLN B 329 0.15 -43.20 4.97
CA GLN B 329 0.80 -44.20 4.13
C GLN B 329 -0.12 -44.67 3.00
N TRP B 330 -1.38 -44.97 3.36
CA TRP B 330 -2.39 -45.31 2.38
C TRP B 330 -2.67 -44.15 1.43
N LEU B 331 -2.74 -42.93 1.96
CA LEU B 331 -2.94 -41.78 1.09
C LEU B 331 -1.76 -41.58 0.13
N LYS B 332 -0.54 -41.83 0.58
CA LYS B 332 0.61 -41.84 -0.33
C LYS B 332 0.42 -42.85 -1.45
N LYS B 333 0.07 -44.09 -1.10
CA LYS B 333 -0.07 -45.13 -2.11
C LYS B 333 -1.17 -44.81 -3.12
N GLU B 334 -2.29 -44.26 -2.65
CA GLU B 334 -3.35 -43.85 -3.57
C GLU B 334 -2.96 -42.64 -4.40
N ALA B 335 -2.20 -41.70 -3.84
CA ALA B 335 -1.71 -40.57 -4.61
C ALA B 335 -0.78 -41.03 -5.73
N GLN B 336 0.19 -41.89 -5.40
CA GLN B 336 1.03 -42.51 -6.42
C GLN B 336 0.20 -43.19 -7.50
N THR B 337 -0.83 -43.95 -7.10
CA THR B 337 -1.64 -44.68 -8.08
C THR B 337 -2.40 -43.75 -9.03
N TRP B 338 -3.04 -42.72 -8.48
CA TRP B 338 -3.80 -41.80 -9.35
C TRP B 338 -2.88 -40.89 -10.17
N LEU B 339 -1.83 -40.34 -9.55
CA LEU B 339 -0.93 -39.41 -10.23
C LEU B 339 -0.22 -40.03 -11.41
N THR B 340 0.08 -41.32 -11.35
CA THR B 340 0.75 -42.04 -12.43
C THR B 340 -0.21 -42.64 -13.45
N SER B 341 -1.52 -42.46 -13.25
CA SER B 341 -2.50 -43.00 -14.21
C SER B 341 -2.31 -42.37 -15.59
N PRO B 342 -2.76 -43.06 -16.64
CA PRO B 342 -2.72 -42.47 -17.99
C PRO B 342 -3.72 -41.36 -18.23
N ASN B 343 -4.65 -41.10 -17.30
CA ASN B 343 -5.60 -40.01 -17.48
C ASN B 343 -5.08 -38.69 -16.92
N LEU B 344 -4.30 -38.72 -15.85
CA LEU B 344 -3.32 -37.69 -15.61
C LEU B 344 -2.06 -37.98 -16.43
N ASP B 345 -0.97 -37.26 -16.14
CA ASP B 345 0.36 -37.53 -16.71
C ASP B 345 0.35 -37.61 -18.23
N ASN B 346 -0.62 -36.96 -18.89
CA ASN B 346 -0.72 -37.07 -20.34
C ASN B 346 0.19 -36.06 -21.05
N GLU B 347 0.22 -34.81 -20.59
CA GLU B 347 1.23 -33.86 -21.04
C GLU B 347 2.58 -34.17 -20.41
N LEU B 348 3.62 -34.22 -21.26
CA LEU B 348 4.95 -34.58 -20.76
C LEU B 348 5.50 -33.55 -19.78
N PRO B 349 5.53 -32.23 -20.09
CA PRO B 349 5.75 -31.25 -19.02
C PRO B 349 4.50 -31.03 -18.18
N ALA B 350 4.17 -32.02 -17.36
CA ALA B 350 2.95 -32.00 -16.56
C ALA B 350 2.94 -30.80 -15.61
N PRO B 351 2.01 -29.87 -15.79
CA PRO B 351 2.06 -28.60 -15.05
C PRO B 351 1.57 -28.78 -13.63
N SER B 352 2.31 -28.21 -12.67
CA SER B 352 1.83 -28.12 -11.30
C SER B 352 2.49 -26.94 -10.61
N TRP B 353 1.77 -26.37 -9.65
CA TRP B 353 2.28 -25.21 -8.92
C TRP B 353 3.44 -25.63 -8.02
N ASN B 354 4.48 -24.79 -7.98
CA ASN B 354 5.65 -25.05 -7.17
C ASN B 354 5.40 -24.60 -5.73
N VAL B 355 5.20 -25.56 -4.82
CA VAL B 355 4.95 -25.29 -3.41
C VAL B 355 5.85 -26.19 -2.59
N LEU B 356 6.47 -25.63 -1.56
CA LEU B 356 7.36 -26.43 -0.73
C LEU B 356 6.58 -27.19 0.32
N PRO B 357 6.91 -28.47 0.56
CA PRO B 357 6.23 -29.22 1.62
C PRO B 357 6.49 -28.68 3.01
N ALA B 358 7.59 -27.97 3.23
CA ALA B 358 7.94 -27.51 4.56
C ALA B 358 8.71 -26.20 4.48
N PRO B 359 8.15 -25.11 5.01
CA PRO B 359 8.85 -23.82 4.94
C PRO B 359 10.21 -23.85 5.62
N LEU B 360 11.13 -23.05 5.08
CA LEU B 360 12.51 -23.03 5.51
C LEU B 360 12.63 -22.91 7.03
N PHE B 361 11.77 -22.09 7.64
CA PHE B 361 11.73 -21.88 9.09
C PHE B 361 11.69 -23.19 9.87
N THR B 362 11.06 -24.24 9.33
CA THR B 362 10.92 -25.49 10.06
C THR B 362 12.12 -26.43 9.96
N THR B 363 13.12 -26.12 9.13
CA THR B 363 14.18 -27.12 8.89
C THR B 363 15.37 -26.90 9.82
N PRO B 364 15.85 -27.95 10.49
CA PRO B 364 16.98 -27.80 11.42
C PRO B 364 18.24 -27.32 10.72
N GLY B 365 19.10 -26.66 11.48
CA GLY B 365 20.28 -26.02 10.93
C GLY B 365 21.20 -26.95 10.15
N HIS B 366 21.41 -28.17 10.65
CA HIS B 366 22.26 -29.12 9.93
C HIS B 366 21.61 -29.70 8.68
N LEU B 367 20.35 -29.40 8.41
CA LEU B 367 19.68 -29.84 7.19
C LEU B 367 19.62 -28.74 6.12
N LEU B 368 20.14 -27.55 6.39
CA LEU B 368 20.11 -26.47 5.40
C LEU B 368 20.83 -26.84 4.12
N ASP B 369 21.99 -27.50 4.22
CA ASP B 369 22.72 -27.89 3.03
C ASP B 369 21.95 -28.88 2.18
N LYS B 370 21.12 -29.72 2.82
CA LYS B 370 20.22 -30.60 2.09
C LYS B 370 19.02 -29.86 1.50
N PHE B 371 18.46 -28.93 2.27
CA PHE B 371 17.33 -28.13 1.79
C PHE B 371 17.67 -27.35 0.52
N ILE B 372 18.81 -26.66 0.53
CA ILE B 372 19.23 -25.88 -0.65
C ILE B 372 19.35 -26.78 -1.87
N LYS B 373 20.04 -27.90 -1.71
CA LYS B 373 20.27 -28.84 -2.82
C LYS B 373 18.98 -29.48 -3.32
N GLU B 374 18.02 -29.73 -2.43
CA GLU B 374 16.79 -30.41 -2.81
C GLU B 374 15.73 -29.48 -3.40
N PHE B 375 15.62 -28.25 -2.90
CA PHE B 375 14.51 -27.39 -3.29
C PHE B 375 14.91 -26.11 -4.00
N LEU B 376 16.12 -25.59 -3.81
CA LEU B 376 16.47 -24.31 -4.38
C LEU B 376 17.33 -24.38 -5.65
N GLN B 377 18.23 -25.35 -5.78
CA GLN B 377 19.06 -25.40 -6.99
C GLN B 377 18.26 -25.83 -8.22
N PRO B 378 18.41 -25.13 -9.34
CA PRO B 378 17.85 -25.60 -10.62
C PRO B 378 18.63 -26.79 -11.16
N ASN B 379 17.98 -27.53 -12.06
CA ASN B 379 18.58 -28.74 -12.60
C ASN B 379 19.72 -28.40 -13.54
N LYS B 380 20.87 -29.05 -13.35
CA LYS B 380 22.08 -28.73 -14.11
C LYS B 380 21.92 -28.96 -15.61
N CYS B 381 21.29 -30.08 -16.01
CA CYS B 381 21.06 -30.34 -17.42
C CYS B 381 20.21 -29.28 -18.09
N PHE B 382 19.23 -28.74 -17.38
CA PHE B 382 18.41 -27.66 -17.94
C PHE B 382 19.22 -26.39 -18.14
N LEU B 383 20.10 -26.06 -17.19
CA LEU B 383 20.98 -24.92 -17.38
C LEU B 383 21.94 -25.10 -18.56
N GLU B 384 22.49 -26.32 -18.72
CA GLU B 384 23.30 -26.59 -19.90
C GLU B 384 22.51 -26.45 -21.20
N GLN B 385 21.25 -26.86 -21.19
CA GLN B 385 20.40 -26.74 -22.38
C GLN B 385 20.09 -25.29 -22.72
N ILE B 386 19.74 -24.48 -21.72
CA ILE B 386 19.48 -23.07 -22.01
C ILE B 386 20.75 -22.31 -22.36
N ASP B 387 21.91 -22.69 -21.82
CA ASP B 387 23.16 -22.08 -22.27
C ASP B 387 23.44 -22.38 -23.74
N SER B 388 23.30 -23.65 -24.14
CA SER B 388 23.44 -24.01 -25.54
C SER B 388 22.43 -23.30 -26.43
N ALA B 389 21.20 -23.12 -25.95
CA ALA B 389 20.20 -22.43 -26.76
C ALA B 389 20.48 -20.93 -26.87
N VAL B 390 20.89 -20.30 -25.77
CA VAL B 390 21.12 -18.86 -25.80
C VAL B 390 22.33 -18.50 -26.65
N ASN B 391 23.36 -19.36 -26.72
CA ASN B 391 24.43 -19.06 -27.66
C ASN B 391 23.98 -19.14 -29.13
N ILE B 392 22.97 -19.97 -29.42
CA ILE B 392 22.35 -19.97 -30.74
C ILE B 392 21.57 -18.68 -30.97
N ILE B 393 20.80 -18.25 -29.98
CA ILE B 393 20.07 -16.99 -30.09
C ILE B 393 21.02 -15.84 -30.34
N ARG B 394 22.10 -15.75 -29.56
CA ARG B 394 23.08 -14.68 -29.73
C ARG B 394 23.71 -14.71 -31.12
N THR B 395 24.10 -15.88 -31.61
CA THR B 395 24.71 -15.96 -32.94
C THR B 395 23.75 -15.52 -34.04
N PHE B 396 22.50 -16.01 -33.99
CA PHE B 396 21.52 -15.64 -35.00
C PHE B 396 21.20 -14.14 -34.97
N LEU B 397 21.04 -13.56 -33.78
CA LEU B 397 20.73 -12.14 -33.74
C LEU B 397 21.94 -11.33 -34.19
N LYS B 398 23.13 -11.68 -33.70
CA LYS B 398 24.33 -10.91 -34.01
C LYS B 398 24.56 -10.86 -35.51
N GLU B 399 24.29 -11.96 -36.22
CA GLU B 399 24.48 -11.91 -37.67
C GLU B 399 23.31 -11.28 -38.41
N ASN B 400 22.05 -11.53 -38.02
CA ASN B 400 20.93 -11.13 -38.89
C ASN B 400 20.36 -9.73 -38.66
N CYS B 401 20.64 -9.08 -37.53
CA CYS B 401 19.89 -7.86 -37.23
C CYS B 401 20.20 -6.66 -38.13
N PHE B 402 21.41 -6.09 -38.06
CA PHE B 402 21.81 -5.08 -39.03
C PHE B 402 22.52 -5.72 -40.20
N ARG B 403 21.78 -5.97 -41.29
CA ARG B 403 22.38 -6.39 -42.54
C ARG B 403 22.77 -5.21 -43.42
N GLN B 404 21.99 -4.12 -43.39
CA GLN B 404 22.31 -2.96 -44.21
C GLN B 404 23.44 -2.12 -43.60
N SER B 405 23.32 -1.81 -42.31
CA SER B 405 24.37 -1.03 -41.65
C SER B 405 25.63 -1.86 -41.46
N THR B 406 26.77 -1.16 -41.44
CA THR B 406 28.05 -1.80 -41.18
C THR B 406 28.25 -2.13 -39.70
N ALA B 407 27.63 -1.37 -38.80
CA ALA B 407 27.78 -1.59 -37.37
C ALA B 407 26.81 -2.68 -36.89
N LYS B 408 27.37 -3.79 -36.43
CA LYS B 408 26.59 -4.90 -35.90
C LYS B 408 26.34 -4.71 -34.41
N ILE B 409 25.21 -5.26 -33.93
CA ILE B 409 24.96 -5.30 -32.50
C ILE B 409 25.91 -6.29 -31.83
N GLN B 410 26.23 -6.01 -30.56
CA GLN B 410 26.98 -6.91 -29.69
C GLN B 410 26.10 -7.26 -28.51
N ILE B 411 25.81 -8.55 -28.32
CA ILE B 411 24.91 -9.01 -27.27
C ILE B 411 25.72 -9.66 -26.16
N VAL B 412 25.59 -9.11 -24.96
CA VAL B 412 26.28 -9.59 -23.76
C VAL B 412 25.24 -10.17 -22.83
N ARG B 413 25.50 -11.36 -22.29
CA ARG B 413 24.57 -12.04 -21.40
C ARG B 413 24.97 -11.80 -19.95
N GLY B 414 23.98 -11.45 -19.13
CA GLY B 414 24.21 -11.12 -17.74
C GLY B 414 23.04 -11.52 -16.85
N GLY B 415 23.08 -11.12 -15.58
CA GLY B 415 22.04 -11.49 -14.66
C GLY B 415 22.22 -12.84 -14.00
N SER B 416 21.13 -13.28 -13.35
CA SER B 416 21.19 -14.32 -12.33
C SER B 416 21.53 -15.69 -12.88
N THR B 417 21.40 -15.93 -14.19
CA THR B 417 21.82 -17.20 -14.75
C THR B 417 23.25 -17.18 -15.29
N ALA B 418 23.80 -16.00 -15.57
CA ALA B 418 25.14 -15.94 -16.13
C ALA B 418 26.20 -16.13 -15.05
N LYS B 419 26.03 -15.47 -13.92
CA LYS B 419 26.56 -15.96 -12.64
C LYS B 419 25.68 -17.08 -12.11
N GLY B 420 26.30 -17.98 -11.35
CA GLY B 420 25.67 -19.24 -11.00
C GLY B 420 24.74 -19.25 -9.81
N THR B 421 23.85 -18.26 -9.69
CA THR B 421 23.09 -18.04 -8.46
C THR B 421 21.60 -17.99 -8.71
N ALA B 422 21.12 -18.58 -9.82
CA ALA B 422 19.69 -18.67 -10.07
C ALA B 422 19.02 -19.63 -9.10
N LEU B 423 17.75 -19.35 -8.79
CA LEU B 423 16.88 -20.27 -8.09
C LEU B 423 16.06 -21.11 -9.07
N LYS B 424 15.56 -22.23 -8.55
CA LYS B 424 14.69 -23.13 -9.32
C LYS B 424 13.43 -22.43 -9.82
N THR B 425 12.99 -21.36 -9.17
CA THR B 425 11.79 -20.64 -9.54
C THR B 425 12.08 -19.15 -9.76
N GLY B 426 11.42 -18.58 -10.76
CA GLY B 426 11.55 -17.17 -11.07
C GLY B 426 12.92 -16.72 -11.55
N SER B 427 13.66 -17.61 -12.21
CA SER B 427 14.95 -17.24 -12.76
C SER B 427 14.80 -16.13 -13.79
N ASP B 428 15.83 -15.28 -13.90
CA ASP B 428 15.82 -14.20 -14.86
C ASP B 428 17.22 -14.00 -15.42
N ALA B 429 17.28 -13.36 -16.60
CA ALA B 429 18.55 -13.04 -17.25
C ALA B 429 18.37 -11.81 -18.12
N ASP B 430 19.47 -11.08 -18.32
CA ASP B 430 19.50 -9.92 -19.20
C ASP B 430 20.29 -10.26 -20.46
N LEU B 431 19.74 -9.92 -21.63
CA LEU B 431 20.51 -9.77 -22.86
C LEU B 431 20.74 -8.29 -23.12
N VAL B 432 21.89 -7.78 -22.66
CA VAL B 432 22.28 -6.40 -22.90
C VAL B 432 22.79 -6.27 -24.33
N VAL B 433 22.25 -5.30 -25.07
CA VAL B 433 22.57 -5.11 -26.48
C VAL B 433 23.33 -3.78 -26.63
N PHE B 434 24.56 -3.86 -27.10
CA PHE B 434 25.40 -2.69 -27.32
C PHE B 434 25.47 -2.36 -28.81
N HIS B 435 25.37 -1.08 -29.13
CA HIS B 435 25.43 -0.68 -30.52
C HIS B 435 26.02 0.73 -30.64
N ASN B 436 26.49 1.05 -31.84
CA ASN B 436 27.11 2.34 -32.15
C ASN B 436 26.11 3.46 -32.37
N SER B 437 24.82 3.16 -32.49
CA SER B 437 23.81 4.22 -32.61
C SER B 437 23.75 5.08 -31.35
N LEU B 438 24.17 4.56 -30.20
CA LEU B 438 23.94 5.20 -28.92
C LEU B 438 25.18 5.99 -28.53
N LYS B 439 25.06 7.31 -28.49
CA LYS B 439 26.17 8.23 -28.29
C LYS B 439 26.29 8.72 -26.85
N SER B 440 25.26 8.50 -26.02
CA SER B 440 25.31 8.94 -24.63
C SER B 440 24.33 8.10 -23.83
N TYR B 441 24.49 8.15 -22.50
CA TYR B 441 23.62 7.40 -21.61
C TYR B 441 22.15 7.79 -21.78
N THR B 442 21.86 8.99 -22.26
CA THR B 442 20.51 9.54 -22.29
C THR B 442 20.21 10.18 -23.64
N SER B 443 18.90 10.41 -23.86
CA SER B 443 18.37 11.20 -24.99
C SER B 443 18.46 10.45 -26.33
N GLN B 444 18.26 9.13 -26.30
CA GLN B 444 18.48 8.29 -27.47
C GLN B 444 17.32 7.33 -27.72
N LYS B 445 16.10 7.74 -27.34
CA LYS B 445 14.98 6.80 -27.29
C LYS B 445 14.65 6.21 -28.66
N ASN B 446 14.72 7.02 -29.72
CA ASN B 446 14.42 6.51 -31.07
C ASN B 446 15.38 5.40 -31.51
N GLU B 447 16.67 5.57 -31.22
CA GLU B 447 17.65 4.54 -31.57
C GLU B 447 17.41 3.24 -30.80
N ARG B 448 17.16 3.35 -29.50
CA ARG B 448 16.86 2.17 -28.70
C ARG B 448 15.58 1.48 -29.14
N HIS B 449 14.57 2.27 -29.53
CA HIS B 449 13.35 1.69 -30.09
C HIS B 449 13.62 0.95 -31.39
N LYS B 450 14.44 1.53 -32.28
CA LYS B 450 14.81 0.84 -33.51
C LYS B 450 15.51 -0.49 -33.22
N ILE B 451 16.51 -0.45 -32.33
CA ILE B 451 17.26 -1.66 -31.99
C ILE B 451 16.35 -2.75 -31.46
N VAL B 452 15.46 -2.39 -30.53
CA VAL B 452 14.59 -3.42 -29.95
C VAL B 452 13.52 -3.88 -30.94
N LYS B 453 13.04 -2.99 -31.81
CA LYS B 453 12.06 -3.40 -32.81
C LYS B 453 12.67 -4.43 -33.77
N GLU B 454 13.86 -4.15 -34.28
CA GLU B 454 14.46 -5.09 -35.22
C GLU B 454 14.90 -6.38 -34.53
N ILE B 455 15.27 -6.32 -33.24
CA ILE B 455 15.50 -7.57 -32.51
C ILE B 455 14.22 -8.38 -32.37
N HIS B 456 13.09 -7.72 -32.14
CA HIS B 456 11.80 -8.40 -32.15
C HIS B 456 11.50 -9.06 -33.48
N GLU B 457 11.77 -8.36 -34.59
CA GLU B 457 11.58 -8.93 -35.92
C GLU B 457 12.48 -10.13 -36.18
N GLN B 458 13.76 -10.03 -35.80
CA GLN B 458 14.65 -11.15 -36.01
C GLN B 458 14.35 -12.34 -35.10
N LEU B 459 13.88 -12.10 -33.87
CA LEU B 459 13.41 -13.20 -33.04
C LEU B 459 12.18 -13.88 -33.63
N LYS B 460 11.29 -13.12 -34.26
CA LYS B 460 10.17 -13.75 -34.99
C LYS B 460 10.66 -14.59 -36.16
N ALA B 461 11.61 -14.07 -36.94
CA ALA B 461 12.18 -14.85 -38.04
C ALA B 461 12.87 -16.12 -37.54
N PHE B 462 13.64 -16.01 -36.44
CA PHE B 462 14.25 -17.17 -35.81
C PHE B 462 13.22 -18.21 -35.42
N TRP B 463 12.12 -17.79 -34.79
CA TRP B 463 11.08 -18.74 -34.39
C TRP B 463 10.46 -19.42 -35.61
N ARG B 464 10.33 -18.69 -36.72
CA ARG B 464 9.88 -19.29 -37.98
C ARG B 464 10.84 -20.36 -38.51
N GLU B 465 12.15 -20.10 -38.45
CA GLU B 465 13.13 -20.91 -39.17
C GLU B 465 13.74 -22.04 -38.35
N LYS B 466 13.89 -21.87 -37.03
CA LYS B 466 14.77 -22.70 -36.21
C LYS B 466 14.01 -23.46 -35.12
N GLU B 467 12.68 -23.42 -35.14
CA GLU B 467 11.85 -23.91 -34.04
C GLU B 467 12.19 -25.35 -33.62
N GLU B 468 12.64 -26.20 -34.53
CA GLU B 468 12.95 -27.58 -34.18
C GLU B 468 14.42 -27.86 -33.96
N GLU B 469 15.29 -26.85 -34.11
CA GLU B 469 16.71 -27.02 -33.88
C GLU B 469 17.08 -26.81 -32.42
N LEU B 470 16.28 -26.06 -31.66
CA LEU B 470 16.52 -25.96 -30.24
C LEU B 470 16.07 -27.21 -29.49
N GLU B 471 16.84 -27.56 -28.46
CA GLU B 471 16.50 -28.63 -27.53
C GLU B 471 15.65 -28.16 -26.35
N VAL B 472 15.19 -26.91 -26.38
CA VAL B 472 14.29 -26.34 -25.39
C VAL B 472 13.14 -25.67 -26.11
N SER B 473 11.98 -25.63 -25.46
CA SER B 473 10.85 -24.92 -26.01
C SER B 473 11.05 -23.41 -25.91
N PHE B 474 10.56 -22.70 -26.92
CA PHE B 474 10.71 -21.25 -27.04
C PHE B 474 9.32 -20.63 -27.07
N GLU B 475 9.06 -19.73 -26.14
CA GLU B 475 7.90 -18.85 -26.25
C GLU B 475 8.16 -17.77 -27.28
N PRO B 476 7.25 -17.54 -28.23
CA PRO B 476 7.33 -16.35 -29.09
C PRO B 476 7.37 -15.07 -28.27
N PRO B 477 8.16 -14.09 -28.70
CA PRO B 477 8.25 -12.83 -27.96
C PRO B 477 6.91 -12.09 -27.92
N LYS B 478 6.57 -11.61 -26.73
CA LYS B 478 5.35 -10.85 -26.49
C LYS B 478 5.76 -9.44 -26.11
N TRP B 479 5.28 -8.44 -26.85
CA TRP B 479 5.85 -7.12 -26.75
C TRP B 479 4.80 -6.04 -27.00
N LYS B 480 5.03 -4.88 -26.38
CA LYS B 480 4.23 -3.68 -26.53
C LYS B 480 5.19 -2.51 -26.66
N ALA B 481 4.89 -1.58 -27.58
CA ALA B 481 5.88 -0.61 -28.03
C ALA B 481 6.65 0.10 -26.91
N PRO B 482 6.04 0.53 -25.80
CA PRO B 482 6.84 1.17 -24.74
C PRO B 482 7.52 0.21 -23.78
N ARG B 483 7.12 -1.06 -23.75
CA ARG B 483 7.60 -2.00 -22.76
C ARG B 483 8.92 -2.63 -23.21
N VAL B 484 9.61 -3.26 -22.25
CA VAL B 484 10.76 -4.09 -22.59
C VAL B 484 10.32 -5.31 -23.38
N LEU B 485 11.14 -5.71 -24.34
CA LEU B 485 10.97 -6.98 -25.04
C LEU B 485 11.43 -8.13 -24.15
N SER B 486 10.66 -9.22 -24.16
CA SER B 486 10.98 -10.36 -23.32
C SER B 486 10.51 -11.65 -23.97
N PHE B 487 11.19 -12.75 -23.62
CA PHE B 487 10.82 -14.09 -24.08
C PHE B 487 11.30 -15.09 -23.04
N SER B 488 10.78 -16.31 -23.12
CA SER B 488 11.08 -17.32 -22.12
C SER B 488 11.43 -18.65 -22.78
N LEU B 489 12.43 -19.33 -22.21
CA LEU B 489 12.83 -20.67 -22.61
C LEU B 489 12.35 -21.67 -21.56
N LYS B 490 11.70 -22.73 -22.00
CA LYS B 490 11.10 -23.71 -21.10
C LYS B 490 11.67 -25.09 -21.39
N SER B 491 11.88 -25.88 -20.34
CA SER B 491 12.28 -27.27 -20.51
C SER B 491 11.17 -28.05 -21.23
N LYS B 492 11.60 -29.04 -22.02
CA LYS B 492 10.67 -29.99 -22.62
C LYS B 492 10.23 -31.09 -21.66
N VAL B 493 10.90 -31.24 -20.52
CA VAL B 493 10.72 -32.40 -19.65
C VAL B 493 10.58 -32.02 -18.19
N LEU B 494 10.67 -30.74 -17.84
CA LEU B 494 10.49 -30.26 -16.49
C LEU B 494 9.66 -28.99 -16.52
N ASN B 495 9.21 -28.57 -15.33
CA ASN B 495 8.51 -27.30 -15.18
C ASN B 495 9.44 -26.09 -15.20
N GLU B 496 10.75 -26.30 -15.05
CA GLU B 496 11.68 -25.19 -14.92
C GLU B 496 11.67 -24.31 -16.17
N SER B 497 11.93 -23.02 -15.95
CA SER B 497 11.93 -22.06 -17.05
C SER B 497 12.83 -20.88 -16.69
N VAL B 498 13.32 -20.20 -17.72
CA VAL B 498 14.10 -18.98 -17.59
C VAL B 498 13.47 -17.90 -18.46
N SER B 499 13.35 -16.69 -17.92
CA SER B 499 12.85 -15.54 -18.68
C SER B 499 13.97 -14.56 -18.99
N PHE B 500 14.13 -14.24 -20.26
CA PHE B 500 15.11 -13.28 -20.76
C PHE B 500 14.41 -11.99 -21.13
N ASP B 501 15.04 -10.85 -20.85
CA ASP B 501 14.62 -9.59 -21.44
C ASP B 501 15.78 -8.85 -22.08
N VAL B 502 15.46 -8.06 -23.09
CA VAL B 502 16.44 -7.47 -24.01
C VAL B 502 16.58 -6.00 -23.69
N LEU B 503 17.81 -5.55 -23.43
CA LEU B 503 18.04 -4.23 -22.82
C LEU B 503 19.11 -3.48 -23.61
N PRO B 504 18.71 -2.60 -24.53
CA PRO B 504 19.67 -1.71 -25.19
C PRO B 504 20.41 -0.85 -24.17
N ALA B 505 21.72 -0.71 -24.36
CA ALA B 505 22.54 0.04 -23.42
C ALA B 505 23.68 0.74 -24.14
N PHE B 506 24.10 1.87 -23.58
CA PHE B 506 25.30 2.56 -24.04
C PHE B 506 26.54 1.76 -23.69
N ASN B 507 27.40 1.54 -24.69
CA ASN B 507 28.63 0.76 -24.50
C ASN B 507 29.68 1.63 -23.80
N ALA B 508 29.46 1.86 -22.51
CA ALA B 508 30.35 2.69 -21.73
C ALA B 508 31.76 2.11 -21.65
N LEU B 509 31.87 0.80 -21.45
CA LEU B 509 33.17 0.18 -21.26
C LEU B 509 33.99 0.18 -22.55
N GLY B 510 33.33 0.00 -23.68
CA GLY B 510 34.00 0.01 -24.98
C GLY B 510 34.98 -1.12 -25.15
N THR B 517 40.34 -4.15 -15.52
CA THR B 517 39.37 -3.23 -14.95
C THR B 517 39.43 -1.88 -15.67
N PRO B 518 38.27 -1.21 -15.79
CA PRO B 518 38.24 0.02 -16.59
C PRO B 518 38.98 1.16 -15.92
N SER B 519 39.54 2.04 -16.75
CA SER B 519 40.25 3.21 -16.27
C SER B 519 39.29 4.34 -15.90
N PRO B 520 39.71 5.23 -15.00
CA PRO B 520 38.76 6.21 -14.43
C PRO B 520 38.11 7.15 -15.45
N GLU B 521 38.66 7.27 -16.66
CA GLU B 521 38.05 8.11 -17.68
C GLU B 521 36.64 7.68 -18.05
N VAL B 522 36.28 6.42 -17.81
CA VAL B 522 34.90 5.99 -18.03
C VAL B 522 34.00 6.40 -16.86
N TYR B 523 34.47 6.26 -15.63
CA TYR B 523 33.66 6.65 -14.47
C TYR B 523 33.48 8.16 -14.35
N ALA B 524 34.45 8.95 -14.82
CA ALA B 524 34.25 10.40 -14.89
C ALA B 524 33.04 10.78 -15.74
N GLY B 525 32.67 9.94 -16.70
CA GLY B 525 31.45 10.19 -17.47
C GLY B 525 30.19 10.09 -16.63
N LEU B 526 30.05 9.00 -15.87
CA LEU B 526 28.91 8.90 -14.96
C LEU B 526 28.94 10.00 -13.93
N ILE B 527 30.10 10.21 -13.30
CA ILE B 527 30.23 11.17 -12.21
C ILE B 527 29.80 12.57 -12.67
N ASP B 528 30.12 12.96 -13.90
CA ASP B 528 29.69 14.26 -14.38
C ASP B 528 28.18 14.39 -14.57
N LEU B 529 27.41 13.30 -14.51
CA LEU B 529 25.95 13.44 -14.43
C LEU B 529 25.43 13.64 -13.01
N TYR B 530 25.96 12.89 -12.05
CA TYR B 530 25.44 12.91 -10.68
C TYR B 530 26.05 14.00 -9.81
N LYS B 531 27.28 14.41 -10.10
CA LYS B 531 27.97 15.41 -9.29
C LYS B 531 27.14 16.67 -9.10
N SER B 532 26.31 17.03 -10.07
CA SER B 532 25.51 18.25 -10.00
C SER B 532 24.30 18.17 -9.08
N SER B 533 23.89 17.00 -8.60
CA SER B 533 22.67 16.96 -7.79
C SER B 533 22.60 15.69 -6.97
N ASP B 534 21.79 15.74 -5.92
CA ASP B 534 21.33 14.56 -5.21
C ASP B 534 20.28 13.81 -6.04
N LEU B 535 20.53 12.54 -6.31
CA LEU B 535 19.62 11.69 -7.06
C LEU B 535 19.75 10.28 -6.53
N PRO B 536 18.73 9.44 -6.72
CA PRO B 536 18.97 7.99 -6.67
C PRO B 536 19.96 7.57 -7.73
N GLY B 537 20.72 6.51 -7.43
CA GLY B 537 21.72 6.00 -8.33
C GLY B 537 21.25 4.81 -9.16
N GLY B 538 22.12 4.40 -10.07
CA GLY B 538 22.10 3.07 -10.62
C GLY B 538 21.18 2.82 -11.81
N GLU B 539 20.49 3.85 -12.32
CA GLU B 539 19.68 3.62 -13.50
C GLU B 539 20.50 3.23 -14.72
N PHE B 540 21.79 3.54 -14.74
CA PHE B 540 22.72 3.12 -15.79
C PHE B 540 23.47 1.84 -15.46
N SER B 541 23.01 1.09 -14.45
CA SER B 541 23.68 -0.15 -14.02
C SER B 541 23.92 -1.13 -15.16
N THR B 542 22.94 -1.27 -16.07
CA THR B 542 23.06 -2.26 -17.15
C THR B 542 24.27 -2.03 -18.05
N CYS B 543 24.72 -0.78 -18.20
CA CYS B 543 25.93 -0.51 -18.98
C CYS B 543 27.15 -1.24 -18.43
N PHE B 544 27.17 -1.55 -17.14
CA PHE B 544 28.31 -2.17 -16.48
C PHE B 544 28.09 -3.65 -16.13
N THR B 545 27.10 -4.28 -16.78
CA THR B 545 26.70 -5.64 -16.41
C THR B 545 27.87 -6.63 -16.37
N VAL B 546 28.85 -6.46 -17.25
CA VAL B 546 30.01 -7.34 -17.28
C VAL B 546 30.79 -7.29 -15.96
N LEU B 547 30.91 -6.11 -15.37
CA LEU B 547 31.63 -5.99 -14.10
C LEU B 547 30.85 -6.59 -12.93
N GLN B 548 29.52 -6.57 -13.00
CA GLN B 548 28.72 -7.22 -11.97
C GLN B 548 28.82 -8.74 -12.04
N ARG B 549 28.62 -9.29 -13.24
CA ARG B 549 28.69 -10.74 -13.43
C ARG B 549 30.05 -11.29 -13.00
N ASN B 550 31.14 -10.67 -13.45
CA ASN B 550 32.47 -11.14 -13.11
C ASN B 550 32.80 -10.99 -11.63
N PHE B 551 32.00 -10.26 -10.86
CA PHE B 551 32.24 -10.14 -9.43
C PHE B 551 31.67 -11.31 -8.65
N ILE B 552 30.49 -11.79 -9.01
CA ILE B 552 29.87 -12.89 -8.30
C ILE B 552 30.24 -14.25 -8.89
N ARG B 553 30.43 -14.34 -10.21
CA ARG B 553 30.97 -15.53 -10.82
C ARG B 553 32.39 -15.81 -10.32
N SER B 554 32.80 -17.07 -10.44
CA SER B 554 34.06 -17.65 -10.01
C SER B 554 34.22 -17.76 -8.49
N ARG B 555 33.25 -17.32 -7.71
CA ARG B 555 33.30 -17.55 -6.27
C ARG B 555 32.84 -18.97 -5.93
N PRO B 556 33.23 -19.49 -4.75
CA PRO B 556 32.97 -20.89 -4.44
C PRO B 556 31.49 -21.25 -4.48
N THR B 557 31.22 -22.49 -4.87
CA THR B 557 29.85 -22.98 -5.00
C THR B 557 29.12 -22.99 -3.66
N LYS B 558 29.84 -23.26 -2.57
CA LYS B 558 29.27 -23.09 -1.23
C LYS B 558 28.75 -21.68 -0.99
N LEU B 559 29.46 -20.67 -1.48
CA LEU B 559 28.98 -19.29 -1.32
C LEU B 559 27.80 -18.97 -2.23
N LYS B 560 27.80 -19.51 -3.45
CA LYS B 560 26.63 -19.41 -4.31
C LYS B 560 25.38 -20.08 -3.72
N ASP B 561 25.55 -21.16 -2.98
CA ASP B 561 24.41 -21.79 -2.31
C ASP B 561 23.90 -20.97 -1.12
N LEU B 562 24.81 -20.35 -0.37
CA LEU B 562 24.36 -19.38 0.63
C LEU B 562 23.65 -18.18 0.00
N ILE B 563 24.13 -17.71 -1.14
CA ILE B 563 23.42 -16.64 -1.86
C ILE B 563 22.03 -17.08 -2.31
N ARG B 564 21.89 -18.34 -2.72
CA ARG B 564 20.56 -18.87 -3.00
C ARG B 564 19.68 -18.89 -1.76
N LEU B 565 20.24 -19.27 -0.62
CA LEU B 565 19.47 -19.33 0.61
C LEU B 565 19.00 -17.95 1.04
N VAL B 566 19.89 -16.96 1.00
CA VAL B 566 19.52 -15.61 1.38
C VAL B 566 18.51 -15.00 0.40
N LYS B 567 18.65 -15.28 -0.90
CA LYS B 567 17.62 -14.84 -1.85
C LYS B 567 16.27 -15.51 -1.62
N HIS B 568 16.26 -16.74 -1.10
CA HIS B 568 14.99 -17.36 -0.74
C HIS B 568 14.40 -16.74 0.52
N TRP B 569 15.22 -16.51 1.54
CA TRP B 569 14.74 -15.81 2.73
C TRP B 569 14.15 -14.44 2.38
N TYR B 570 14.84 -13.68 1.53
CA TYR B 570 14.29 -12.40 1.07
C TYR B 570 12.98 -12.57 0.31
N LYS B 571 12.88 -13.57 -0.56
CA LYS B 571 11.63 -13.81 -1.27
C LYS B 571 10.47 -14.14 -0.32
N GLU B 572 10.77 -14.88 0.75
CA GLU B 572 9.76 -15.14 1.78
C GLU B 572 9.40 -13.91 2.61
N CYS B 573 10.36 -13.03 2.88
CA CYS B 573 10.01 -11.76 3.53
C CYS B 573 9.12 -10.91 2.63
N GLU B 574 9.52 -10.74 1.36
CA GLU B 574 8.74 -10.00 0.39
C GLU B 574 7.33 -10.56 0.23
N ARG B 575 7.16 -11.87 0.37
CA ARG B 575 5.82 -12.47 0.23
C ARG B 575 4.78 -11.83 1.15
N LYS B 576 5.19 -11.36 2.34
CA LYS B 576 4.25 -10.79 3.29
C LYS B 576 4.49 -9.34 3.67
N LEU B 577 5.69 -8.80 3.48
CA LEU B 577 5.96 -7.40 3.80
C LEU B 577 5.75 -6.45 2.62
N LYS B 578 5.75 -6.95 1.39
CA LYS B 578 5.49 -6.07 0.25
C LYS B 578 4.17 -5.32 0.33
N PRO B 579 3.07 -5.86 0.91
CA PRO B 579 1.88 -5.04 1.11
C PRO B 579 2.10 -3.87 2.07
N LYS B 580 3.20 -3.84 2.80
CA LYS B 580 3.41 -2.91 3.91
C LYS B 580 4.51 -1.89 3.65
N GLY B 581 5.34 -2.09 2.63
CA GLY B 581 6.34 -1.09 2.29
C GLY B 581 7.19 -1.55 1.13
N SER B 582 8.04 -0.62 0.67
CA SER B 582 9.00 -0.86 -0.41
C SER B 582 10.30 -1.43 0.16
N LEU B 583 10.49 -2.73 0.05
CA LEU B 583 11.67 -3.38 0.60
C LEU B 583 12.93 -3.00 -0.19
N PRO B 584 14.08 -2.99 0.46
CA PRO B 584 15.32 -2.67 -0.25
C PRO B 584 15.60 -3.71 -1.33
N PRO B 585 16.33 -3.34 -2.37
CA PRO B 585 16.47 -4.22 -3.53
C PRO B 585 17.30 -5.45 -3.24
N LYS B 586 16.92 -6.54 -3.90
CA LYS B 586 17.46 -7.87 -3.60
C LYS B 586 18.98 -7.91 -3.73
N TYR B 587 19.54 -7.16 -4.69
CA TYR B 587 20.98 -7.14 -4.92
C TYR B 587 21.77 -6.67 -3.70
N ALA B 588 21.15 -5.90 -2.81
CA ALA B 588 21.82 -5.48 -1.58
C ALA B 588 22.15 -6.66 -0.66
N LEU B 589 21.27 -7.65 -0.58
CA LEU B 589 21.54 -8.81 0.27
C LEU B 589 22.52 -9.81 -0.33
N GLU B 590 22.60 -9.89 -1.66
CA GLU B 590 23.68 -10.63 -2.31
C GLU B 590 25.06 -10.05 -1.96
N LEU B 591 25.14 -8.72 -1.91
CA LEU B 591 26.37 -8.07 -1.48
C LEU B 591 26.62 -8.24 0.02
N LEU B 592 25.58 -8.17 0.85
CA LEU B 592 25.81 -8.50 2.25
C LEU B 592 26.30 -9.94 2.42
N THR B 593 25.79 -10.87 1.62
CA THR B 593 26.24 -12.26 1.70
C THR B 593 27.72 -12.40 1.34
N ILE B 594 28.15 -11.64 0.33
CA ILE B 594 29.56 -11.70 -0.07
C ILE B 594 30.45 -11.00 0.95
N TYR B 595 30.02 -9.85 1.46
CA TYR B 595 30.77 -9.18 2.52
C TYR B 595 30.88 -10.03 3.78
N ALA B 596 29.77 -10.69 4.15
CA ALA B 596 29.77 -11.60 5.29
C ALA B 596 30.76 -12.75 5.11
N TRP B 597 30.83 -13.32 3.92
CA TRP B 597 31.82 -14.38 3.70
C TRP B 597 33.25 -13.84 3.69
N GLU B 598 33.51 -12.77 2.93
CA GLU B 598 34.86 -12.22 2.84
C GLU B 598 35.41 -11.78 4.20
N GLN B 599 34.57 -11.22 5.05
CA GLN B 599 35.04 -10.81 6.38
C GLN B 599 35.02 -11.93 7.41
N GLY B 600 34.04 -12.83 7.36
CA GLY B 600 33.87 -13.83 8.39
C GLY B 600 34.86 -14.96 8.27
N SER B 601 34.91 -15.61 7.10
CA SER B 601 35.90 -16.64 6.86
C SER B 601 36.01 -16.94 5.36
N GLY B 602 37.12 -16.52 4.77
CA GLY B 602 37.37 -16.68 3.34
C GLY B 602 37.80 -18.08 2.96
N VAL B 603 37.01 -19.08 3.33
CA VAL B 603 37.38 -20.48 3.12
C VAL B 603 36.34 -21.16 2.23
N PRO B 604 36.76 -22.08 1.36
CA PRO B 604 35.82 -22.67 0.40
C PRO B 604 34.70 -23.50 1.03
N ASP B 605 34.85 -23.95 2.27
CA ASP B 605 33.79 -24.69 2.92
C ASP B 605 33.56 -24.24 4.36
N PHE B 606 32.29 -24.14 4.72
CA PHE B 606 31.86 -23.54 5.98
C PHE B 606 30.46 -24.05 6.27
N ASP B 607 30.00 -23.82 7.51
CA ASP B 607 28.63 -24.17 7.88
C ASP B 607 27.68 -23.12 7.33
N THR B 608 26.77 -23.56 6.45
CA THR B 608 25.76 -22.66 5.87
C THR B 608 24.93 -21.96 6.93
N ALA B 609 24.65 -22.63 8.06
CA ALA B 609 23.86 -22.02 9.11
C ALA B 609 24.59 -20.87 9.80
N GLU B 610 25.92 -20.92 9.88
CA GLU B 610 26.65 -19.78 10.42
C GLU B 610 26.70 -18.62 9.44
N GLY B 611 26.81 -18.92 8.14
CA GLY B 611 26.74 -17.86 7.14
C GLY B 611 25.40 -17.14 7.17
N PHE B 612 24.31 -17.91 7.15
CA PHE B 612 22.98 -17.32 7.20
C PHE B 612 22.73 -16.54 8.50
N ARG B 613 23.14 -17.12 9.64
CA ARG B 613 23.05 -16.37 10.91
C ARG B 613 23.84 -15.07 10.87
N THR B 614 24.96 -15.03 10.15
CA THR B 614 25.74 -13.80 10.06
C THR B 614 25.10 -12.79 9.12
N VAL B 615 24.45 -13.27 8.06
CA VAL B 615 23.72 -12.34 7.19
C VAL B 615 22.55 -11.72 7.94
N LEU B 616 21.78 -12.51 8.69
CA LEU B 616 20.74 -11.92 9.50
C LEU B 616 21.27 -11.03 10.62
N GLU B 617 22.49 -11.26 11.09
CA GLU B 617 23.13 -10.31 11.99
C GLU B 617 23.39 -8.96 11.31
N LEU B 618 24.02 -9.00 10.13
CA LEU B 618 24.28 -7.76 9.41
C LEU B 618 22.99 -7.00 9.09
N VAL B 619 21.94 -7.72 8.66
CA VAL B 619 20.66 -7.07 8.42
C VAL B 619 20.07 -6.48 9.70
N THR B 620 20.33 -7.11 10.85
CA THR B 620 19.92 -6.51 12.12
C THR B 620 20.68 -5.23 12.45
N GLN B 621 21.96 -5.20 12.05
CA GLN B 621 22.79 -3.98 12.26
C GLN B 621 22.75 -3.16 10.96
N TYR B 622 21.57 -3.03 10.35
CA TYR B 622 21.45 -2.30 9.05
C TYR B 622 21.84 -0.83 9.26
N GLN B 623 21.67 -0.32 10.48
CA GLN B 623 21.98 1.10 10.76
C GLN B 623 23.42 1.39 10.31
N GLN B 624 24.31 0.40 10.41
CA GLN B 624 25.74 0.61 10.07
C GLN B 624 26.13 -0.31 8.91
N LEU B 625 26.18 0.22 7.69
CA LEU B 625 26.59 -0.59 6.52
C LEU B 625 27.94 -0.05 5.98
N CYS B 626 27.92 1.08 5.26
CA CYS B 626 29.17 1.66 4.72
C CYS B 626 30.02 0.53 4.10
N ILE B 627 29.40 -0.32 3.28
CA ILE B 627 30.13 -1.47 2.69
C ILE B 627 30.43 -1.17 1.21
N PHE B 628 31.70 -1.24 0.82
CA PHE B 628 32.10 -0.96 -0.58
C PHE B 628 33.33 -1.78 -0.93
N TRP B 629 33.68 -1.83 -2.21
CA TRP B 629 34.85 -2.58 -2.66
C TRP B 629 35.65 -1.77 -3.68
N LYS B 630 36.93 -1.60 -3.42
CA LYS B 630 37.85 -0.91 -4.33
C LYS B 630 38.37 -1.80 -5.45
N VAL B 631 37.49 -2.63 -6.02
CA VAL B 631 37.93 -3.59 -7.04
C VAL B 631 38.11 -2.90 -8.40
N ASN B 632 37.18 -2.04 -8.78
CA ASN B 632 37.23 -1.35 -10.07
C ASN B 632 37.56 0.14 -9.93
N TYR B 633 36.71 0.91 -9.26
CA TYR B 633 37.07 2.28 -8.93
C TYR B 633 37.98 2.31 -7.71
N ASN B 634 38.67 3.44 -7.52
CA ASN B 634 39.60 3.58 -6.37
C ASN B 634 39.81 5.08 -6.09
N PHE B 635 40.49 5.40 -4.98
CA PHE B 635 40.77 6.82 -4.64
C PHE B 635 42.01 7.27 -5.42
N GLU B 636 42.57 6.37 -6.24
CA GLU B 636 43.77 6.71 -7.05
C GLU B 636 43.33 7.51 -8.29
N ASP B 637 42.61 8.61 -8.08
CA ASP B 637 42.14 9.47 -9.21
C ASP B 637 41.67 10.80 -8.64
N GLU B 638 41.62 11.85 -9.45
CA GLU B 638 41.24 13.17 -8.93
C GLU B 638 39.74 13.41 -8.88
N THR B 639 38.95 12.79 -9.76
CA THR B 639 37.50 12.96 -9.72
C THR B 639 36.77 11.80 -9.06
N VAL B 640 37.22 10.56 -9.28
CA VAL B 640 36.60 9.42 -8.62
C VAL B 640 36.77 9.53 -7.11
N ARG B 641 37.96 9.89 -6.62
CA ARG B 641 38.15 10.08 -5.19
C ARG B 641 37.24 11.16 -4.64
N LYS B 642 37.08 12.25 -5.39
CA LYS B 642 36.24 13.38 -4.97
C LYS B 642 34.77 12.98 -4.87
N PHE B 643 34.30 12.13 -5.79
CA PHE B 643 32.93 11.65 -5.73
C PHE B 643 32.74 10.57 -4.66
N LEU B 644 33.67 9.62 -4.58
CA LEU B 644 33.56 8.50 -3.67
C LEU B 644 33.62 8.94 -2.21
N LEU B 645 34.47 9.93 -1.89
CA LEU B 645 34.44 10.48 -0.54
C LEU B 645 33.18 11.27 -0.25
N SER B 646 32.39 11.58 -1.28
CA SER B 646 31.08 12.21 -1.06
C SER B 646 30.06 11.09 -0.90
N GLN B 647 30.27 9.97 -1.61
CA GLN B 647 29.38 8.78 -1.48
C GLN B 647 29.57 8.18 -0.08
N LEU B 648 30.81 8.10 0.40
CA LEU B 648 31.07 7.58 1.76
C LEU B 648 30.38 8.50 2.78
N GLN B 649 30.30 9.79 2.49
CA GLN B 649 29.60 10.74 3.39
C GLN B 649 28.10 10.76 3.05
N LYS B 650 27.45 9.59 3.07
CA LYS B 650 25.98 9.52 2.80
C LYS B 650 25.26 9.05 4.07
N THR B 651 24.05 8.49 3.91
CA THR B 651 23.29 7.96 5.06
C THR B 651 24.07 6.79 5.65
N ARG B 652 23.97 6.57 7.01
CA ARG B 652 24.76 5.51 7.68
C ARG B 652 24.59 4.18 6.94
N PRO B 653 23.34 3.69 6.62
CA PRO B 653 23.14 2.45 5.81
C PRO B 653 23.42 2.74 4.34
N VAL B 654 24.60 2.32 3.86
CA VAL B 654 24.98 2.58 2.44
C VAL B 654 25.77 1.38 1.89
N ILE B 655 25.33 0.84 0.75
CA ILE B 655 26.08 -0.29 0.09
C ILE B 655 26.40 0.15 -1.34
N LEU B 656 27.70 0.21 -1.70
CA LEU B 656 28.08 0.71 -3.05
C LEU B 656 28.33 -0.47 -4.00
N ASP B 657 27.57 -0.54 -5.10
CA ASP B 657 27.79 -1.60 -6.13
C ASP B 657 29.27 -1.64 -6.48
N PRO B 658 29.97 -2.78 -6.35
CA PRO B 658 31.38 -2.89 -6.74
C PRO B 658 31.64 -2.57 -8.21
N ALA B 659 30.63 -2.64 -9.07
CA ALA B 659 30.81 -2.31 -10.48
C ALA B 659 30.78 -0.81 -10.75
N GLU B 660 30.20 -0.02 -9.86
CA GLU B 660 29.78 1.33 -10.23
C GLU B 660 29.63 2.21 -8.99
N PRO B 661 30.39 3.30 -8.90
CA PRO B 661 30.37 4.10 -7.67
C PRO B 661 29.04 4.80 -7.41
N THR B 662 28.30 5.13 -8.47
CA THR B 662 26.97 5.72 -8.35
C THR B 662 25.89 4.70 -8.01
N GLY B 663 26.23 3.43 -7.81
CA GLY B 663 25.20 2.41 -7.69
C GLY B 663 24.42 2.53 -6.41
N ASP B 664 25.11 2.68 -5.28
CA ASP B 664 24.52 2.94 -3.96
C ASP B 664 23.23 2.14 -3.75
N VAL B 665 23.40 0.81 -3.78
CA VAL B 665 22.26 -0.10 -3.90
C VAL B 665 21.58 -0.29 -2.54
N GLY B 666 22.33 -0.13 -1.46
CA GLY B 666 21.74 -0.03 -0.14
C GLY B 666 21.38 1.40 0.23
N GLY B 667 20.23 1.87 -0.28
CA GLY B 667 19.77 3.23 0.07
C GLY B 667 19.48 3.35 1.54
N GLY B 668 19.28 4.59 2.03
CA GLY B 668 19.02 4.82 3.46
C GLY B 668 17.55 4.77 3.78
N ASP B 669 16.95 5.92 4.10
CA ASP B 669 15.49 5.98 4.39
C ASP B 669 14.71 5.47 3.17
N ARG B 670 15.24 5.69 1.96
CA ARG B 670 14.54 5.28 0.72
C ARG B 670 13.88 3.91 0.89
N TRP B 671 14.61 2.91 1.39
CA TRP B 671 14.03 1.54 1.45
C TRP B 671 13.46 1.25 2.84
N CYS B 672 12.61 0.22 2.94
CA CYS B 672 12.02 -0.16 4.25
C CYS B 672 12.94 -1.19 4.94
N TRP B 673 14.18 -0.79 5.23
CA TRP B 673 15.12 -1.70 5.95
C TRP B 673 14.54 -2.04 7.31
N HIS B 674 13.91 -1.06 7.97
CA HIS B 674 13.36 -1.29 9.33
C HIS B 674 12.58 -2.62 9.36
N LEU B 675 11.82 -2.92 8.30
CA LEU B 675 11.02 -4.14 8.36
C LEU B 675 11.87 -5.41 8.36
N LEU B 676 12.83 -5.51 7.44
CA LEU B 676 13.73 -6.65 7.42
C LEU B 676 14.53 -6.78 8.71
N ALA B 677 14.88 -5.68 9.36
CA ALA B 677 15.55 -5.79 10.66
C ALA B 677 14.64 -6.31 11.77
N LYS B 678 13.33 -6.13 11.65
CA LYS B 678 12.38 -6.74 12.58
C LYS B 678 12.17 -8.21 12.28
N GLU B 679 12.03 -8.55 11.00
CA GLU B 679 11.88 -9.95 10.59
C GLU B 679 13.11 -10.78 10.91
N ALA B 680 14.31 -10.25 10.71
CA ALA B 680 15.52 -10.95 11.15
C ALA B 680 15.48 -11.24 12.65
N LYS B 681 15.15 -10.23 13.47
CA LYS B 681 15.06 -10.45 14.91
C LYS B 681 14.02 -11.50 15.27
N GLU B 682 12.96 -11.63 14.47
CA GLU B 682 12.02 -12.74 14.66
C GLU B 682 12.63 -14.08 14.27
N TRP B 683 13.30 -14.13 13.11
CA TRP B 683 13.94 -15.36 12.62
C TRP B 683 15.06 -15.86 13.51
N LEU B 684 15.70 -15.00 14.31
CA LEU B 684 16.76 -15.47 15.20
C LEU B 684 16.31 -16.49 16.23
N SER B 685 15.00 -16.68 16.43
CA SER B 685 14.48 -17.77 17.25
C SER B 685 14.44 -19.11 16.53
N SER B 686 14.71 -19.15 15.22
CA SER B 686 14.38 -20.31 14.41
C SER B 686 15.17 -21.56 14.79
N PRO B 687 14.55 -22.74 14.62
CA PRO B 687 15.28 -24.02 14.59
C PRO B 687 16.53 -24.02 13.71
N CYS B 688 16.56 -23.23 12.64
CA CYS B 688 17.73 -23.19 11.78
C CYS B 688 19.00 -22.78 12.51
N PHE B 689 18.86 -22.03 13.60
CA PHE B 689 20.02 -21.52 14.32
C PHE B 689 20.25 -22.24 15.64
N LYS B 690 19.76 -23.47 15.76
CA LYS B 690 20.04 -24.34 16.89
C LYS B 690 20.73 -25.61 16.40
N ASP B 691 21.87 -25.93 17.00
CA ASP B 691 22.65 -27.10 16.65
C ASP B 691 21.88 -28.36 17.06
N GLY B 692 22.40 -29.52 16.65
CA GLY B 692 21.79 -30.79 16.99
C GLY B 692 21.70 -31.04 18.48
N THR B 693 22.60 -30.44 19.26
CA THR B 693 22.52 -30.48 20.72
C THR B 693 21.46 -29.55 21.28
N GLY B 694 20.93 -28.64 20.47
CA GLY B 694 20.00 -27.62 20.92
C GLY B 694 20.61 -26.32 21.37
N ASN B 695 21.95 -26.21 21.40
CA ASN B 695 22.58 -24.95 21.73
C ASN B 695 22.57 -23.99 20.53
N PRO B 696 22.64 -22.69 20.77
CA PRO B 696 22.53 -21.73 19.67
C PRO B 696 23.81 -21.66 18.84
N ILE B 697 23.63 -21.29 17.58
CA ILE B 697 24.74 -21.15 16.62
C ILE B 697 25.13 -19.67 16.57
N PRO B 698 26.38 -19.33 16.81
CA PRO B 698 26.77 -17.92 16.87
C PRO B 698 27.12 -17.37 15.49
N PRO B 699 27.00 -16.07 15.29
CA PRO B 699 27.48 -15.44 14.06
C PRO B 699 29.00 -15.35 14.03
N TRP B 700 29.53 -15.18 12.82
CA TRP B 700 30.92 -14.77 12.67
C TRP B 700 31.11 -13.32 13.11
N LYS B 701 32.31 -13.01 13.57
CA LYS B 701 32.68 -11.67 14.03
C LYS B 701 33.03 -10.83 12.80
N VAL B 702 32.04 -10.18 12.25
CA VAL B 702 32.19 -9.35 11.04
C VAL B 702 32.13 -7.88 11.43
N PRO B 703 33.05 -7.05 10.96
CA PRO B 703 32.92 -5.60 11.15
C PRO B 703 31.72 -5.06 10.38
N THR B 704 31.06 -4.07 10.98
CA THR B 704 29.91 -3.43 10.35
C THR B 704 30.29 -2.23 9.47
N MET B 705 31.48 -1.67 9.71
CA MET B 705 31.96 -0.53 8.89
C MET B 705 33.22 -0.98 8.13
N GLN B 706 33.28 -0.71 6.83
CA GLN B 706 34.40 -1.15 6.01
C GLN B 706 34.65 -0.19 4.86
ZN ZN C . 8.88 1.96 5.09
#